data_7P92
#
_entry.id   7P92
#
_cell.length_a   1.00
_cell.length_b   1.00
_cell.length_c   1.00
_cell.angle_alpha   90.00
_cell.angle_beta   90.00
_cell.angle_gamma   90.00
#
_symmetry.space_group_name_H-M   'P 1'
#
loop_
_entity.id
_entity.type
_entity.pdbx_description
1 polymer 'Fe-hydrogenase, subunit alpha'
2 polymer 'Fe-hydrogenase, subunit beta'
3 polymer 'Fe-hydrogenase, subunit gamma'
4 non-polymer 'IRON/SULFUR CLUSTER'
5 non-polymer 'FE2/S2 (INORGANIC) CLUSTER'
6 non-polymer 'FLAVIN MONONUCLEOTIDE'
7 non-polymer 'ZINC ION'
8 water water
#
loop_
_entity_poly.entity_id
_entity_poly.type
_entity_poly.pdbx_seq_one_letter_code
_entity_poly.pdbx_strand_id
1 'polypeptide(L)'
;MKIYVDGREVIINDNERNLLEALKNVGIEIPNLCYLSEASIYGACRMCLVEINGQITTSCTLKPYEGMKVKTNTPEIYEM
RRNILELILATHNRDCTTCDRNGSCKLQKYAEDFGIRKIRFEALKKEHVRDESAPVVRDTSKCILCGDCVRVCEEIQGVG
VIEFAKRGFESVVTTAFDTPLIETECVLCGQCVAYCPTGALSIRNDIDKLIEALESDKIVIGMIAPAVRAAIQEEFGIDE
DVAMAEKLVSFLKTIGFDKVFDVSFGADLVAYEEAHEFYERLKKGERLPQFTSCCPAWVKHAEHTYPQYLQNLSSVKSPQ
QALGTVIKKIYARKLGVPEEKIFLVSFMPCTAKKFEAEREEHEGIVDIVLTTRELAQLIKMSRIDINRVEPQPFDRPYGV
SSQAGLGFGKAGGVFSCVLSVLNEEIGIEKVDVKSPEDGIRVAEVTLKDGTSFKGAVIYGLGKVKKFLEERKDVEIIEVM
ACNYGCVGGGGQPYPNDSRIREHRAKVLRDTMGIKSLLTPVENLFLMKLYEEDLKDEHTRHEILHTTYRPRRRYPEKDVE
ILPVPNGEKRTVKVCLGTSCYTKGSYEILKKLVDYVKENDMEGKIEVLGTFCVENCGASPNVIVDDKIIGGATFEKVLEE
LSKNG
;
A
2 'polypeptide(L)'
;MFKNAKEFVQYANKLKTLREKKLNGVSIYVCVGTGCTAKGALKVYSAFEEELKKRNLLGQVTLEKIDDDKVTLNRTGCCG
RCSSGPLVKIMPYRFFYSNVAPEDVPEIVDRTVLKGEPIERLFLTDPLTGEKVPRIEDTTLFKNQDFYIMEAIGESECDS
IEDYIARSGYESLVKALTSMTPEEIIETVKASGLRGRGGGGFPTGLKWEFTRKAQGDIKFVVCNGDEGDPGAFMNRTLLE
RDPHLVLEGMIIAGYAVGAQKGYAYIRAEYPFAVKMFKKAIEDARKLGLLGENILGTGFSFDLEVKEGAGAFVCGEETAL
LASIEGKRGMPRPKPPFPAQSGLWGKPTLINNVETYANIPRILRDGVENYRKRGTENSPGTKMFSVAGPLKATGIIEVEF
GTTLRDIIYNICGGFVEGEEFKAVQIGGPSGACLSEDFIDMPLDYDTLKKADAMVGSGGIVVITKKTCMVEVARFFLDFT
KRESCGKCVPCREGTMQAYNILEKFTHGKATYEDLKTLEHLSKTIKTASLCGLGKTAPNPILSTLKLFREEYIAHIEGEC
PSGMCTAFKKYVINPDICKGCGLCARSCPQNAITGERGKPYTIDQEKCVKCGLCASKCPFKAIELV
;
B
3 'polypeptide(L)'
;MASWSHPQFEKSGGGGGENLYFQGAVLALERHFEKVEEILKKYGYKRENLIKILLEIQEIYRYLPEDVINYVSTAMGIPP
AKIYGVATFYAQFSLKPKGKYTIMVCDGTACHMAGSPEVLKAIEEETGLTPGNVTEDLMFSLDQVGCLGACALAPVMVIN
GEVYGNLTADKVKEILRKIKEKERESANV
;
C
#
loop_
_chem_comp.id
_chem_comp.type
_chem_comp.name
_chem_comp.formula
FES non-polymer 'FE2/S2 (INORGANIC) CLUSTER' 'Fe2 S2'
FMN non-polymer 'FLAVIN MONONUCLEOTIDE' 'C17 H21 N4 O9 P'
SF4 non-polymer 'IRON/SULFUR CLUSTER' 'Fe4 S4'
ZN non-polymer 'ZINC ION' 'Zn 2'
#
# COMPACT_ATOMS: atom_id res chain seq x y z
N MET A 1 -21.12 -16.34 -30.57
CA MET A 1 -20.82 -16.51 -29.11
C MET A 1 -22.11 -16.48 -28.30
N LYS A 2 -22.59 -17.67 -27.94
CA LYS A 2 -23.81 -17.82 -27.17
C LYS A 2 -23.47 -18.14 -25.72
N ILE A 3 -24.17 -17.50 -24.79
CA ILE A 3 -23.96 -17.73 -23.36
C ILE A 3 -25.32 -17.79 -22.69
N TYR A 4 -25.42 -18.62 -21.66
CA TYR A 4 -26.66 -18.82 -20.92
C TYR A 4 -26.60 -17.99 -19.64
N VAL A 5 -27.41 -16.94 -19.58
CA VAL A 5 -27.48 -16.05 -18.42
C VAL A 5 -28.79 -16.34 -17.70
N ASP A 6 -28.68 -16.89 -16.49
CA ASP A 6 -29.83 -17.27 -15.69
C ASP A 6 -30.71 -18.32 -16.38
N GLY A 7 -30.16 -19.00 -17.38
CA GLY A 7 -30.90 -20.05 -18.08
C GLY A 7 -31.60 -19.62 -19.34
N ARG A 8 -31.16 -18.53 -19.99
CA ARG A 8 -31.74 -18.10 -21.26
C ARG A 8 -30.61 -17.76 -22.23
N GLU A 9 -30.91 -17.89 -23.51
CA GLU A 9 -29.91 -17.65 -24.54
C GLU A 9 -29.62 -16.15 -24.67
N VAL A 10 -28.34 -15.80 -24.66
CA VAL A 10 -27.90 -14.43 -24.85
C VAL A 10 -26.70 -14.45 -25.79
N ILE A 11 -26.70 -13.57 -26.77
CA ILE A 11 -25.63 -13.48 -27.77
C ILE A 11 -24.80 -12.24 -27.47
N ILE A 12 -23.52 -12.43 -27.23
CA ILE A 12 -22.60 -11.35 -26.93
C ILE A 12 -21.60 -11.20 -28.08
N ASN A 13 -20.85 -10.11 -28.05
CA ASN A 13 -19.84 -9.88 -29.08
C ASN A 13 -18.71 -10.90 -28.93
N ASP A 14 -18.05 -11.19 -30.06
CA ASP A 14 -17.03 -12.24 -30.08
C ASP A 14 -15.82 -11.85 -29.22
N ASN A 15 -15.29 -10.66 -29.43
CA ASN A 15 -14.08 -10.20 -28.73
C ASN A 15 -14.50 -9.35 -27.55
N GLU A 16 -14.35 -9.91 -26.34
CA GLU A 16 -14.80 -9.22 -25.14
C GLU A 16 -13.78 -9.41 -24.03
N ARG A 17 -13.45 -8.29 -23.36
CA ARG A 17 -12.46 -8.33 -22.29
C ARG A 17 -12.97 -9.13 -21.09
N ASN A 18 -14.22 -8.93 -20.70
CA ASN A 18 -14.78 -9.58 -19.53
C ASN A 18 -16.28 -9.74 -19.70
N LEU A 19 -16.86 -10.60 -18.88
CA LEU A 19 -18.29 -10.89 -18.97
C LEU A 19 -19.14 -9.67 -18.64
N LEU A 20 -18.73 -8.88 -17.65
CA LEU A 20 -19.55 -7.75 -17.23
C LEU A 20 -19.73 -6.75 -18.36
N GLU A 21 -18.65 -6.43 -19.08
CA GLU A 21 -18.76 -5.48 -20.19
C GLU A 21 -19.59 -6.04 -21.33
N ALA A 22 -19.45 -7.33 -21.63
CA ALA A 22 -20.26 -7.94 -22.68
C ALA A 22 -21.74 -7.88 -22.34
N LEU A 23 -22.08 -8.24 -21.10
CA LEU A 23 -23.47 -8.16 -20.67
C LEU A 23 -23.98 -6.73 -20.72
N LYS A 24 -23.13 -5.77 -20.33
CA LYS A 24 -23.50 -4.36 -20.39
C LYS A 24 -23.79 -3.94 -21.83
N ASN A 25 -22.98 -4.39 -22.78
CA ASN A 25 -23.19 -4.03 -24.18
C ASN A 25 -24.47 -4.65 -24.73
N VAL A 26 -24.78 -5.89 -24.32
CA VAL A 26 -26.01 -6.51 -24.80
C VAL A 26 -27.20 -6.10 -23.93
N GLY A 27 -26.99 -5.11 -23.06
CA GLY A 27 -28.08 -4.50 -22.32
C GLY A 27 -28.37 -5.06 -20.94
N ILE A 28 -27.54 -5.96 -20.43
CA ILE A 28 -27.74 -6.56 -19.11
C ILE A 28 -26.82 -5.84 -18.13
N GLU A 29 -27.41 -5.23 -17.10
CA GLU A 29 -26.67 -4.45 -16.11
C GLU A 29 -26.39 -5.30 -14.88
N ILE A 30 -25.15 -5.25 -14.41
CA ILE A 30 -24.73 -5.94 -13.20
C ILE A 30 -24.33 -4.88 -12.18
N PRO A 31 -24.88 -4.91 -10.96
CA PRO A 31 -24.55 -3.87 -9.98
C PRO A 31 -23.09 -3.90 -9.60
N ASN A 32 -22.45 -2.73 -9.62
CA ASN A 32 -21.04 -2.62 -9.27
C ASN A 32 -20.72 -1.17 -8.93
N LEU A 33 -19.59 -0.98 -8.26
CA LEU A 33 -19.11 0.36 -7.90
C LEU A 33 -17.70 0.59 -8.41
N CYS A 34 -17.33 -0.08 -9.50
CA CYS A 34 -16.04 0.12 -10.14
C CYS A 34 -16.11 1.06 -11.34
N TYR A 35 -17.14 0.92 -12.17
CA TYR A 35 -17.31 1.77 -13.34
C TYR A 35 -17.99 3.06 -12.87
N LEU A 36 -17.17 4.08 -12.62
CA LEU A 36 -17.64 5.31 -12.01
C LEU A 36 -17.30 6.55 -12.82
N SER A 37 -16.36 6.46 -13.74
CA SER A 37 -15.96 7.58 -14.59
C SER A 37 -15.15 7.01 -15.75
N GLU A 38 -14.57 7.90 -16.56
CA GLU A 38 -13.73 7.44 -17.66
C GLU A 38 -12.35 6.98 -17.20
N ALA A 39 -11.94 7.36 -15.98
CA ALA A 39 -10.65 6.96 -15.42
C ALA A 39 -10.79 5.80 -14.44
N SER A 40 -11.82 4.98 -14.60
CA SER A 40 -12.11 3.89 -13.68
C SER A 40 -11.40 2.61 -14.08
N ILE A 41 -11.17 1.75 -13.08
CA ILE A 41 -10.59 0.43 -13.29
C ILE A 41 -11.40 -0.58 -12.48
N TYR A 42 -11.38 -1.83 -12.92
CA TYR A 42 -12.14 -2.89 -12.29
C TYR A 42 -11.31 -3.62 -11.24
N GLY A 43 -11.99 -4.21 -10.27
CA GLY A 43 -11.34 -5.08 -9.30
C GLY A 43 -11.56 -4.75 -7.84
N ALA A 44 -11.97 -3.52 -7.52
CA ALA A 44 -12.01 -3.07 -6.14
C ALA A 44 -13.32 -3.35 -5.43
N CYS A 45 -14.45 -3.00 -6.04
CA CYS A 45 -15.73 -3.06 -5.33
C CYS A 45 -16.10 -4.49 -4.95
N ARG A 46 -15.89 -5.44 -5.87
CA ARG A 46 -16.23 -6.85 -5.68
C ARG A 46 -17.73 -7.10 -5.65
N MET A 47 -18.53 -6.18 -6.19
CA MET A 47 -19.98 -6.34 -6.19
C MET A 47 -20.53 -7.01 -7.43
N CYS A 48 -19.69 -7.27 -8.44
CA CYS A 48 -20.14 -7.83 -9.71
C CYS A 48 -20.18 -9.36 -9.68
N LEU A 49 -20.35 -9.94 -8.50
CA LEU A 49 -20.26 -11.38 -8.34
C LEU A 49 -21.27 -12.11 -9.22
N VAL A 50 -20.80 -13.18 -9.87
CA VAL A 50 -21.65 -14.07 -10.63
C VAL A 50 -21.24 -15.50 -10.30
N GLU A 51 -22.15 -16.43 -10.54
CA GLU A 51 -21.90 -17.84 -10.25
C GLU A 51 -21.72 -18.57 -11.57
N ILE A 52 -20.53 -19.12 -11.78
CA ILE A 52 -20.22 -19.92 -12.96
C ILE A 52 -19.62 -21.24 -12.50
N ASN A 53 -20.15 -22.34 -13.03
CA ASN A 53 -19.66 -23.68 -12.71
C ASN A 53 -19.68 -23.93 -11.20
N GLY A 54 -20.74 -23.46 -10.55
CA GLY A 54 -20.89 -23.67 -9.11
C GLY A 54 -19.97 -22.84 -8.25
N GLN A 55 -19.28 -21.86 -8.82
CA GLN A 55 -18.34 -21.02 -8.07
C GLN A 55 -18.66 -19.55 -8.33
N ILE A 56 -18.44 -18.73 -7.32
CA ILE A 56 -18.76 -17.31 -7.37
C ILE A 56 -17.48 -16.51 -7.61
N THR A 57 -17.50 -15.66 -8.63
CA THR A 57 -16.34 -14.84 -8.97
C THR A 57 -16.81 -13.54 -9.62
N THR A 58 -15.92 -12.55 -9.62
CA THR A 58 -16.22 -11.27 -10.24
C THR A 58 -16.39 -11.45 -11.75
N SER A 59 -17.44 -10.84 -12.31
CA SER A 59 -17.65 -10.86 -13.74
C SER A 59 -16.74 -9.88 -14.48
N CYS A 60 -16.28 -8.82 -13.81
CA CYS A 60 -15.37 -7.88 -14.43
C CYS A 60 -14.02 -8.50 -14.73
N THR A 61 -13.66 -9.58 -14.05
CA THR A 61 -12.38 -10.26 -14.25
C THR A 61 -12.59 -11.69 -14.69
N LEU A 62 -13.50 -11.88 -15.65
CA LEU A 62 -13.84 -13.22 -16.13
C LEU A 62 -13.93 -13.20 -17.64
N LYS A 63 -13.12 -14.02 -18.29
CA LYS A 63 -13.15 -14.14 -19.75
C LYS A 63 -14.32 -15.04 -20.15
N PRO A 64 -15.24 -14.57 -21.00
CA PRO A 64 -16.35 -15.42 -21.42
C PRO A 64 -15.92 -16.49 -22.41
N TYR A 65 -16.73 -17.55 -22.50
CA TYR A 65 -16.46 -18.63 -23.42
C TYR A 65 -17.77 -19.22 -23.91
N GLU A 66 -17.70 -19.92 -25.05
CA GLU A 66 -18.89 -20.46 -25.69
C GLU A 66 -19.60 -21.44 -24.77
N GLY A 67 -20.93 -21.30 -24.68
CA GLY A 67 -21.73 -22.20 -23.88
C GLY A 67 -21.68 -21.96 -22.39
N MET A 68 -21.00 -20.91 -21.94
CA MET A 68 -20.85 -20.65 -20.53
C MET A 68 -22.21 -20.35 -19.89
N LYS A 69 -22.41 -20.87 -18.69
CA LYS A 69 -23.63 -20.67 -17.91
C LYS A 69 -23.30 -19.85 -16.69
N VAL A 70 -23.95 -18.69 -16.55
CA VAL A 70 -23.71 -17.80 -15.44
C VAL A 70 -25.04 -17.41 -14.81
N LYS A 71 -25.09 -17.47 -13.49
CA LYS A 71 -26.22 -16.97 -12.72
C LYS A 71 -25.81 -15.63 -12.12
N THR A 72 -26.60 -14.59 -12.39
CA THR A 72 -26.27 -13.25 -11.95
C THR A 72 -26.96 -12.84 -10.66
N ASN A 73 -28.04 -13.52 -10.28
CA ASN A 73 -28.81 -13.16 -9.10
C ASN A 73 -29.21 -14.45 -8.39
N THR A 74 -28.50 -14.74 -7.31
CA THR A 74 -28.76 -15.90 -6.45
C THR A 74 -28.84 -15.41 -5.02
N PRO A 75 -29.48 -16.17 -4.13
CA PRO A 75 -29.56 -15.72 -2.73
C PRO A 75 -28.21 -15.41 -2.14
N GLU A 76 -27.19 -16.22 -2.47
CA GLU A 76 -25.85 -15.98 -1.97
C GLU A 76 -25.29 -14.66 -2.51
N ILE A 77 -25.47 -14.42 -3.81
CA ILE A 77 -24.99 -13.18 -4.41
C ILE A 77 -25.74 -11.99 -3.83
N TYR A 78 -27.05 -12.12 -3.66
CA TYR A 78 -27.82 -11.05 -3.01
C TYR A 78 -27.24 -10.73 -1.63
N GLU A 79 -27.04 -11.76 -0.82
CA GLU A 79 -26.53 -11.56 0.53
C GLU A 79 -25.18 -10.86 0.50
N MET A 80 -24.27 -11.32 -0.36
CA MET A 80 -22.93 -10.74 -0.38
C MET A 80 -22.93 -9.31 -0.92
N ARG A 81 -23.72 -9.04 -1.96
CA ARG A 81 -23.79 -7.67 -2.48
C ARG A 81 -24.34 -6.72 -1.43
N ARG A 82 -25.39 -7.13 -0.72
CA ARG A 82 -25.93 -6.29 0.34
C ARG A 82 -24.90 -6.10 1.45
N ASN A 83 -24.15 -7.16 1.78
CA ASN A 83 -23.12 -7.05 2.80
C ASN A 83 -22.05 -6.05 2.39
N ILE A 84 -21.64 -6.08 1.13
CA ILE A 84 -20.59 -5.17 0.67
C ILE A 84 -21.09 -3.73 0.69
N LEU A 85 -22.32 -3.50 0.23
CA LEU A 85 -22.87 -2.15 0.30
C LEU A 85 -22.98 -1.67 1.74
N GLU A 86 -23.41 -2.56 2.65
CA GLU A 86 -23.49 -2.20 4.06
C GLU A 86 -22.12 -1.87 4.62
N LEU A 87 -21.09 -2.62 4.21
CA LEU A 87 -19.73 -2.31 4.63
C LEU A 87 -19.30 -0.93 4.15
N ILE A 88 -19.63 -0.59 2.92
CA ILE A 88 -19.27 0.73 2.39
C ILE A 88 -19.99 1.82 3.17
N LEU A 89 -21.30 1.63 3.39
CA LEU A 89 -22.11 2.66 4.03
C LEU A 89 -21.84 2.79 5.52
N ALA A 90 -21.32 1.75 6.16
CA ALA A 90 -21.10 1.81 7.61
C ALA A 90 -20.10 2.90 7.97
N THR A 91 -19.01 2.99 7.23
CA THR A 91 -17.96 3.98 7.50
C THR A 91 -18.06 5.19 6.58
N HIS A 92 -19.07 5.26 5.73
CA HIS A 92 -19.24 6.41 4.86
C HIS A 92 -19.88 7.56 5.63
N ASN A 93 -19.47 8.78 5.31
CA ASN A 93 -20.04 9.98 5.94
C ASN A 93 -21.36 10.28 5.23
N ARG A 94 -22.46 9.85 5.82
CA ARG A 94 -23.78 9.88 5.16
C ARG A 94 -24.51 11.16 5.56
N ASP A 95 -24.18 12.24 4.86
CA ASP A 95 -24.79 13.55 5.04
C ASP A 95 -25.18 14.12 3.67
N CYS A 96 -25.95 13.33 2.92
CA CYS A 96 -26.22 13.66 1.52
C CYS A 96 -26.76 15.09 1.35
N THR A 97 -27.46 15.62 2.34
CA THR A 97 -28.10 16.93 2.16
C THR A 97 -27.08 18.00 1.83
N THR A 98 -25.93 17.98 2.51
CA THR A 98 -24.88 18.98 2.31
C THR A 98 -23.79 18.49 1.36
N CYS A 99 -24.08 17.49 0.54
CA CYS A 99 -23.10 16.90 -0.37
C CYS A 99 -23.29 17.44 -1.78
N ASP A 100 -22.16 17.63 -2.47
CA ASP A 100 -22.20 18.11 -3.85
C ASP A 100 -22.64 17.05 -4.84
N ARG A 101 -22.51 15.77 -4.53
CA ARG A 101 -22.99 14.72 -5.41
C ARG A 101 -24.43 14.35 -5.14
N ASN A 102 -25.06 14.96 -4.14
CA ASN A 102 -26.46 14.70 -3.85
C ASN A 102 -27.30 14.78 -5.11
N GLY A 103 -27.97 13.68 -5.44
CA GLY A 103 -28.79 13.60 -6.61
C GLY A 103 -28.12 12.95 -7.81
N SER A 104 -26.79 12.87 -7.82
CA SER A 104 -26.05 12.24 -8.90
C SER A 104 -24.97 11.33 -8.35
N CYS A 105 -25.27 10.64 -7.25
CA CYS A 105 -24.33 9.75 -6.59
C CYS A 105 -24.78 8.31 -6.80
N LYS A 106 -23.87 7.49 -7.34
CA LYS A 106 -24.18 6.08 -7.52
C LYS A 106 -24.36 5.38 -6.18
N LEU A 107 -23.55 5.76 -5.18
CA LEU A 107 -23.68 5.16 -3.85
C LEU A 107 -25.04 5.47 -3.24
N GLN A 108 -25.49 6.72 -3.35
CA GLN A 108 -26.80 7.10 -2.83
C GLN A 108 -27.91 6.35 -3.55
N LYS A 109 -27.79 6.20 -4.87
CA LYS A 109 -28.80 5.48 -5.64
C LYS A 109 -28.84 4.01 -5.25
N TYR A 110 -27.68 3.39 -5.05
CA TYR A 110 -27.67 1.99 -4.63
C TYR A 110 -28.24 1.82 -3.24
N ALA A 111 -27.94 2.76 -2.34
CA ALA A 111 -28.54 2.71 -1.01
C ALA A 111 -30.06 2.77 -1.10
N GLU A 112 -30.57 3.64 -1.97
CA GLU A 112 -32.02 3.71 -2.18
C GLU A 112 -32.56 2.41 -2.73
N ASP A 113 -31.89 1.83 -3.73
CA ASP A 113 -32.42 0.65 -4.42
C ASP A 113 -32.29 -0.61 -3.57
N PHE A 114 -31.15 -0.81 -2.91
CA PHE A 114 -30.94 -2.01 -2.12
C PHE A 114 -31.79 -2.03 -0.84
N GLY A 115 -32.46 -0.94 -0.51
CA GLY A 115 -33.28 -0.90 0.67
C GLY A 115 -32.51 -0.98 1.97
N ILE A 116 -31.35 -0.32 2.04
CA ILE A 116 -30.58 -0.25 3.27
C ILE A 116 -31.21 0.83 4.15
N ARG A 117 -31.83 0.41 5.26
CA ARG A 117 -32.53 1.33 6.14
C ARG A 117 -31.96 1.40 7.54
N LYS A 118 -30.99 0.55 7.88
CA LYS A 118 -30.34 0.61 9.17
C LYS A 118 -28.94 0.03 9.06
N ILE A 119 -27.99 0.65 9.75
CA ILE A 119 -26.58 0.28 9.65
C ILE A 119 -26.35 -0.89 10.59
N ARG A 120 -26.26 -2.10 10.01
CA ARG A 120 -26.09 -3.32 10.78
C ARG A 120 -24.67 -3.50 11.29
N PHE A 121 -23.70 -2.83 10.67
CA PHE A 121 -22.34 -2.79 11.20
C PHE A 121 -22.22 -1.53 12.07
N GLU A 122 -21.00 -1.14 12.42
CA GLU A 122 -20.77 0.07 13.20
C GLU A 122 -19.83 1.01 12.48
N ALA A 123 -20.14 2.31 12.57
CA ALA A 123 -19.34 3.36 11.94
C ALA A 123 -18.06 3.57 12.75
N LEU A 124 -17.15 2.61 12.61
CA LEU A 124 -15.90 2.69 13.35
C LEU A 124 -15.17 3.98 13.00
N LYS A 125 -14.60 4.61 14.02
CA LYS A 125 -13.97 5.91 13.83
C LYS A 125 -12.75 5.80 12.94
N LYS A 126 -12.62 6.76 12.02
CA LYS A 126 -11.48 6.86 11.12
C LYS A 126 -10.78 8.18 11.35
N GLU A 127 -9.53 8.25 10.90
CA GLU A 127 -8.75 9.49 10.99
C GLU A 127 -8.93 10.28 9.69
N HIS A 128 -10.14 10.78 9.51
CA HIS A 128 -10.52 11.42 8.26
C HIS A 128 -9.83 12.77 8.11
N VAL A 129 -9.53 13.11 6.85
CA VAL A 129 -8.89 14.37 6.49
C VAL A 129 -9.92 15.25 5.81
N ARG A 130 -10.06 16.47 6.30
N ARG A 130 -10.07 16.48 6.31
CA ARG A 130 -10.96 17.47 5.72
CA ARG A 130 -10.95 17.47 5.72
C ARG A 130 -10.15 18.72 5.44
C ARG A 130 -10.14 18.72 5.44
N ASP A 131 -10.06 19.09 4.16
CA ASP A 131 -9.22 20.22 3.73
C ASP A 131 -10.07 21.23 2.95
N GLU A 132 -9.92 22.50 3.28
CA GLU A 132 -10.65 23.58 2.62
C GLU A 132 -9.74 24.77 2.32
N SER A 133 -8.44 24.53 2.19
CA SER A 133 -7.50 25.60 1.92
C SER A 133 -7.50 26.07 0.47
N ALA A 134 -8.17 25.35 -0.42
CA ALA A 134 -8.11 25.63 -1.85
C ALA A 134 -9.52 25.63 -2.44
N PRO A 135 -9.70 26.21 -3.63
CA PRO A 135 -11.01 26.10 -4.29
C PRO A 135 -11.41 24.66 -4.54
N VAL A 136 -10.47 23.73 -4.56
CA VAL A 136 -10.77 22.30 -4.57
C VAL A 136 -10.78 21.84 -3.11
N VAL A 137 -11.89 21.27 -2.69
CA VAL A 137 -12.13 20.90 -1.30
C VAL A 137 -12.08 19.38 -1.17
N ARG A 138 -11.41 18.90 -0.13
CA ARG A 138 -11.23 17.48 0.11
C ARG A 138 -11.94 17.06 1.40
N ASP A 139 -12.62 15.92 1.35
CA ASP A 139 -13.31 15.36 2.51
C ASP A 139 -13.23 13.84 2.36
N THR A 140 -12.19 13.24 2.96
CA THR A 140 -11.95 11.82 2.77
C THR A 140 -12.98 10.95 3.45
N SER A 141 -13.83 11.51 4.32
CA SER A 141 -14.88 10.73 4.95
C SER A 141 -15.93 10.26 3.96
N LYS A 142 -16.06 10.93 2.82
CA LYS A 142 -16.96 10.49 1.77
C LYS A 142 -16.25 9.65 0.72
N CYS A 143 -14.94 9.46 0.85
CA CYS A 143 -14.19 8.74 -0.17
C CYS A 143 -14.49 7.25 -0.12
N ILE A 144 -14.61 6.64 -1.30
CA ILE A 144 -14.76 5.20 -1.42
C ILE A 144 -13.50 4.54 -1.93
N LEU A 145 -12.40 5.29 -2.02
CA LEU A 145 -11.09 4.75 -2.40
C LEU A 145 -11.15 4.06 -3.76
N CYS A 146 -11.90 4.65 -4.70
CA CYS A 146 -11.92 4.10 -6.05
C CYS A 146 -10.62 4.39 -6.79
N GLY A 147 -9.90 5.44 -6.40
CA GLY A 147 -8.64 5.78 -7.01
C GLY A 147 -8.74 6.53 -8.32
N ASP A 148 -9.93 6.96 -8.73
CA ASP A 148 -10.06 7.67 -10.00
C ASP A 148 -9.29 8.99 -9.99
N CYS A 149 -9.35 9.71 -8.86
CA CYS A 149 -8.66 10.99 -8.79
C CYS A 149 -7.15 10.83 -8.92
N VAL A 150 -6.60 9.78 -8.30
CA VAL A 150 -5.16 9.53 -8.39
C VAL A 150 -4.75 9.33 -9.84
N ARG A 151 -5.48 8.47 -10.55
CA ARG A 151 -5.17 8.20 -11.95
C ARG A 151 -5.33 9.45 -12.79
N VAL A 152 -6.37 10.24 -12.54
CA VAL A 152 -6.55 11.47 -13.32
C VAL A 152 -5.37 12.40 -13.11
N CYS A 153 -5.05 12.68 -11.85
CA CYS A 153 -4.02 13.66 -11.54
C CYS A 153 -2.65 13.22 -12.02
N GLU A 154 -2.38 11.91 -12.04
CA GLU A 154 -1.07 11.42 -12.47
C GLU A 154 -1.00 11.20 -13.98
N GLU A 155 -1.85 10.32 -14.50
CA GLU A 155 -1.78 9.95 -15.90
C GLU A 155 -2.33 11.03 -16.81
N ILE A 156 -3.46 11.65 -16.46
CA ILE A 156 -4.09 12.59 -17.37
C ILE A 156 -3.52 13.99 -17.20
N GLN A 157 -3.34 14.45 -15.96
CA GLN A 157 -2.85 15.80 -15.71
C GLN A 157 -1.33 15.85 -15.54
N GLY A 158 -0.69 14.74 -15.19
CA GLY A 158 0.75 14.71 -15.07
C GLY A 158 1.30 15.47 -13.90
N VAL A 159 0.51 15.67 -12.86
CA VAL A 159 0.97 16.35 -11.64
C VAL A 159 1.27 15.34 -10.53
N GLY A 160 0.32 14.46 -10.24
CA GLY A 160 0.51 13.44 -9.22
C GLY A 160 0.68 13.97 -7.80
N VAL A 161 -0.17 14.92 -7.40
CA VAL A 161 -0.07 15.48 -6.05
C VAL A 161 -0.89 14.72 -5.03
N ILE A 162 -1.81 13.86 -5.46
CA ILE A 162 -2.64 13.06 -4.57
C ILE A 162 -2.36 11.59 -4.86
N GLU A 163 -2.19 10.81 -3.79
CA GLU A 163 -1.85 9.39 -3.92
C GLU A 163 -2.48 8.62 -2.77
N PHE A 164 -2.57 7.31 -2.96
CA PHE A 164 -2.98 6.42 -1.87
C PHE A 164 -1.89 6.38 -0.81
N ALA A 165 -2.28 6.47 0.45
CA ALA A 165 -1.34 6.46 1.56
C ALA A 165 -1.82 5.48 2.62
N LYS A 166 -0.88 5.01 3.45
CA LYS A 166 -1.15 4.03 4.48
C LYS A 166 -1.68 2.75 3.85
N ARG A 167 -2.35 1.90 4.64
CA ARG A 167 -2.89 0.66 4.11
C ARG A 167 -4.00 0.17 5.03
N GLY A 168 -4.81 -0.75 4.51
CA GLY A 168 -5.86 -1.36 5.30
C GLY A 168 -7.04 -0.45 5.57
N PHE A 169 -7.63 -0.58 6.75
CA PHE A 169 -8.79 0.23 7.10
C PHE A 169 -8.48 1.71 7.08
N GLU A 170 -7.23 2.08 7.33
CA GLU A 170 -6.80 3.48 7.34
C GLU A 170 -6.30 3.96 6.00
N SER A 171 -6.52 3.19 4.93
CA SER A 171 -6.16 3.66 3.59
C SER A 171 -6.85 4.98 3.31
N VAL A 172 -6.13 5.91 2.68
CA VAL A 172 -6.66 7.25 2.44
C VAL A 172 -5.95 7.85 1.24
N VAL A 173 -6.70 8.59 0.44
CA VAL A 173 -6.15 9.40 -0.63
C VAL A 173 -5.90 10.79 -0.08
N THR A 174 -4.68 11.29 -0.27
CA THR A 174 -4.31 12.56 0.33
C THR A 174 -3.02 13.06 -0.28
N THR A 175 -2.63 14.26 0.12
CA THR A 175 -1.34 14.81 -0.26
C THR A 175 -0.25 14.26 0.65
N ALA A 176 1.00 14.50 0.27
CA ALA A 176 2.11 14.03 1.09
C ALA A 176 2.08 14.71 2.45
N PHE A 177 2.10 13.91 3.51
CA PHE A 177 2.07 14.40 4.89
C PHE A 177 0.83 15.24 5.18
N ASP A 178 -0.26 14.96 4.45
CA ASP A 178 -1.52 15.67 4.66
C ASP A 178 -1.34 17.18 4.53
N THR A 179 -0.50 17.60 3.60
CA THR A 179 -0.30 19.01 3.36
C THR A 179 -1.58 19.63 2.83
N PRO A 180 -1.91 20.86 3.24
CA PRO A 180 -3.04 21.56 2.61
C PRO A 180 -2.81 21.66 1.12
N LEU A 181 -3.89 21.44 0.36
CA LEU A 181 -3.77 21.39 -1.10
C LEU A 181 -3.24 22.69 -1.67
N ILE A 182 -3.48 23.82 -1.01
CA ILE A 182 -3.01 25.10 -1.50
C ILE A 182 -1.50 25.24 -1.40
N GLU A 183 -0.85 24.45 -0.53
CA GLU A 183 0.58 24.51 -0.32
C GLU A 183 1.36 23.48 -1.12
N THR A 184 0.69 22.71 -1.98
CA THR A 184 1.33 21.69 -2.79
C THR A 184 1.51 22.21 -4.22
N GLU A 185 1.99 21.34 -5.10
CA GLU A 185 2.16 21.66 -6.50
C GLU A 185 0.86 21.46 -7.29
N CYS A 186 -0.27 21.32 -6.61
CA CYS A 186 -1.55 21.20 -7.29
C CYS A 186 -1.82 22.44 -8.13
N VAL A 187 -2.27 22.22 -9.37
CA VAL A 187 -2.55 23.32 -10.28
C VAL A 187 -4.01 23.75 -10.21
N LEU A 188 -4.82 23.10 -9.38
CA LEU A 188 -6.22 23.48 -9.18
C LEU A 188 -7.00 23.43 -10.48
N CYS A 189 -6.69 22.46 -11.33
CA CYS A 189 -7.44 22.27 -12.57
C CYS A 189 -8.84 21.73 -12.29
N GLY A 190 -9.01 20.99 -11.20
CA GLY A 190 -10.32 20.45 -10.87
C GLY A 190 -10.73 19.21 -11.63
N GLN A 191 -9.78 18.55 -12.30
CA GLN A 191 -10.13 17.35 -13.05
C GLN A 191 -10.44 16.18 -12.13
N CYS A 192 -9.71 16.08 -11.01
CA CYS A 192 -10.04 15.09 -10.01
C CYS A 192 -11.48 15.29 -9.51
N VAL A 193 -11.89 16.54 -9.34
CA VAL A 193 -13.27 16.82 -8.95
C VAL A 193 -14.23 16.41 -10.07
N ALA A 194 -13.87 16.71 -11.32
CA ALA A 194 -14.71 16.33 -12.44
C ALA A 194 -14.87 14.81 -12.54
N TYR A 195 -13.92 14.04 -12.01
CA TYR A 195 -13.98 12.59 -12.10
C TYR A 195 -14.43 11.91 -10.80
N CYS A 196 -14.38 12.60 -9.67
CA CYS A 196 -14.71 11.96 -8.40
C CYS A 196 -16.18 11.53 -8.40
N PRO A 197 -16.49 10.28 -8.03
CA PRO A 197 -17.90 9.85 -8.00
C PRO A 197 -18.64 10.18 -6.72
N THR A 198 -17.97 10.75 -5.73
CA THR A 198 -18.58 11.13 -4.46
C THR A 198 -18.36 12.61 -4.21
N GLY A 199 -18.78 13.06 -3.02
CA GLY A 199 -18.51 14.41 -2.59
C GLY A 199 -17.16 14.57 -1.92
N ALA A 200 -16.31 13.55 -2.02
CA ALA A 200 -14.99 13.61 -1.38
C ALA A 200 -14.18 14.77 -1.95
N LEU A 201 -14.23 14.98 -3.25
CA LEU A 201 -13.61 16.13 -3.90
C LEU A 201 -14.72 17.02 -4.44
N SER A 202 -14.73 18.29 -4.02
CA SER A 202 -15.78 19.21 -4.41
C SER A 202 -15.16 20.59 -4.67
N ILE A 203 -16.00 21.53 -5.05
CA ILE A 203 -15.61 22.89 -5.36
C ILE A 203 -16.11 23.81 -4.25
N ARG A 204 -15.25 24.74 -3.82
CA ARG A 204 -15.64 25.70 -2.81
C ARG A 204 -16.84 26.51 -3.30
N ASN A 205 -17.95 26.45 -2.55
CA ASN A 205 -19.17 27.14 -2.92
C ASN A 205 -19.15 28.55 -2.35
N ASP A 206 -19.42 29.54 -3.20
CA ASP A 206 -19.34 30.94 -2.82
C ASP A 206 -20.63 31.69 -3.12
N ILE A 207 -21.77 31.00 -3.08
CA ILE A 207 -23.04 31.66 -3.39
C ILE A 207 -23.44 32.60 -2.26
N ASP A 208 -23.09 32.29 -1.01
CA ASP A 208 -23.45 33.15 0.10
C ASP A 208 -22.85 34.54 -0.04
N LYS A 209 -21.58 34.61 -0.45
CA LYS A 209 -20.95 35.90 -0.66
C LYS A 209 -21.67 36.70 -1.73
N LEU A 210 -22.07 36.03 -2.82
CA LEU A 210 -22.80 36.72 -3.87
C LEU A 210 -24.12 37.27 -3.36
N ILE A 211 -24.87 36.47 -2.60
CA ILE A 211 -26.16 36.94 -2.10
C ILE A 211 -25.96 38.11 -1.16
N GLU A 212 -24.94 38.05 -0.29
CA GLU A 212 -24.66 39.14 0.60
C GLU A 212 -24.31 40.41 -0.17
N ALA A 213 -23.54 40.28 -1.25
CA ALA A 213 -23.18 41.44 -2.06
C ALA A 213 -24.40 42.03 -2.77
N LEU A 214 -25.25 41.18 -3.33
CA LEU A 214 -26.45 41.66 -4.01
C LEU A 214 -27.42 42.30 -3.03
N GLU A 215 -27.35 41.91 -1.76
CA GLU A 215 -28.20 42.49 -0.73
C GLU A 215 -27.77 43.91 -0.37
N SER A 216 -26.47 44.20 -0.44
CA SER A 216 -25.94 45.47 0.04
C SER A 216 -26.21 46.57 -0.99
N ASP A 217 -25.62 47.75 -0.77
CA ASP A 217 -25.86 48.93 -1.58
C ASP A 217 -24.71 49.22 -2.54
N LYS A 218 -24.08 48.20 -3.08
CA LYS A 218 -22.99 48.36 -4.02
C LYS A 218 -23.37 47.79 -5.38
N ILE A 219 -22.65 48.23 -6.41
CA ILE A 219 -22.95 47.91 -7.79
C ILE A 219 -22.35 46.55 -8.11
N VAL A 220 -23.21 45.55 -8.34
CA VAL A 220 -22.77 44.21 -8.68
C VAL A 220 -22.68 44.10 -10.21
N ILE A 221 -21.49 43.78 -10.71
CA ILE A 221 -21.25 43.61 -12.13
C ILE A 221 -20.81 42.18 -12.36
N GLY A 222 -21.40 41.53 -13.36
CA GLY A 222 -21.07 40.16 -13.67
C GLY A 222 -20.51 39.99 -15.07
N MET A 223 -19.78 38.90 -15.29
CA MET A 223 -19.21 38.61 -16.59
C MET A 223 -19.15 37.10 -16.79
N ILE A 224 -19.62 36.63 -17.94
CA ILE A 224 -19.84 35.22 -18.20
C ILE A 224 -18.77 34.72 -19.17
N ALA A 225 -18.19 33.57 -18.86
CA ALA A 225 -17.14 33.01 -19.69
C ALA A 225 -17.73 32.38 -20.95
N PRO A 226 -16.93 32.27 -22.02
CA PRO A 226 -17.44 31.62 -23.24
C PRO A 226 -17.94 30.20 -23.01
N ALA A 227 -17.23 29.39 -22.22
CA ALA A 227 -17.58 27.98 -22.11
C ALA A 227 -18.71 27.72 -21.12
N VAL A 228 -19.07 28.70 -20.29
CA VAL A 228 -20.21 28.53 -19.40
C VAL A 228 -21.50 28.42 -20.21
N ARG A 229 -21.65 29.26 -21.23
CA ARG A 229 -22.88 29.28 -22.01
C ARG A 229 -23.06 28.01 -22.85
N ALA A 230 -22.00 27.25 -23.07
CA ALA A 230 -22.10 26.04 -23.88
C ALA A 230 -22.36 24.78 -23.06
N ALA A 231 -22.34 24.85 -21.73
CA ALA A 231 -22.51 23.68 -20.89
C ALA A 231 -23.57 23.82 -19.81
N ILE A 232 -24.02 25.03 -19.48
CA ILE A 232 -24.91 25.19 -18.34
C ILE A 232 -26.27 24.52 -18.56
N GLN A 233 -26.67 24.30 -19.80
CA GLN A 233 -27.96 23.67 -20.06
C GLN A 233 -28.00 22.23 -19.58
N GLU A 234 -26.85 21.63 -19.26
CA GLU A 234 -26.83 20.24 -18.85
C GLU A 234 -27.55 20.00 -17.51
N GLU A 235 -27.44 20.93 -16.57
CA GLU A 235 -28.17 20.74 -15.31
C GLU A 235 -29.68 20.79 -15.46
N PHE A 236 -30.19 21.48 -16.48
CA PHE A 236 -31.62 21.67 -16.64
C PHE A 236 -32.26 20.61 -17.54
N GLY A 237 -31.49 19.64 -18.00
CA GLY A 237 -32.05 18.57 -18.82
C GLY A 237 -32.76 19.05 -20.07
N ILE A 238 -32.13 19.96 -20.82
CA ILE A 238 -32.72 20.51 -22.03
C ILE A 238 -31.69 20.51 -23.14
N ASP A 239 -32.18 20.67 -24.37
CA ASP A 239 -31.32 20.72 -25.53
C ASP A 239 -30.47 21.99 -25.51
N GLU A 240 -29.40 21.97 -26.29
CA GLU A 240 -28.51 23.12 -26.39
C GLU A 240 -29.20 24.27 -27.10
N ASP A 241 -28.63 25.46 -26.96
CA ASP A 241 -29.14 26.64 -27.64
C ASP A 241 -28.04 27.69 -27.71
N VAL A 242 -28.18 28.59 -28.69
CA VAL A 242 -27.24 29.69 -28.85
C VAL A 242 -27.70 30.95 -28.13
N ALA A 243 -28.94 30.99 -27.63
CA ALA A 243 -29.45 32.10 -26.87
C ALA A 243 -29.22 31.92 -25.38
N MET A 244 -28.41 30.94 -24.98
CA MET A 244 -28.22 30.66 -23.56
C MET A 244 -27.59 31.84 -22.83
N ALA A 245 -26.59 32.48 -23.44
CA ALA A 245 -25.92 33.59 -22.77
C ALA A 245 -26.88 34.74 -22.51
N GLU A 246 -27.76 35.04 -23.46
CA GLU A 246 -28.70 36.14 -23.28
C GLU A 246 -29.78 35.79 -22.27
N LYS A 247 -30.21 34.53 -22.23
CA LYS A 247 -31.13 34.11 -21.17
C LYS A 247 -30.48 34.22 -19.80
N LEU A 248 -29.19 33.87 -19.71
CA LEU A 248 -28.46 34.07 -18.47
C LEU A 248 -28.40 35.54 -18.09
N VAL A 249 -28.18 36.41 -19.07
CA VAL A 249 -28.14 37.85 -18.80
C VAL A 249 -29.49 38.32 -18.26
N SER A 250 -30.59 37.86 -18.87
CA SER A 250 -31.91 38.23 -18.39
C SER A 250 -32.14 37.75 -16.97
N PHE A 251 -31.74 36.51 -16.67
CA PHE A 251 -31.92 35.98 -15.33
C PHE A 251 -31.09 36.76 -14.31
N LEU A 252 -29.84 37.08 -14.65
CA LEU A 252 -29.00 37.85 -13.74
C LEU A 252 -29.58 39.23 -13.49
N LYS A 253 -30.14 39.85 -14.52
CA LYS A 253 -30.84 41.12 -14.34
C LYS A 253 -32.02 40.94 -13.39
N THR A 254 -32.74 39.82 -13.55
CA THR A 254 -33.89 39.56 -12.68
C THR A 254 -33.48 39.46 -11.22
N ILE A 255 -32.36 38.80 -10.93
CA ILE A 255 -31.97 38.60 -9.55
C ILE A 255 -31.13 39.77 -9.03
N GLY A 256 -31.04 40.84 -9.81
CA GLY A 256 -30.47 42.09 -9.34
C GLY A 256 -29.04 42.40 -9.71
N PHE A 257 -28.61 42.09 -10.93
CA PHE A 257 -27.28 42.47 -11.39
C PHE A 257 -27.36 43.79 -12.12
N ASP A 258 -26.55 44.77 -11.69
CA ASP A 258 -26.57 46.08 -12.33
C ASP A 258 -26.12 45.98 -13.79
N LYS A 259 -25.03 45.27 -14.04
CA LYS A 259 -24.53 45.07 -15.40
C LYS A 259 -24.05 43.63 -15.56
N VAL A 260 -24.17 43.12 -16.77
CA VAL A 260 -23.63 41.82 -17.14
C VAL A 260 -22.84 41.99 -18.43
N PHE A 261 -21.56 41.66 -18.38
CA PHE A 261 -20.67 41.79 -19.52
C PHE A 261 -20.27 40.41 -20.03
N ASP A 262 -19.62 40.39 -21.18
CA ASP A 262 -19.18 39.15 -21.82
C ASP A 262 -17.66 39.06 -21.72
N VAL A 263 -17.17 37.97 -21.11
CA VAL A 263 -15.74 37.77 -20.99
C VAL A 263 -15.10 37.50 -22.35
N SER A 264 -15.92 37.24 -23.37
CA SER A 264 -15.38 37.15 -24.73
C SER A 264 -14.80 38.47 -25.19
N PHE A 265 -15.34 39.59 -24.70
CA PHE A 265 -14.72 40.88 -24.95
C PHE A 265 -13.31 40.91 -24.38
N GLY A 266 -13.14 40.42 -23.16
CA GLY A 266 -11.81 40.29 -22.58
C GLY A 266 -10.94 39.35 -23.37
N ALA A 267 -11.53 38.29 -23.94
CA ALA A 267 -10.76 37.37 -24.78
C ALA A 267 -10.26 38.07 -26.05
N ASP A 268 -11.09 38.89 -26.67
CA ASP A 268 -10.65 39.67 -27.82
C ASP A 268 -9.52 40.62 -27.44
N LEU A 269 -9.68 41.30 -26.30
CA LEU A 269 -8.64 42.21 -25.80
C LEU A 269 -7.32 41.46 -25.60
N VAL A 270 -7.40 40.31 -24.92
CA VAL A 270 -6.22 39.51 -24.64
C VAL A 270 -5.57 39.04 -25.92
N ALA A 271 -6.38 38.59 -26.88
CA ALA A 271 -5.83 38.10 -28.14
C ALA A 271 -5.14 39.21 -28.91
N TYR A 272 -5.72 40.41 -28.91
CA TYR A 272 -5.08 41.55 -29.55
C TYR A 272 -3.71 41.82 -28.94
N GLU A 273 -3.66 41.97 -27.62
CA GLU A 273 -2.38 42.29 -26.98
C GLU A 273 -1.39 41.15 -27.12
N GLU A 274 -1.86 39.90 -27.01
CA GLU A 274 -1.00 38.74 -27.16
C GLU A 274 -0.42 38.67 -28.57
N ALA A 275 -1.24 38.93 -29.58
CA ALA A 275 -0.75 38.90 -30.96
C ALA A 275 0.31 39.95 -31.18
N HIS A 276 0.09 41.16 -30.67
CA HIS A 276 1.12 42.20 -30.82
C HIS A 276 2.40 41.80 -30.10
N GLU A 277 2.29 41.28 -28.88
CA GLU A 277 3.48 40.87 -28.14
C GLU A 277 4.25 39.78 -28.90
N PHE A 278 3.52 38.77 -29.38
CA PHE A 278 4.16 37.67 -30.10
C PHE A 278 4.83 38.16 -31.37
N TYR A 279 4.18 39.08 -32.10
CA TYR A 279 4.80 39.60 -33.32
C TYR A 279 6.08 40.35 -32.99
N GLU A 280 6.07 41.17 -31.93
CA GLU A 280 7.29 41.86 -31.54
C GLU A 280 8.39 40.88 -31.20
N ARG A 281 8.05 39.80 -30.48
CA ARG A 281 9.05 38.81 -30.13
C ARG A 281 9.62 38.13 -31.36
N LEU A 282 8.76 37.76 -32.33
CA LEU A 282 9.26 37.20 -33.58
C LEU A 282 10.21 38.16 -34.27
N LYS A 283 9.83 39.45 -34.33
CA LYS A 283 10.69 40.43 -34.99
C LYS A 283 12.07 40.46 -34.33
N LYS A 284 12.12 40.54 -33.00
CA LYS A 284 13.39 40.56 -32.31
C LYS A 284 13.94 39.16 -32.02
N GLY A 285 13.14 38.12 -32.19
CA GLY A 285 13.59 36.77 -31.87
C GLY A 285 13.97 36.59 -30.42
N GLU A 286 13.25 37.25 -29.51
CA GLU A 286 13.56 37.25 -28.09
C GLU A 286 12.49 36.51 -27.31
N ARG A 287 12.90 35.78 -26.28
CA ARG A 287 11.99 35.09 -25.36
C ARG A 287 11.06 34.13 -26.10
N LEU A 288 11.66 33.27 -26.94
CA LEU A 288 10.88 32.29 -27.68
C LEU A 288 11.30 30.88 -27.26
N PRO A 289 10.37 29.90 -27.29
CA PRO A 289 8.97 30.08 -27.70
C PRO A 289 8.12 30.81 -26.69
N GLN A 290 7.11 31.53 -27.16
CA GLN A 290 6.17 32.19 -26.27
C GLN A 290 5.12 31.21 -25.79
N PHE A 291 4.71 31.36 -24.54
CA PHE A 291 3.69 30.52 -23.93
C PHE A 291 2.47 31.35 -23.59
N THR A 292 1.29 30.84 -23.91
CA THR A 292 0.05 31.51 -23.54
C THR A 292 -0.11 31.48 -22.03
N SER A 293 -0.72 32.55 -21.50
CA SER A 293 -0.90 32.70 -20.07
C SER A 293 -2.37 32.82 -19.67
N CYS A 294 -3.29 32.48 -20.57
CA CYS A 294 -4.71 32.60 -20.26
C CYS A 294 -5.26 31.41 -19.47
N CYS A 295 -4.47 30.36 -19.25
CA CYS A 295 -4.90 29.26 -18.42
C CYS A 295 -4.20 29.34 -17.08
N PRO A 296 -4.87 29.76 -16.00
CA PRO A 296 -4.17 29.88 -14.71
C PRO A 296 -3.59 28.58 -14.20
N ALA A 297 -4.21 27.45 -14.50
CA ALA A 297 -3.65 26.16 -14.09
C ALA A 297 -2.30 25.93 -14.75
N TRP A 298 -2.19 26.23 -16.05
CA TRP A 298 -0.91 26.09 -16.73
C TRP A 298 0.11 27.09 -16.20
N VAL A 299 -0.33 28.29 -15.83
CA VAL A 299 0.59 29.28 -15.26
C VAL A 299 1.16 28.78 -13.95
N LYS A 300 0.31 28.24 -13.07
CA LYS A 300 0.80 27.69 -11.81
C LYS A 300 1.70 26.50 -12.05
N HIS A 301 1.34 25.64 -13.00
CA HIS A 301 2.19 24.50 -13.31
C HIS A 301 3.57 24.95 -13.79
N ALA A 302 3.62 25.97 -14.65
CA ALA A 302 4.90 26.49 -15.10
C ALA A 302 5.69 27.07 -13.94
N GLU A 303 5.03 27.83 -13.06
CA GLU A 303 5.72 28.39 -11.91
C GLU A 303 6.29 27.30 -11.02
N HIS A 304 5.66 26.13 -10.99
CA HIS A 304 6.13 25.03 -10.17
C HIS A 304 7.20 24.18 -10.86
N THR A 305 7.11 23.99 -12.17
CA THR A 305 7.93 23.04 -12.91
C THR A 305 8.98 23.68 -13.80
N TYR A 306 8.67 24.79 -14.46
CA TYR A 306 9.55 25.42 -15.43
C TYR A 306 9.85 26.85 -15.00
N PRO A 307 10.58 27.03 -13.90
CA PRO A 307 10.98 28.40 -13.51
C PRO A 307 11.83 29.09 -14.55
N GLN A 308 12.52 28.34 -15.41
CA GLN A 308 13.31 28.94 -16.47
C GLN A 308 12.46 29.54 -17.58
N TYR A 309 11.25 29.03 -17.77
CA TYR A 309 10.37 29.50 -18.84
C TYR A 309 9.42 30.59 -18.39
N LEU A 310 9.47 31.02 -17.13
CA LEU A 310 8.53 32.05 -16.68
C LEU A 310 8.70 33.35 -17.44
N GLN A 311 9.87 33.59 -18.03
CA GLN A 311 10.03 34.74 -18.91
C GLN A 311 9.40 34.50 -20.28
N ASN A 312 9.42 33.25 -20.75
CA ASN A 312 8.76 32.91 -22.00
C ASN A 312 7.24 33.04 -21.91
N LEU A 313 6.68 33.05 -20.72
CA LEU A 313 5.24 33.19 -20.55
C LEU A 313 4.79 34.56 -21.05
N SER A 314 3.62 34.60 -21.67
CA SER A 314 3.07 35.86 -22.12
C SER A 314 2.79 36.75 -20.91
N SER A 315 3.06 38.04 -21.06
CA SER A 315 2.81 38.98 -19.98
C SER A 315 1.34 39.38 -19.88
N VAL A 316 0.54 39.09 -20.91
CA VAL A 316 -0.86 39.47 -20.91
C VAL A 316 -1.63 38.60 -19.92
N LYS A 317 -2.43 39.22 -19.07
CA LYS A 317 -3.23 38.46 -18.14
C LYS A 317 -4.41 37.82 -18.87
N SER A 318 -5.07 36.89 -18.18
CA SER A 318 -6.14 36.11 -18.78
C SER A 318 -7.35 36.99 -19.06
N PRO A 319 -8.25 36.55 -19.93
CA PRO A 319 -9.43 37.37 -20.23
C PRO A 319 -10.19 37.80 -18.99
N GLN A 320 -10.36 36.92 -18.01
CA GLN A 320 -11.08 37.29 -16.79
C GLN A 320 -10.41 38.47 -16.10
N GLN A 321 -9.11 38.36 -15.83
CA GLN A 321 -8.42 39.42 -15.12
C GLN A 321 -8.32 40.69 -15.96
N ALA A 322 -8.10 40.55 -17.27
CA ALA A 322 -8.01 41.73 -18.12
C ALA A 322 -9.33 42.51 -18.13
N LEU A 323 -10.44 41.81 -18.37
CA LEU A 323 -11.74 42.49 -18.39
C LEU A 323 -12.07 43.06 -17.01
N GLY A 324 -11.76 42.33 -15.94
CA GLY A 324 -12.05 42.84 -14.62
C GLY A 324 -11.24 44.07 -14.28
N THR A 325 -9.97 44.09 -14.69
CA THR A 325 -9.14 45.27 -14.46
C THR A 325 -9.65 46.45 -15.26
N VAL A 326 -10.07 46.21 -16.51
CA VAL A 326 -10.66 47.31 -17.28
C VAL A 326 -11.90 47.84 -16.57
N ILE A 327 -12.76 46.95 -16.10
CA ILE A 327 -13.99 47.37 -15.43
C ILE A 327 -13.67 48.19 -14.19
N LYS A 328 -12.65 47.77 -13.43
CA LYS A 328 -12.36 48.44 -12.17
C LYS A 328 -11.61 49.76 -12.37
N LYS A 329 -10.70 49.84 -13.34
CA LYS A 329 -9.82 51.00 -13.48
C LYS A 329 -10.25 51.98 -14.55
N ILE A 330 -11.19 51.64 -15.43
CA ILE A 330 -11.59 52.54 -16.51
C ILE A 330 -13.10 52.75 -16.45
N TYR A 331 -13.85 51.64 -16.46
CA TYR A 331 -15.30 51.75 -16.47
C TYR A 331 -15.82 52.39 -15.19
N ALA A 332 -15.28 52.00 -14.04
CA ALA A 332 -15.71 52.60 -12.78
C ALA A 332 -15.52 54.10 -12.80
N ARG A 333 -14.39 54.56 -13.35
CA ARG A 333 -14.18 55.98 -13.54
C ARG A 333 -15.22 56.58 -14.48
N LYS A 334 -15.53 55.87 -15.56
CA LYS A 334 -16.54 56.34 -16.51
C LYS A 334 -17.91 56.39 -15.87
N LEU A 335 -18.26 55.37 -15.10
CA LEU A 335 -19.60 55.26 -14.50
C LEU A 335 -19.78 56.23 -13.33
N GLY A 336 -18.79 57.05 -13.02
CA GLY A 336 -18.91 57.98 -11.91
C GLY A 336 -19.10 57.30 -10.58
N VAL A 337 -18.29 56.29 -10.28
CA VAL A 337 -18.43 55.51 -9.06
C VAL A 337 -17.05 55.14 -8.52
N PRO A 338 -16.83 55.17 -7.21
CA PRO A 338 -15.54 54.72 -6.68
C PRO A 338 -15.30 53.24 -6.97
N GLU A 339 -14.04 52.88 -7.13
CA GLU A 339 -13.68 51.51 -7.46
C GLU A 339 -14.13 50.53 -6.38
N GLU A 340 -14.25 50.98 -5.14
CA GLU A 340 -14.60 50.08 -4.05
C GLU A 340 -16.09 49.83 -3.93
N LYS A 341 -16.92 50.49 -4.75
CA LYS A 341 -18.35 50.30 -4.73
C LYS A 341 -18.83 49.31 -5.78
N ILE A 342 -17.90 48.70 -6.53
CA ILE A 342 -18.24 47.72 -7.55
C ILE A 342 -17.90 46.34 -7.02
N PHE A 343 -18.85 45.41 -7.11
CA PHE A 343 -18.66 44.01 -6.74
C PHE A 343 -18.65 43.21 -8.04
N LEU A 344 -17.47 42.87 -8.52
CA LEU A 344 -17.31 42.19 -9.79
C LEU A 344 -17.40 40.68 -9.60
N VAL A 345 -18.44 40.08 -10.16
CA VAL A 345 -18.65 38.64 -10.13
C VAL A 345 -18.18 38.05 -11.44
N SER A 346 -17.51 36.90 -11.38
CA SER A 346 -17.03 36.21 -12.56
C SER A 346 -17.64 34.82 -12.61
N PHE A 347 -18.24 34.49 -13.76
CA PHE A 347 -18.87 33.19 -13.98
C PHE A 347 -17.96 32.40 -14.92
N MET A 348 -17.32 31.37 -14.39
CA MET A 348 -16.29 30.63 -15.10
C MET A 348 -16.56 29.14 -15.07
N PRO A 349 -16.01 28.39 -16.02
CA PRO A 349 -16.14 26.93 -15.98
C PRO A 349 -14.98 26.28 -15.24
N CYS A 350 -14.19 27.07 -14.54
CA CYS A 350 -12.87 26.67 -14.08
C CYS A 350 -12.71 26.89 -12.58
N THR A 351 -12.06 25.95 -11.92
CA THR A 351 -11.70 26.11 -10.52
C THR A 351 -10.38 26.87 -10.34
N ALA A 352 -9.50 26.81 -11.33
CA ALA A 352 -8.23 27.53 -11.24
C ALA A 352 -8.42 29.03 -11.34
N LYS A 353 -9.50 29.48 -11.97
CA LYS A 353 -9.80 30.91 -12.01
C LYS A 353 -10.11 31.45 -10.63
N LYS A 354 -10.70 30.63 -9.75
CA LYS A 354 -10.91 31.03 -8.36
C LYS A 354 -9.57 31.33 -7.71
N PHE A 355 -8.56 30.49 -7.96
CA PHE A 355 -7.23 30.75 -7.43
C PHE A 355 -6.62 31.99 -8.06
N GLU A 356 -6.81 32.17 -9.38
CA GLU A 356 -6.22 33.31 -10.06
C GLU A 356 -6.78 34.63 -9.53
N ALA A 357 -8.09 34.69 -9.28
CA ALA A 357 -8.69 35.91 -8.76
C ALA A 357 -8.16 36.29 -7.40
N GLU A 358 -7.55 35.34 -6.68
CA GLU A 358 -7.00 35.60 -5.35
C GLU A 358 -5.50 35.81 -5.36
N ARG A 359 -4.85 35.69 -6.51
CA ARG A 359 -3.40 35.88 -6.57
C ARG A 359 -3.04 37.28 -6.11
N GLU A 360 -1.91 37.38 -5.40
CA GLU A 360 -1.50 38.68 -4.88
C GLU A 360 -1.33 39.72 -5.98
N GLU A 361 -1.06 39.27 -7.21
CA GLU A 361 -0.95 40.19 -8.34
C GLU A 361 -2.31 40.65 -8.86
N HIS A 362 -3.38 39.91 -8.55
CA HIS A 362 -4.73 40.27 -8.98
C HIS A 362 -5.65 40.55 -7.80
N GLU A 363 -5.09 40.73 -6.61
CA GLU A 363 -5.90 40.87 -5.41
C GLU A 363 -6.85 42.06 -5.52
N GLY A 364 -8.15 41.79 -5.42
CA GLY A 364 -9.16 42.82 -5.35
C GLY A 364 -9.92 43.08 -6.63
N ILE A 365 -9.39 42.67 -7.79
CA ILE A 365 -10.07 42.98 -9.04
C ILE A 365 -11.38 42.22 -9.15
N VAL A 366 -11.30 40.89 -9.16
CA VAL A 366 -12.49 40.05 -9.15
C VAL A 366 -12.83 39.73 -7.71
N ASP A 367 -14.07 40.01 -7.31
CA ASP A 367 -14.45 39.82 -5.92
C ASP A 367 -14.81 38.37 -5.63
N ILE A 368 -15.52 37.71 -6.53
CA ILE A 368 -15.87 36.31 -6.37
C ILE A 368 -15.92 35.65 -7.74
N VAL A 369 -15.51 34.39 -7.78
CA VAL A 369 -15.59 33.56 -8.97
C VAL A 369 -16.55 32.43 -8.67
N LEU A 370 -17.62 32.33 -9.44
CA LEU A 370 -18.58 31.25 -9.33
C LEU A 370 -18.50 30.38 -10.57
N THR A 371 -18.60 29.07 -10.38
CA THR A 371 -18.48 28.14 -11.49
C THR A 371 -19.84 27.89 -12.14
N THR A 372 -19.81 27.15 -13.26
CA THR A 372 -21.04 26.84 -13.96
C THR A 372 -22.05 26.16 -13.03
N ARG A 373 -21.57 25.27 -12.17
CA ARG A 373 -22.47 24.60 -11.23
C ARG A 373 -23.08 25.59 -10.24
N GLU A 374 -22.32 26.58 -9.79
CA GLU A 374 -22.85 27.57 -8.86
C GLU A 374 -23.89 28.47 -9.53
N LEU A 375 -23.70 28.82 -10.80
CA LEU A 375 -24.70 29.58 -11.55
C LEU A 375 -25.95 28.75 -11.78
N ALA A 376 -25.78 27.47 -12.12
CA ALA A 376 -26.93 26.59 -12.30
C ALA A 376 -27.70 26.43 -11.00
N GLN A 377 -26.99 26.37 -9.87
CA GLN A 377 -27.65 26.31 -8.58
C GLN A 377 -28.47 27.56 -8.32
N LEU A 378 -27.92 28.73 -8.67
CA LEU A 378 -28.69 29.97 -8.51
C LEU A 378 -29.97 29.93 -9.33
N ILE A 379 -29.86 29.53 -10.60
CA ILE A 379 -31.03 29.47 -11.46
C ILE A 379 -32.07 28.49 -10.90
N LYS A 380 -31.60 27.31 -10.47
CA LYS A 380 -32.52 26.30 -9.95
C LYS A 380 -33.16 26.73 -8.64
N MET A 381 -32.39 27.42 -7.80
CA MET A 381 -32.92 27.93 -6.54
C MET A 381 -34.03 28.94 -6.80
N SER A 382 -33.88 29.75 -7.85
CA SER A 382 -34.95 30.67 -8.19
C SER A 382 -36.19 29.95 -8.73
N ARG A 383 -36.03 28.73 -9.24
CA ARG A 383 -37.12 27.95 -9.84
C ARG A 383 -37.66 28.58 -11.12
N ILE A 384 -36.91 29.51 -11.71
CA ILE A 384 -37.31 30.16 -12.94
C ILE A 384 -37.05 29.21 -14.11
N ASP A 385 -38.06 29.00 -14.93
CA ASP A 385 -37.95 28.15 -16.11
C ASP A 385 -37.07 28.85 -17.14
N ILE A 386 -35.79 28.48 -17.18
CA ILE A 386 -34.85 29.13 -18.08
C ILE A 386 -35.16 28.85 -19.54
N ASN A 387 -35.93 27.80 -19.83
CA ASN A 387 -36.32 27.49 -21.19
C ASN A 387 -37.35 28.47 -21.74
N ARG A 388 -37.90 29.34 -20.88
CA ARG A 388 -38.95 30.28 -21.27
C ARG A 388 -38.56 31.73 -20.99
N VAL A 389 -37.35 31.98 -20.47
CA VAL A 389 -36.91 33.34 -20.22
C VAL A 389 -36.63 34.03 -21.54
N GLU A 390 -37.15 35.24 -21.70
CA GLU A 390 -36.87 36.02 -22.91
C GLU A 390 -35.42 36.47 -22.89
N PRO A 391 -34.63 36.19 -23.92
CA PRO A 391 -33.23 36.62 -23.93
C PRO A 391 -33.09 38.11 -24.19
N GLN A 392 -32.05 38.69 -23.60
CA GLN A 392 -31.68 40.08 -23.85
C GLN A 392 -30.17 40.16 -23.95
N PRO A 393 -29.65 41.13 -24.69
CA PRO A 393 -28.20 41.17 -24.94
C PRO A 393 -27.42 41.62 -23.72
N PHE A 394 -26.10 41.45 -23.81
CA PHE A 394 -25.20 41.89 -22.77
C PHE A 394 -25.19 43.42 -22.70
N ASP A 395 -24.79 43.95 -21.55
CA ASP A 395 -24.72 45.38 -21.36
C ASP A 395 -23.51 45.98 -22.07
N ARG A 396 -23.65 47.23 -22.49
CA ARG A 396 -22.57 47.94 -23.15
C ARG A 396 -21.58 48.46 -22.09
N PRO A 397 -20.32 48.68 -22.47
CA PRO A 397 -19.66 48.50 -23.76
C PRO A 397 -18.80 47.23 -23.87
N TYR A 398 -19.09 46.21 -23.06
CA TYR A 398 -18.34 44.95 -23.08
C TYR A 398 -19.28 43.77 -23.30
N GLY A 399 -20.29 43.95 -24.15
CA GLY A 399 -21.27 42.92 -24.39
C GLY A 399 -21.18 42.22 -25.74
N VAL A 400 -20.14 42.48 -26.53
CA VAL A 400 -20.00 41.87 -27.84
C VAL A 400 -18.55 41.43 -28.02
N SER A 401 -18.34 40.44 -28.88
CA SER A 401 -17.01 39.94 -29.15
C SER A 401 -16.97 39.34 -30.53
N SER A 402 -15.76 39.21 -31.06
CA SER A 402 -15.56 38.49 -32.31
C SER A 402 -15.78 36.99 -32.07
N GLN A 403 -16.11 36.27 -33.13
CA GLN A 403 -16.33 34.83 -32.97
C GLN A 403 -15.09 34.15 -32.42
N ALA A 404 -13.91 34.59 -32.85
CA ALA A 404 -12.68 34.01 -32.33
C ALA A 404 -12.55 34.23 -30.83
N GLY A 405 -12.89 35.42 -30.35
CA GLY A 405 -12.82 35.68 -28.92
C GLY A 405 -13.75 34.77 -28.13
N LEU A 406 -14.93 34.49 -28.68
CA LEU A 406 -15.82 33.53 -28.05
C LEU A 406 -15.26 32.12 -28.14
N GLY A 407 -14.42 31.85 -29.13
CA GLY A 407 -13.82 30.53 -29.29
C GLY A 407 -12.81 30.16 -28.23
N PHE A 408 -12.46 31.08 -27.33
CA PHE A 408 -11.51 30.78 -26.27
C PHE A 408 -11.95 29.62 -25.40
N GLY A 409 -13.25 29.31 -25.38
CA GLY A 409 -13.78 28.31 -24.49
C GLY A 409 -13.42 26.88 -24.86
N LYS A 410 -12.86 26.66 -26.04
CA LYS A 410 -12.42 25.32 -26.43
C LYS A 410 -10.97 25.38 -26.88
N ALA A 411 -10.29 24.25 -26.75
CA ALA A 411 -8.86 24.19 -27.02
C ALA A 411 -8.55 24.68 -28.42
N GLY A 412 -7.48 25.46 -28.54
CA GLY A 412 -7.08 26.05 -29.81
C GLY A 412 -7.77 27.36 -30.12
N GLY A 413 -8.63 27.86 -29.24
CA GLY A 413 -9.34 29.09 -29.53
C GLY A 413 -8.44 30.31 -29.49
N VAL A 414 -7.57 30.39 -28.48
CA VAL A 414 -6.72 31.58 -28.34
C VAL A 414 -5.69 31.65 -29.46
N PHE A 415 -5.10 30.52 -29.84
CA PHE A 415 -4.17 30.54 -30.95
C PHE A 415 -4.87 30.90 -32.25
N SER A 416 -6.09 30.41 -32.44
CA SER A 416 -6.85 30.78 -33.62
C SER A 416 -7.14 32.28 -33.64
N CYS A 417 -7.50 32.85 -32.50
CA CYS A 417 -7.81 34.28 -32.46
C CYS A 417 -6.55 35.11 -32.68
N VAL A 418 -5.41 34.64 -32.16
CA VAL A 418 -4.15 35.31 -32.40
C VAL A 418 -3.81 35.27 -33.88
N LEU A 419 -4.02 34.12 -34.53
CA LEU A 419 -3.78 34.02 -35.96
C LEU A 419 -4.70 34.96 -36.75
N SER A 420 -5.95 35.07 -36.33
CA SER A 420 -6.87 36.00 -37.01
C SER A 420 -6.37 37.43 -36.88
N VAL A 421 -5.92 37.81 -35.68
CA VAL A 421 -5.39 39.16 -35.48
C VAL A 421 -4.19 39.39 -36.38
N LEU A 422 -3.28 38.42 -36.44
CA LEU A 422 -2.09 38.57 -37.27
C LEU A 422 -2.47 38.66 -38.75
N ASN A 423 -3.44 37.85 -39.18
CA ASN A 423 -3.86 37.90 -40.57
C ASN A 423 -4.45 39.25 -40.93
N GLU A 424 -5.26 39.81 -40.03
CA GLU A 424 -5.85 41.11 -40.29
C GLU A 424 -4.84 42.25 -40.14
N GLU A 425 -3.73 42.00 -39.44
CA GLU A 425 -2.70 43.01 -39.27
C GLU A 425 -1.62 42.92 -40.33
N ILE A 426 -1.25 41.70 -40.74
CA ILE A 426 -0.24 41.46 -41.77
C ILE A 426 -0.79 40.58 -42.88
N GLY A 427 -1.34 39.43 -42.53
CA GLY A 427 -1.86 38.49 -43.50
C GLY A 427 -1.12 37.17 -43.46
N ILE A 428 -1.86 36.06 -43.54
CA ILE A 428 -1.28 34.72 -43.47
C ILE A 428 -1.43 34.08 -44.84
N GLU A 429 -0.30 33.76 -45.45
CA GLU A 429 -0.34 33.11 -46.76
C GLU A 429 -0.99 31.74 -46.66
N LYS A 430 -0.56 30.93 -45.71
CA LYS A 430 -1.09 29.57 -45.56
C LYS A 430 -0.79 29.05 -44.17
N VAL A 431 -1.54 28.03 -43.78
CA VAL A 431 -1.38 27.36 -42.49
C VAL A 431 -1.48 25.86 -42.74
N ASP A 432 -0.54 25.10 -42.17
CA ASP A 432 -0.49 23.66 -42.34
C ASP A 432 -0.68 23.02 -40.96
N VAL A 433 -1.88 22.52 -40.70
CA VAL A 433 -2.23 21.96 -39.39
C VAL A 433 -1.91 20.47 -39.38
N LYS A 434 -1.18 20.03 -38.37
CA LYS A 434 -0.86 18.63 -38.17
C LYS A 434 -1.39 18.16 -36.81
N SER A 435 -1.40 16.84 -36.63
CA SER A 435 -1.86 16.21 -35.39
C SER A 435 -0.81 15.19 -34.94
N PRO A 436 0.25 15.65 -34.28
CA PRO A 436 1.27 14.69 -33.82
C PRO A 436 0.71 13.60 -32.93
N GLU A 437 -0.25 13.92 -32.07
CA GLU A 437 -0.86 12.93 -31.19
C GLU A 437 -2.29 13.39 -30.86
N ASP A 438 -2.89 12.75 -29.86
CA ASP A 438 -4.31 12.94 -29.59
C ASP A 438 -4.64 14.39 -29.26
N GLY A 439 -3.93 14.98 -28.29
CA GLY A 439 -4.27 16.32 -27.84
C GLY A 439 -3.23 17.37 -28.20
N ILE A 440 -2.58 17.22 -29.35
CA ILE A 440 -1.55 18.16 -29.79
C ILE A 440 -1.74 18.44 -31.27
N ARG A 441 -1.69 19.71 -31.64
CA ARG A 441 -1.78 20.15 -33.03
C ARG A 441 -0.71 21.21 -33.28
N VAL A 442 0.05 21.04 -34.35
CA VAL A 442 1.13 21.95 -34.72
C VAL A 442 0.81 22.57 -36.08
N ALA A 443 0.88 23.90 -36.16
CA ALA A 443 0.57 24.63 -37.37
C ALA A 443 1.79 25.38 -37.85
N GLU A 444 2.10 25.27 -39.13
CA GLU A 444 3.18 26.02 -39.77
C GLU A 444 2.55 27.21 -40.48
N VAL A 445 2.95 28.41 -40.08
CA VAL A 445 2.31 29.65 -40.53
C VAL A 445 3.32 30.50 -41.28
N THR A 446 2.91 31.03 -42.43
CA THR A 446 3.73 31.92 -43.24
C THR A 446 3.03 33.26 -43.36
N LEU A 447 3.77 34.33 -43.05
CA LEU A 447 3.25 35.68 -43.18
C LEU A 447 3.48 36.18 -44.60
N LYS A 448 2.95 37.36 -44.91
CA LYS A 448 3.17 37.95 -46.22
C LYS A 448 4.63 38.33 -46.41
N ASP A 449 5.22 38.96 -45.40
CA ASP A 449 6.62 39.42 -45.45
C ASP A 449 7.57 38.37 -44.87
N GLY A 450 7.49 37.14 -45.40
CA GLY A 450 8.36 36.09 -44.90
C GLY A 450 8.11 35.81 -43.42
N THR A 451 9.18 35.47 -42.72
CA THR A 451 9.15 35.23 -41.28
C THR A 451 8.03 34.26 -40.90
N SER A 452 8.15 33.04 -41.41
CA SER A 452 7.24 31.98 -41.01
C SER A 452 7.54 31.51 -39.59
N PHE A 453 6.58 30.83 -38.98
CA PHE A 453 6.75 30.32 -37.64
C PHE A 453 5.84 29.12 -37.43
N LYS A 454 6.11 28.37 -36.38
CA LYS A 454 5.35 27.19 -36.01
C LYS A 454 4.69 27.41 -34.65
N GLY A 455 3.39 27.14 -34.58
CA GLY A 455 2.66 27.22 -33.34
C GLY A 455 2.11 25.86 -32.95
N ALA A 456 1.85 25.65 -31.66
CA ALA A 456 1.38 24.37 -31.18
C ALA A 456 0.21 24.58 -30.22
N VAL A 457 -0.78 23.69 -30.31
CA VAL A 457 -1.94 23.70 -29.44
C VAL A 457 -1.91 22.41 -28.65
N ILE A 458 -1.68 22.51 -27.34
CA ILE A 458 -1.65 21.37 -26.44
C ILE A 458 -2.77 21.54 -25.42
N TYR A 459 -3.73 20.63 -25.44
CA TYR A 459 -4.76 20.57 -24.41
C TYR A 459 -4.60 19.29 -23.62
N GLY A 460 -4.72 19.41 -22.30
CA GLY A 460 -4.49 18.31 -21.39
C GLY A 460 -3.12 18.43 -20.77
N LEU A 461 -3.06 18.94 -19.55
CA LEU A 461 -1.77 19.04 -18.86
C LEU A 461 -1.22 17.64 -18.68
N GLY A 462 0.09 17.49 -18.83
CA GLY A 462 0.74 16.19 -18.82
C GLY A 462 1.24 15.77 -20.18
N LYS A 463 0.55 16.18 -21.25
CA LYS A 463 1.12 16.10 -22.58
C LYS A 463 2.22 17.12 -22.79
N VAL A 464 2.35 18.07 -21.87
CA VAL A 464 3.32 19.15 -22.02
C VAL A 464 4.74 18.64 -21.85
N LYS A 465 4.97 17.75 -20.87
CA LYS A 465 6.34 17.35 -20.57
C LYS A 465 7.03 16.74 -21.78
N LYS A 466 6.41 15.74 -22.40
CA LYS A 466 7.03 15.11 -23.56
C LYS A 466 7.16 16.08 -24.72
N PHE A 467 6.13 16.89 -24.97
CA PHE A 467 6.19 17.82 -26.09
C PHE A 467 7.34 18.80 -25.93
N LEU A 468 7.50 19.37 -24.74
CA LEU A 468 8.57 20.33 -24.52
C LEU A 468 9.93 19.64 -24.49
N GLU A 469 9.98 18.37 -24.11
CA GLU A 469 11.25 17.65 -24.12
C GLU A 469 11.70 17.34 -25.54
N GLU A 470 10.76 16.95 -26.40
CA GLU A 470 11.07 16.35 -27.69
C GLU A 470 10.93 17.32 -28.86
N ARG A 471 10.79 18.62 -28.60
CA ARG A 471 10.63 19.58 -29.69
C ARG A 471 11.20 20.93 -29.29
N LYS A 472 11.81 21.60 -30.26
CA LYS A 472 12.40 22.92 -30.05
C LYS A 472 12.17 23.90 -31.19
N ASP A 473 11.33 23.56 -32.16
CA ASP A 473 11.12 24.42 -33.33
C ASP A 473 9.86 25.27 -33.24
N VAL A 474 8.91 24.95 -32.35
CA VAL A 474 7.72 25.77 -32.21
C VAL A 474 8.09 27.13 -31.64
N GLU A 475 7.39 28.17 -32.10
CA GLU A 475 7.63 29.53 -31.63
C GLU A 475 6.60 30.00 -30.62
N ILE A 476 5.36 29.50 -30.72
CA ILE A 476 4.30 29.85 -29.77
C ILE A 476 3.59 28.56 -29.38
N ILE A 477 3.41 28.33 -28.09
CA ILE A 477 2.77 27.14 -27.57
C ILE A 477 1.55 27.54 -26.76
N GLU A 478 0.44 26.87 -27.00
CA GLU A 478 -0.85 27.17 -26.38
C GLU A 478 -1.22 25.99 -25.49
N VAL A 479 -1.16 26.18 -24.18
CA VAL A 479 -1.36 25.11 -23.21
C VAL A 479 -2.68 25.35 -22.47
N MET A 480 -3.57 24.37 -22.55
CA MET A 480 -4.79 24.32 -21.76
C MET A 480 -4.73 23.10 -20.85
N ALA A 481 -4.92 23.32 -19.55
CA ALA A 481 -4.75 22.25 -18.59
C ALA A 481 -5.78 21.14 -18.76
N CYS A 482 -7.00 21.48 -19.16
CA CYS A 482 -8.07 20.51 -19.26
C CYS A 482 -8.23 19.98 -20.68
N ASN A 483 -8.63 18.71 -20.78
CA ASN A 483 -8.91 18.12 -22.07
C ASN A 483 -10.05 18.86 -22.76
N TYR A 484 -9.89 19.15 -24.04
CA TYR A 484 -10.83 19.91 -24.85
C TYR A 484 -10.86 21.38 -24.47
N GLY A 485 -9.96 21.82 -23.60
CA GLY A 485 -9.97 23.21 -23.19
C GLY A 485 -10.97 23.47 -22.07
N CYS A 486 -11.54 24.67 -22.09
CA CYS A 486 -12.38 25.11 -20.99
C CYS A 486 -13.77 24.49 -21.01
N VAL A 487 -14.20 23.91 -22.12
CA VAL A 487 -15.49 23.22 -22.12
C VAL A 487 -15.43 21.98 -21.22
N GLY A 488 -14.24 21.52 -20.87
CA GLY A 488 -14.10 20.42 -19.93
C GLY A 488 -13.45 20.88 -18.65
N GLY A 489 -13.77 22.08 -18.20
CA GLY A 489 -13.19 22.63 -17.00
C GLY A 489 -13.69 21.94 -15.74
N GLY A 490 -12.97 22.19 -14.65
CA GLY A 490 -13.29 21.52 -13.39
C GLY A 490 -14.59 21.98 -12.78
N GLY A 491 -15.04 23.18 -13.10
CA GLY A 491 -16.30 23.71 -12.60
C GLY A 491 -17.50 23.42 -13.46
N GLN A 492 -17.35 22.58 -14.48
CA GLN A 492 -18.42 22.31 -15.42
C GLN A 492 -19.43 21.31 -14.85
N PRO A 493 -20.60 21.21 -15.45
CA PRO A 493 -21.62 20.29 -14.95
C PRO A 493 -21.13 18.84 -14.91
N TYR A 494 -21.60 18.11 -13.92
CA TYR A 494 -21.26 16.69 -13.73
C TYR A 494 -22.36 15.81 -14.31
N PRO A 495 -22.02 14.68 -14.98
CA PRO A 495 -20.68 14.17 -15.28
C PRO A 495 -19.95 14.95 -16.37
N ASN A 496 -18.62 14.90 -16.32
CA ASN A 496 -17.73 15.64 -17.22
C ASN A 496 -16.85 14.62 -17.93
N ASP A 497 -17.33 14.06 -19.03
CA ASP A 497 -16.60 13.03 -19.77
C ASP A 497 -16.36 13.51 -21.20
N SER A 498 -15.67 12.66 -21.97
CA SER A 498 -15.20 13.06 -23.30
C SER A 498 -16.36 13.34 -24.25
N ARG A 499 -17.40 12.51 -24.24
CA ARG A 499 -18.51 12.75 -25.16
C ARG A 499 -19.27 14.01 -24.77
N ILE A 500 -19.45 14.24 -23.47
CA ILE A 500 -20.03 15.49 -22.99
C ILE A 500 -19.20 16.68 -23.47
N ARG A 501 -17.88 16.59 -23.36
CA ARG A 501 -17.03 17.71 -23.74
C ARG A 501 -17.06 17.93 -25.25
N GLU A 502 -17.12 16.86 -26.04
CA GLU A 502 -17.25 17.01 -27.48
C GLU A 502 -18.55 17.70 -27.84
N HIS A 503 -19.64 17.31 -27.17
CA HIS A 503 -20.92 17.96 -27.41
C HIS A 503 -20.87 19.44 -27.01
N ARG A 504 -20.21 19.73 -25.89
CA ARG A 504 -20.06 21.13 -25.48
C ARG A 504 -19.29 21.93 -26.52
N ALA A 505 -18.23 21.34 -27.07
CA ALA A 505 -17.47 22.02 -28.11
C ALA A 505 -18.32 22.26 -29.35
N LYS A 506 -19.16 21.28 -29.70
CA LYS A 506 -20.07 21.48 -30.83
C LYS A 506 -21.06 22.61 -30.56
N VAL A 507 -21.58 22.69 -29.34
CA VAL A 507 -22.50 23.77 -28.99
C VAL A 507 -21.79 25.11 -29.07
N LEU A 508 -20.56 25.19 -28.57
CA LEU A 508 -19.80 26.43 -28.64
C LEU A 508 -19.52 26.81 -30.09
N ARG A 509 -19.21 25.83 -30.94
CA ARG A 509 -18.98 26.10 -32.35
C ARG A 509 -20.25 26.64 -33.01
N ASP A 510 -21.41 26.07 -32.67
CA ASP A 510 -22.66 26.62 -33.18
C ASP A 510 -22.86 28.06 -32.73
N THR A 511 -22.59 28.34 -31.46
CA THR A 511 -22.74 29.71 -30.97
C THR A 511 -21.77 30.67 -31.64
N MET A 512 -20.57 30.20 -31.98
CA MET A 512 -19.63 30.99 -32.76
C MET A 512 -20.20 31.29 -34.15
N GLY A 513 -20.79 30.29 -34.78
CA GLY A 513 -21.24 30.43 -36.17
C GLY A 513 -22.23 31.55 -36.39
N ILE A 514 -22.95 32.00 -35.37
CA ILE A 514 -23.97 33.02 -35.52
C ILE A 514 -23.43 34.42 -35.26
N LYS A 515 -22.14 34.55 -34.90
CA LYS A 515 -21.57 35.84 -34.59
C LYS A 515 -21.15 36.55 -35.86
N SER A 516 -21.59 37.81 -36.02
CA SER A 516 -21.28 38.55 -37.23
C SER A 516 -19.83 39.01 -37.28
N LEU A 517 -19.30 39.52 -36.17
CA LEU A 517 -17.91 39.96 -36.15
C LEU A 517 -16.98 38.78 -36.35
N LEU A 518 -15.86 39.03 -37.03
CA LEU A 518 -14.91 37.98 -37.40
C LEU A 518 -13.59 38.07 -36.65
N THR A 519 -13.08 39.28 -36.45
CA THR A 519 -11.77 39.49 -35.85
C THR A 519 -11.86 40.56 -34.77
N PRO A 520 -10.94 40.55 -33.80
CA PRO A 520 -10.99 41.58 -32.75
C PRO A 520 -10.95 43.00 -33.28
N VAL A 521 -10.21 43.28 -34.35
CA VAL A 521 -10.15 44.64 -34.85
C VAL A 521 -11.53 45.11 -35.32
N GLU A 522 -12.36 44.18 -35.81
CA GLU A 522 -13.71 44.55 -36.22
C GLU A 522 -14.58 44.93 -35.04
N ASN A 523 -14.16 44.62 -33.81
CA ASN A 523 -14.89 45.00 -32.61
C ASN A 523 -14.69 46.49 -32.37
N LEU A 524 -15.73 47.28 -32.64
CA LEU A 524 -15.61 48.73 -32.51
C LEU A 524 -15.47 49.18 -31.07
N PHE A 525 -16.06 48.45 -30.13
CA PHE A 525 -15.93 48.81 -28.72
C PHE A 525 -14.51 48.58 -28.22
N LEU A 526 -13.88 47.48 -28.66
CA LEU A 526 -12.49 47.24 -28.29
C LEU A 526 -11.58 48.33 -28.82
N MET A 527 -11.78 48.72 -30.08
CA MET A 527 -10.96 49.79 -30.65
C MET A 527 -11.23 51.11 -29.96
N LYS A 528 -12.48 51.37 -29.58
CA LYS A 528 -12.77 52.59 -28.84
C LYS A 528 -12.05 52.59 -27.50
N LEU A 529 -12.08 51.46 -26.80
CA LEU A 529 -11.36 51.35 -25.52
C LEU A 529 -9.88 51.63 -25.72
N TYR A 530 -9.29 51.06 -26.76
CA TYR A 530 -7.87 51.30 -27.03
C TYR A 530 -7.61 52.77 -27.30
N GLU A 531 -8.38 53.37 -28.19
CA GLU A 531 -8.13 54.75 -28.58
C GLU A 531 -8.42 55.73 -27.46
N GLU A 532 -9.22 55.34 -26.46
CA GLU A 532 -9.62 56.26 -25.41
C GLU A 532 -8.80 56.09 -24.13
N ASP A 533 -8.78 54.88 -23.54
CA ASP A 533 -8.17 54.70 -22.23
C ASP A 533 -6.94 53.80 -22.24
N LEU A 534 -6.49 53.33 -23.39
CA LEU A 534 -5.34 52.43 -23.48
C LEU A 534 -4.43 52.87 -24.63
N LYS A 535 -4.10 54.16 -24.68
CA LYS A 535 -3.30 54.70 -25.77
C LYS A 535 -1.84 54.25 -25.70
N ASP A 536 -1.14 54.66 -24.66
CA ASP A 536 0.29 54.45 -24.56
C ASP A 536 0.61 53.12 -23.89
N GLU A 537 1.85 52.66 -24.07
CA GLU A 537 2.26 51.38 -23.50
C GLU A 537 2.26 51.38 -21.98
N HIS A 538 2.24 52.56 -21.36
CA HIS A 538 2.26 52.63 -19.90
C HIS A 538 0.96 52.12 -19.30
N THR A 539 -0.16 52.76 -19.66
CA THR A 539 -1.45 52.29 -19.18
C THR A 539 -1.75 50.88 -19.70
N ARG A 540 -1.32 50.59 -20.93
CA ARG A 540 -1.53 49.25 -21.47
C ARG A 540 -0.83 48.21 -20.61
N HIS A 541 0.41 48.47 -20.21
CA HIS A 541 1.11 47.53 -19.33
C HIS A 541 0.47 47.48 -17.95
N GLU A 542 0.02 48.63 -17.44
CA GLU A 542 -0.53 48.65 -16.09
C GLU A 542 -1.86 47.90 -16.01
N ILE A 543 -2.63 47.89 -17.09
CA ILE A 543 -3.97 47.29 -17.08
C ILE A 543 -3.96 45.88 -17.64
N LEU A 544 -3.15 45.61 -18.66
CA LEU A 544 -3.24 44.37 -19.42
C LEU A 544 -2.09 43.40 -19.19
N HIS A 545 -1.20 43.66 -18.24
CA HIS A 545 -0.02 42.83 -18.09
C HIS A 545 0.25 42.51 -16.62
N THR A 546 0.79 41.32 -16.40
CA THR A 546 1.10 40.80 -15.07
C THR A 546 2.47 40.13 -15.11
N THR A 547 3.01 39.85 -13.92
CA THR A 547 4.30 39.20 -13.79
C THR A 547 4.13 37.84 -13.12
N TYR A 548 5.16 37.00 -13.26
CA TYR A 548 5.15 35.65 -12.72
C TYR A 548 6.40 35.42 -11.88
N ARG A 549 6.24 34.70 -10.79
CA ARG A 549 7.32 34.38 -9.88
C ARG A 549 7.34 32.88 -9.62
N PRO A 550 8.51 32.30 -9.37
CA PRO A 550 8.59 30.85 -9.16
C PRO A 550 7.96 30.41 -7.85
N ARG A 551 7.63 29.12 -7.80
CA ARG A 551 7.03 28.50 -6.63
C ARG A 551 7.85 27.27 -6.26
N ARG A 552 8.19 27.15 -4.97
CA ARG A 552 8.91 25.99 -4.48
C ARG A 552 8.64 25.81 -3.00
N ARG A 553 8.85 24.59 -2.54
CA ARG A 553 8.68 24.22 -1.13
C ARG A 553 10.05 24.06 -0.48
N TYR A 554 10.11 24.34 0.81
CA TYR A 554 11.36 24.24 1.57
C TYR A 554 11.09 23.91 3.03
N MET B 1 36.66 -24.59 -11.49
CA MET B 1 35.64 -23.87 -10.68
C MET B 1 35.15 -22.64 -11.43
N PHE B 2 35.96 -22.18 -12.38
CA PHE B 2 35.65 -20.97 -13.13
C PHE B 2 34.94 -21.28 -14.44
N LYS B 3 35.59 -22.04 -15.33
CA LYS B 3 35.04 -22.28 -16.66
C LYS B 3 35.27 -23.71 -17.13
N ASN B 4 35.27 -24.67 -16.22
CA ASN B 4 35.43 -26.07 -16.61
C ASN B 4 35.10 -26.95 -15.43
N ALA B 5 34.36 -28.03 -15.70
CA ALA B 5 33.93 -28.92 -14.62
C ALA B 5 35.10 -29.66 -13.97
N LYS B 6 36.15 -29.98 -14.75
CA LYS B 6 37.28 -30.69 -14.17
C LYS B 6 37.94 -29.86 -13.07
N GLU B 7 38.21 -28.59 -13.34
CA GLU B 7 38.81 -27.73 -12.33
C GLU B 7 37.93 -27.65 -11.10
N PHE B 8 36.61 -27.53 -11.31
CA PHE B 8 35.69 -27.54 -10.19
C PHE B 8 35.83 -28.82 -9.38
N VAL B 9 36.04 -29.95 -10.07
CA VAL B 9 36.18 -31.23 -9.38
C VAL B 9 37.43 -31.23 -8.51
N GLN B 10 38.57 -30.77 -9.04
CA GLN B 10 39.76 -30.73 -8.19
C GLN B 10 39.56 -29.78 -7.00
N TYR B 11 38.96 -28.62 -7.24
CA TYR B 11 38.73 -27.68 -6.14
C TYR B 11 37.85 -28.31 -5.08
N ALA B 12 36.77 -28.97 -5.50
CA ALA B 12 35.87 -29.60 -4.54
C ALA B 12 36.57 -30.70 -3.76
N ASN B 13 37.37 -31.51 -4.43
CA ASN B 13 38.07 -32.60 -3.73
C ASN B 13 39.06 -32.05 -2.71
N LYS B 14 39.77 -30.97 -3.06
CA LYS B 14 40.69 -30.36 -2.10
C LYS B 14 39.92 -29.84 -0.89
N LEU B 15 38.78 -29.17 -1.14
CA LEU B 15 37.97 -28.68 -0.03
C LEU B 15 37.43 -29.84 0.81
N LYS B 16 37.09 -30.96 0.16
CA LYS B 16 36.63 -32.13 0.90
C LYS B 16 37.71 -32.65 1.82
N THR B 17 38.95 -32.71 1.32
CA THR B 17 40.05 -33.16 2.17
C THR B 17 40.26 -32.22 3.34
N LEU B 18 40.17 -30.91 3.10
CA LEU B 18 40.27 -29.96 4.21
C LEU B 18 39.15 -30.17 5.21
N ARG B 19 37.93 -30.44 4.73
CA ARG B 19 36.83 -30.70 5.65
C ARG B 19 37.07 -31.96 6.47
N GLU B 20 37.61 -33.00 5.83
CA GLU B 20 37.93 -34.22 6.59
C GLU B 20 38.97 -33.93 7.66
N LYS B 21 40.01 -33.16 7.31
CA LYS B 21 41.02 -32.80 8.30
C LYS B 21 40.40 -32.04 9.45
N LYS B 22 39.52 -31.08 9.15
CA LYS B 22 38.86 -30.31 10.20
C LYS B 22 37.96 -31.19 11.06
N LEU B 23 37.27 -32.16 10.45
CA LEU B 23 36.46 -33.09 11.22
C LEU B 23 37.33 -33.90 12.17
N ASN B 24 38.49 -34.36 11.70
CA ASN B 24 39.41 -35.06 12.59
C ASN B 24 39.93 -34.14 13.69
N GLY B 25 40.29 -32.91 13.32
CA GLY B 25 40.82 -31.98 14.30
C GLY B 25 39.74 -31.43 15.22
N VAL B 26 40.21 -30.81 16.31
CA VAL B 26 39.32 -30.27 17.33
C VAL B 26 38.76 -28.94 16.84
N SER B 27 37.43 -28.86 16.69
CA SER B 27 36.76 -27.68 16.18
C SER B 27 35.57 -27.34 17.05
N ILE B 28 35.31 -26.04 17.18
CA ILE B 28 34.18 -25.53 17.95
C ILE B 28 33.13 -25.04 16.96
N TYR B 29 31.88 -25.45 17.18
CA TYR B 29 30.76 -25.05 16.33
C TYR B 29 29.68 -24.43 17.20
N VAL B 30 29.52 -23.11 17.08
CA VAL B 30 28.55 -22.36 17.86
C VAL B 30 27.34 -22.07 17.00
N CYS B 31 26.15 -22.38 17.51
CA CYS B 31 24.91 -22.09 16.81
C CYS B 31 24.60 -20.61 16.95
N VAL B 32 24.87 -19.85 15.90
CA VAL B 32 24.63 -18.41 15.89
C VAL B 32 23.31 -18.06 15.19
N GLY B 33 22.42 -19.04 15.03
CA GLY B 33 21.14 -18.77 14.41
C GLY B 33 20.21 -18.02 15.32
N THR B 34 19.11 -17.53 14.74
CA THR B 34 18.09 -16.87 15.55
C THR B 34 17.49 -17.88 16.52
N GLY B 35 17.25 -17.43 17.75
CA GLY B 35 16.78 -18.31 18.79
C GLY B 35 17.90 -18.63 19.75
N CYS B 36 19.11 -18.77 19.23
CA CYS B 36 20.31 -18.93 20.05
C CYS B 36 21.05 -17.61 20.26
N THR B 37 21.00 -16.70 19.29
CA THR B 37 21.54 -15.36 19.51
C THR B 37 20.73 -14.62 20.56
N ALA B 38 19.41 -14.78 20.55
CA ALA B 38 18.57 -14.15 21.55
C ALA B 38 18.88 -14.66 22.96
N LYS B 39 19.57 -15.78 23.06
CA LYS B 39 19.96 -16.34 24.35
C LYS B 39 21.43 -16.14 24.67
N GLY B 40 22.19 -15.53 23.77
CA GLY B 40 23.58 -15.20 24.05
C GLY B 40 24.60 -16.00 23.25
N ALA B 41 24.25 -16.37 22.02
CA ALA B 41 25.18 -17.15 21.20
C ALA B 41 26.37 -16.32 20.76
N LEU B 42 26.15 -15.05 20.41
CA LEU B 42 27.25 -14.20 19.97
C LEU B 42 28.27 -14.01 21.08
N LYS B 43 27.79 -13.81 22.31
CA LYS B 43 28.69 -13.62 23.44
C LYS B 43 29.47 -14.90 23.73
N VAL B 44 28.84 -16.06 23.56
CA VAL B 44 29.56 -17.32 23.75
C VAL B 44 30.62 -17.50 22.67
N TYR B 45 30.30 -17.12 21.43
CA TYR B 45 31.30 -17.19 20.36
C TYR B 45 32.48 -16.27 20.67
N SER B 46 32.20 -15.07 21.15
CA SER B 46 33.27 -14.16 21.53
C SER B 46 34.08 -14.72 22.69
N ALA B 47 33.42 -15.38 23.64
CA ALA B 47 34.13 -15.99 24.76
C ALA B 47 35.08 -17.07 24.27
N PHE B 48 34.61 -17.94 23.38
CA PHE B 48 35.50 -18.94 22.80
C PHE B 48 36.67 -18.28 22.08
N GLU B 49 36.39 -17.24 21.29
CA GLU B 49 37.46 -16.61 20.52
C GLU B 49 38.50 -15.98 21.43
N GLU B 50 38.05 -15.25 22.46
CA GLU B 50 38.99 -14.60 23.36
C GLU B 50 39.80 -15.63 24.15
N GLU B 51 39.17 -16.72 24.61
CA GLU B 51 39.92 -17.71 25.36
C GLU B 51 40.91 -18.44 24.47
N LEU B 52 40.51 -18.74 23.23
CA LEU B 52 41.42 -19.42 22.32
C LEU B 52 42.64 -18.55 22.00
N LYS B 53 42.41 -17.26 21.70
CA LYS B 53 43.54 -16.39 21.43
C LYS B 53 44.39 -16.14 22.67
N LYS B 54 43.75 -16.03 23.84
CA LYS B 54 44.48 -15.75 25.07
C LYS B 54 45.42 -16.89 25.43
N ARG B 55 44.97 -18.13 25.26
CA ARG B 55 45.81 -19.30 25.48
C ARG B 55 46.63 -19.68 24.26
N ASN B 56 46.44 -18.98 23.14
CA ASN B 56 47.19 -19.27 21.91
C ASN B 56 46.99 -20.71 21.46
N LEU B 57 45.75 -21.18 21.54
CA LEU B 57 45.42 -22.55 21.14
C LEU B 57 44.66 -22.53 19.81
N LYS B 70 45.66 -24.83 16.50
CA LYS B 70 44.97 -24.82 15.21
C LYS B 70 43.52 -25.25 15.36
N VAL B 71 42.98 -25.12 16.56
CA VAL B 71 41.58 -25.44 16.79
C VAL B 71 40.73 -24.41 16.08
N THR B 72 39.77 -24.88 15.28
CA THR B 72 38.99 -24.02 14.40
C THR B 72 37.68 -23.65 15.08
N LEU B 73 37.36 -22.36 15.06
CA LEU B 73 36.11 -21.82 15.60
C LEU B 73 35.24 -21.39 14.43
N ASN B 74 34.10 -22.06 14.26
CA ASN B 74 33.22 -21.83 13.12
C ASN B 74 31.80 -21.55 13.60
N ARG B 75 31.13 -20.61 12.92
CA ARG B 75 29.73 -20.33 13.18
C ARG B 75 28.86 -21.25 12.35
N THR B 76 27.89 -21.91 12.99
CA THR B 76 26.96 -22.79 12.30
C THR B 76 25.53 -22.29 12.49
N GLY B 77 24.62 -22.89 11.74
CA GLY B 77 23.22 -22.51 11.77
C GLY B 77 22.42 -23.29 12.79
N CYS B 78 21.10 -23.16 12.70
CA CYS B 78 20.21 -23.79 13.66
C CYS B 78 20.37 -25.30 13.63
N CYS B 79 20.27 -25.92 14.82
CA CYS B 79 20.37 -27.37 14.95
C CYS B 79 19.06 -28.01 15.37
N GLY B 80 17.98 -27.25 15.49
CA GLY B 80 16.69 -27.79 15.84
C GLY B 80 16.40 -27.90 17.33
N ARG B 81 17.25 -27.35 18.18
CA ARG B 81 17.03 -27.33 19.62
C ARG B 81 17.14 -25.91 20.14
N CYS B 82 16.49 -24.98 19.45
CA CYS B 82 16.59 -23.57 19.81
C CYS B 82 16.19 -23.32 21.26
N SER B 83 15.26 -24.13 21.78
CA SER B 83 14.82 -23.96 23.16
C SER B 83 15.88 -24.39 24.17
N SER B 84 16.96 -25.01 23.73
CA SER B 84 17.99 -25.55 24.63
C SER B 84 19.22 -24.64 24.71
N GLY B 85 19.01 -23.33 24.68
CA GLY B 85 20.09 -22.38 24.85
C GLY B 85 21.04 -22.38 23.68
N PRO B 86 22.16 -21.68 23.80
CA PRO B 86 23.19 -21.77 22.76
C PRO B 86 23.75 -23.18 22.66
N LEU B 87 24.11 -23.57 21.44
CA LEU B 87 24.58 -24.92 21.16
C LEU B 87 26.04 -24.87 20.74
N VAL B 88 26.84 -25.76 21.32
CA VAL B 88 28.25 -25.91 20.97
C VAL B 88 28.51 -27.38 20.70
N LYS B 89 29.25 -27.66 19.63
CA LYS B 89 29.54 -29.03 19.23
C LYS B 89 31.05 -29.21 19.07
N ILE B 90 31.62 -30.15 19.82
CA ILE B 90 33.03 -30.48 19.75
C ILE B 90 33.20 -31.57 18.70
N MET B 91 34.02 -31.31 17.70
CA MET B 91 33.98 -32.14 16.50
C MET B 91 34.54 -33.54 16.69
N PRO B 92 35.82 -33.73 17.05
CA PRO B 92 36.32 -35.11 17.19
C PRO B 92 35.50 -35.94 18.15
N TYR B 93 34.89 -35.29 19.14
CA TYR B 93 34.07 -35.95 20.15
C TYR B 93 32.76 -35.16 20.21
N ARG B 94 31.80 -35.53 19.39
CA ARG B 94 30.54 -34.80 19.33
C ARG B 94 29.81 -34.91 20.67
N PHE B 95 29.64 -33.78 21.34
CA PHE B 95 29.01 -33.73 22.64
C PHE B 95 27.74 -32.89 22.68
N PHE B 96 27.63 -31.86 21.86
CA PHE B 96 26.44 -31.01 21.80
C PHE B 96 26.10 -30.46 23.18
N TYR B 97 27.01 -29.62 23.68
CA TYR B 97 26.73 -28.88 24.90
C TYR B 97 25.53 -27.96 24.67
N SER B 98 24.67 -27.85 25.69
CA SER B 98 23.45 -27.07 25.59
C SER B 98 23.33 -26.16 26.80
N ASN B 99 22.41 -25.21 26.71
CA ASN B 99 22.21 -24.19 27.74
C ASN B 99 23.55 -23.64 28.20
N VAL B 100 24.48 -23.50 27.25
CA VAL B 100 25.81 -23.01 27.56
C VAL B 100 25.72 -21.59 28.09
N ALA B 101 26.71 -21.18 28.87
CA ALA B 101 26.80 -19.83 29.39
C ALA B 101 28.20 -19.28 29.12
N PRO B 102 28.36 -17.95 29.07
CA PRO B 102 29.70 -17.39 28.89
C PRO B 102 30.55 -17.47 30.15
N GLU B 103 29.95 -17.74 31.31
CA GLU B 103 30.70 -17.87 32.55
C GLU B 103 31.33 -19.25 32.71
N ASP B 104 30.90 -20.24 31.92
CA ASP B 104 31.47 -21.58 31.98
C ASP B 104 32.31 -21.90 30.75
N VAL B 105 32.53 -20.91 29.87
CA VAL B 105 33.35 -21.15 28.68
C VAL B 105 34.74 -21.66 29.03
N PRO B 106 35.47 -21.07 29.98
CA PRO B 106 36.81 -21.60 30.29
C PRO B 106 36.80 -23.05 30.75
N GLU B 107 35.77 -23.45 31.50
CA GLU B 107 35.65 -24.84 31.89
C GLU B 107 35.50 -25.73 30.66
N ILE B 108 34.64 -25.32 29.72
CA ILE B 108 34.47 -26.09 28.49
C ILE B 108 35.80 -26.23 27.78
N VAL B 109 36.50 -25.11 27.59
CA VAL B 109 37.78 -25.13 26.90
C VAL B 109 38.71 -26.13 27.57
N ASP B 110 39.04 -25.88 28.83
CA ASP B 110 40.09 -26.67 29.49
C ASP B 110 39.71 -28.14 29.58
N ARG B 111 38.45 -28.46 29.89
CA ARG B 111 38.08 -29.83 30.15
C ARG B 111 37.69 -30.63 28.90
N THR B 112 37.45 -29.98 27.76
CA THR B 112 37.05 -30.73 26.57
C THR B 112 37.97 -30.54 25.38
N VAL B 113 38.44 -29.31 25.13
CA VAL B 113 39.27 -29.08 23.95
C VAL B 113 40.56 -29.90 24.03
N LEU B 114 41.18 -29.92 25.21
CA LEU B 114 42.45 -30.61 25.41
C LEU B 114 42.29 -31.96 26.07
N LYS B 115 41.70 -32.00 27.27
CA LYS B 115 41.55 -33.27 27.99
C LYS B 115 40.55 -34.19 27.29
N GLY B 116 39.44 -33.63 26.80
CA GLY B 116 38.43 -34.43 26.14
C GLY B 116 37.45 -35.12 27.06
N GLU B 117 37.46 -34.81 28.35
CA GLU B 117 36.53 -35.44 29.27
C GLU B 117 35.17 -34.74 29.18
N PRO B 118 34.08 -35.47 28.92
CA PRO B 118 32.78 -34.81 28.76
C PRO B 118 32.35 -34.09 30.03
N ILE B 119 31.70 -32.94 29.84
CA ILE B 119 31.05 -32.20 30.92
C ILE B 119 29.60 -32.63 30.94
N GLU B 120 29.25 -33.45 31.93
CA GLU B 120 27.93 -34.09 31.94
C GLU B 120 26.81 -33.06 32.05
N ARG B 121 26.95 -32.07 32.92
CA ARG B 121 25.83 -31.19 33.24
C ARG B 121 25.40 -30.32 32.07
N LEU B 122 26.29 -30.04 31.11
CA LEU B 122 25.96 -29.22 29.94
C LEU B 122 25.36 -30.05 28.79
N PHE B 123 24.86 -31.24 29.07
CA PHE B 123 24.36 -32.12 28.02
C PHE B 123 22.87 -31.89 27.82
N LEU B 124 22.34 -32.48 26.74
CA LEU B 124 20.94 -32.32 26.38
C LEU B 124 20.09 -33.34 27.13
N THR B 125 19.11 -32.85 27.87
CA THR B 125 18.20 -33.70 28.63
C THR B 125 17.04 -34.08 27.73
N ASP B 126 16.79 -35.38 27.59
CA ASP B 126 15.65 -35.85 26.81
C ASP B 126 14.41 -35.86 27.68
N PRO B 127 13.34 -35.15 27.32
CA PRO B 127 12.17 -35.09 28.21
C PRO B 127 11.56 -36.45 28.50
N LEU B 128 11.62 -37.39 27.56
CA LEU B 128 10.99 -38.70 27.79
C LEU B 128 11.61 -39.40 28.99
N THR B 129 12.95 -39.42 29.07
CA THR B 129 13.65 -40.09 30.15
C THR B 129 14.44 -39.15 31.05
N GLY B 130 14.63 -37.90 30.65
CA GLY B 130 15.37 -36.96 31.47
C GLY B 130 16.82 -37.32 31.69
N GLU B 131 17.45 -37.99 30.73
CA GLU B 131 18.83 -38.43 30.84
C GLU B 131 19.70 -37.62 29.89
N LYS B 132 20.88 -37.23 30.36
CA LYS B 132 21.82 -36.46 29.57
C LYS B 132 22.39 -37.34 28.47
N VAL B 133 21.93 -37.13 27.24
CA VAL B 133 22.42 -37.92 26.11
C VAL B 133 23.72 -37.28 25.59
N PRO B 134 24.77 -38.07 25.35
CA PRO B 134 26.02 -37.47 24.85
C PRO B 134 25.88 -36.75 23.52
N ARG B 135 25.02 -37.24 22.63
CA ARG B 135 24.90 -36.67 21.29
C ARG B 135 23.43 -36.59 20.88
N ILE B 136 23.15 -35.65 19.98
CA ILE B 136 21.79 -35.54 19.44
C ILE B 136 21.51 -36.62 18.42
N GLU B 137 22.54 -37.13 17.73
CA GLU B 137 22.32 -38.12 16.69
C GLU B 137 21.70 -39.40 17.25
N ASP B 138 22.04 -39.76 18.48
CA ASP B 138 21.49 -40.94 19.15
C ASP B 138 20.45 -40.54 20.18
N THR B 139 19.63 -39.53 19.86
CA THR B 139 18.57 -39.05 20.73
C THR B 139 17.22 -39.35 20.10
N THR B 140 16.24 -39.66 20.94
CA THR B 140 14.91 -40.01 20.44
C THR B 140 14.35 -38.93 19.53
N LEU B 141 14.57 -37.66 19.88
CA LEU B 141 14.07 -36.57 19.04
C LEU B 141 14.70 -36.62 17.65
N PHE B 142 16.01 -36.83 17.57
CA PHE B 142 16.67 -36.90 16.28
C PHE B 142 16.20 -38.13 15.50
N LYS B 143 16.01 -39.25 16.18
CA LYS B 143 15.55 -40.45 15.51
C LYS B 143 14.16 -40.26 14.91
N ASN B 144 13.27 -39.59 15.65
CA ASN B 144 11.90 -39.39 15.16
C ASN B 144 11.86 -38.52 13.92
N GLN B 145 12.78 -37.56 13.80
CA GLN B 145 12.77 -36.66 12.65
C GLN B 145 13.30 -37.37 11.41
N ASP B 146 13.03 -36.76 10.26
CA ASP B 146 13.47 -37.27 8.96
C ASP B 146 14.16 -36.11 8.24
N PHE B 147 15.49 -36.11 8.25
CA PHE B 147 16.27 -35.00 7.71
C PHE B 147 16.60 -35.25 6.25
N TYR B 148 16.18 -34.34 5.38
CA TYR B 148 16.54 -34.39 3.97
C TYR B 148 17.11 -33.05 3.52
N ILE B 149 16.54 -31.96 4.02
CA ILE B 149 17.03 -30.62 3.74
C ILE B 149 17.94 -30.12 4.85
N MET B 150 17.57 -30.37 6.09
CA MET B 150 18.38 -30.04 7.27
C MET B 150 19.56 -31.02 7.29
N GLU B 151 20.71 -30.57 6.83
CA GLU B 151 21.89 -31.43 6.72
C GLU B 151 23.05 -30.83 7.50
N ALA B 152 24.02 -31.69 7.81
CA ALA B 152 25.22 -31.29 8.53
C ALA B 152 24.84 -30.49 9.77
N ILE B 153 24.00 -31.09 10.62
CA ILE B 153 23.52 -30.40 11.81
C ILE B 153 24.68 -30.18 12.77
N GLY B 154 24.82 -28.94 13.24
CA GLY B 154 25.88 -28.58 14.17
C GLY B 154 27.28 -28.61 13.61
N GLU B 155 27.47 -29.18 12.43
CA GLU B 155 28.79 -29.26 11.79
C GLU B 155 28.73 -28.72 10.38
N SER B 156 28.12 -27.55 10.21
CA SER B 156 28.05 -26.87 8.93
C SER B 156 28.40 -25.40 9.14
N GLU B 157 29.20 -24.85 8.23
CA GLU B 157 29.57 -23.45 8.28
C GLU B 157 28.58 -22.64 7.45
N CYS B 158 27.98 -21.63 8.07
CA CYS B 158 26.97 -20.84 7.38
C CYS B 158 27.60 -19.80 6.46
N ASP B 159 28.61 -19.08 6.97
CA ASP B 159 29.23 -17.99 6.22
C ASP B 159 30.47 -18.46 5.47
N SER B 160 30.35 -19.50 4.66
CA SER B 160 31.48 -19.98 3.88
C SER B 160 30.98 -20.91 2.79
N ILE B 161 31.28 -20.58 1.53
CA ILE B 161 30.97 -21.48 0.44
C ILE B 161 31.93 -22.66 0.41
N GLU B 162 33.08 -22.54 1.09
CA GLU B 162 34.06 -23.61 1.08
C GLU B 162 33.51 -24.86 1.76
N ASP B 163 32.89 -24.70 2.94
CA ASP B 163 32.31 -25.85 3.62
C ASP B 163 31.16 -26.44 2.80
N TYR B 164 30.36 -25.58 2.17
CA TYR B 164 29.27 -26.08 1.34
C TYR B 164 29.80 -26.90 0.17
N ILE B 165 30.87 -26.43 -0.47
CA ILE B 165 31.48 -27.19 -1.57
C ILE B 165 32.04 -28.49 -1.05
N ALA B 166 32.70 -28.45 0.12
CA ALA B 166 33.24 -29.67 0.71
C ALA B 166 32.15 -30.66 1.09
N ARG B 167 30.92 -30.19 1.29
CA ARG B 167 29.80 -31.06 1.60
C ARG B 167 29.06 -31.52 0.35
N SER B 168 29.76 -31.63 -0.78
CA SER B 168 29.18 -32.08 -2.04
C SER B 168 28.16 -31.07 -2.56
N GLY B 169 28.31 -29.80 -2.18
CA GLY B 169 27.40 -28.78 -2.65
C GLY B 169 27.79 -28.26 -4.03
N TYR B 170 26.77 -27.83 -4.77
CA TYR B 170 26.87 -27.31 -6.13
C TYR B 170 27.19 -28.39 -7.16
N GLU B 171 27.34 -29.65 -6.75
CA GLU B 171 27.53 -30.72 -7.72
C GLU B 171 26.29 -30.87 -8.61
N SER B 172 25.10 -30.75 -8.01
CA SER B 172 23.88 -30.81 -8.79
C SER B 172 23.83 -29.68 -9.80
N LEU B 173 24.22 -28.47 -9.40
CA LEU B 173 24.24 -27.35 -10.34
C LEU B 173 25.20 -27.63 -11.49
N VAL B 174 26.39 -28.15 -11.19
CA VAL B 174 27.38 -28.39 -12.23
C VAL B 174 26.89 -29.43 -13.21
N LYS B 175 26.39 -30.57 -12.70
CA LYS B 175 25.91 -31.61 -13.61
C LYS B 175 24.73 -31.12 -14.43
N ALA B 176 23.80 -30.38 -13.80
CA ALA B 176 22.68 -29.83 -14.55
C ALA B 176 23.14 -28.90 -15.65
N LEU B 177 24.11 -28.03 -15.35
CA LEU B 177 24.61 -27.10 -16.36
C LEU B 177 25.28 -27.84 -17.51
N THR B 178 26.08 -28.85 -17.19
CA THR B 178 26.87 -29.53 -18.21
C THR B 178 26.16 -30.76 -18.79
N SER B 179 25.41 -31.49 -17.97
CA SER B 179 24.83 -32.76 -18.38
C SER B 179 23.40 -32.62 -18.89
N MET B 180 22.50 -32.12 -18.05
CA MET B 180 21.07 -32.13 -18.35
C MET B 180 20.63 -30.82 -18.98
N THR B 181 19.88 -30.91 -20.08
CA THR B 181 19.30 -29.73 -20.68
C THR B 181 18.14 -29.24 -19.83
N PRO B 182 17.73 -27.97 -20.00
CA PRO B 182 16.64 -27.45 -19.16
C PRO B 182 15.37 -28.29 -19.21
N GLU B 183 15.01 -28.82 -20.38
CA GLU B 183 13.80 -29.63 -20.47
C GLU B 183 13.91 -30.87 -19.58
N GLU B 184 15.08 -31.52 -19.56
CA GLU B 184 15.24 -32.67 -18.69
C GLU B 184 15.14 -32.27 -17.22
N ILE B 185 15.66 -31.10 -16.86
CA ILE B 185 15.53 -30.63 -15.49
C ILE B 185 14.07 -30.47 -15.12
N ILE B 186 13.29 -29.84 -16.00
CA ILE B 186 11.88 -29.61 -15.71
C ILE B 186 11.13 -30.94 -15.65
N GLU B 187 11.46 -31.88 -16.53
CA GLU B 187 10.80 -33.18 -16.50
C GLU B 187 11.13 -33.94 -15.22
N THR B 188 12.39 -33.87 -14.77
CA THR B 188 12.75 -34.51 -13.52
C THR B 188 12.02 -33.88 -12.34
N VAL B 189 11.90 -32.55 -12.34
CA VAL B 189 11.17 -31.87 -11.27
C VAL B 189 9.71 -32.29 -11.28
N LYS B 190 9.11 -32.38 -12.47
CA LYS B 190 7.73 -32.85 -12.55
C LYS B 190 7.59 -34.25 -11.97
N ALA B 191 8.45 -35.18 -12.41
CA ALA B 191 8.33 -36.55 -11.96
C ALA B 191 8.62 -36.70 -10.47
N SER B 192 9.42 -35.80 -9.90
CA SER B 192 9.75 -35.89 -8.49
C SER B 192 8.54 -35.69 -7.59
N GLY B 193 7.44 -35.15 -8.12
CA GLY B 193 6.28 -34.92 -7.29
C GLY B 193 6.42 -33.77 -6.32
N LEU B 194 7.37 -32.88 -6.55
CA LEU B 194 7.59 -31.74 -5.66
C LEU B 194 6.41 -30.78 -5.76
N ARG B 195 5.83 -30.46 -4.61
CA ARG B 195 4.70 -29.54 -4.54
C ARG B 195 5.10 -28.31 -3.73
N GLY B 196 4.63 -27.15 -4.18
CA GLY B 196 5.02 -25.88 -3.59
C GLY B 196 4.94 -25.84 -2.08
N ARG B 197 6.08 -25.61 -1.43
CA ARG B 197 6.15 -25.58 0.03
C ARG B 197 5.62 -24.27 0.62
N GLY B 198 5.35 -23.27 -0.20
CA GLY B 198 4.89 -21.99 0.30
C GLY B 198 3.48 -22.01 0.87
N GLY B 199 2.78 -23.13 0.76
CA GLY B 199 1.42 -23.24 1.28
C GLY B 199 0.44 -23.65 0.21
N GLY B 200 0.62 -23.10 -1.00
CA GLY B 200 -0.28 -23.43 -2.08
C GLY B 200 -0.28 -24.92 -2.39
N GLY B 201 0.89 -25.54 -2.35
CA GLY B 201 1.01 -26.94 -2.66
C GLY B 201 0.95 -27.28 -4.13
N PHE B 202 0.99 -26.29 -5.01
CA PHE B 202 0.89 -26.55 -6.43
C PHE B 202 2.17 -27.25 -6.91
N PRO B 203 2.07 -28.16 -7.88
CA PRO B 203 3.27 -28.83 -8.38
C PRO B 203 4.26 -27.83 -8.98
N THR B 204 5.50 -27.89 -8.49
CA THR B 204 6.54 -26.98 -8.97
C THR B 204 6.83 -27.19 -10.44
N GLY B 205 6.80 -28.45 -10.89
CA GLY B 205 7.14 -28.73 -12.27
C GLY B 205 6.21 -28.05 -13.25
N LEU B 206 4.90 -28.03 -12.96
CA LEU B 206 3.96 -27.37 -13.86
C LEU B 206 4.22 -25.87 -13.92
N LYS B 207 4.56 -25.25 -12.79
CA LYS B 207 4.89 -23.83 -12.79
C LYS B 207 6.13 -23.57 -13.62
N TRP B 208 7.14 -24.44 -13.51
CA TRP B 208 8.33 -24.29 -14.34
C TRP B 208 7.99 -24.44 -15.82
N GLU B 209 7.14 -25.42 -16.15
CA GLU B 209 6.63 -25.53 -17.52
C GLU B 209 6.05 -24.21 -17.99
N PHE B 210 5.15 -23.63 -17.20
CA PHE B 210 4.52 -22.37 -17.61
C PHE B 210 5.56 -21.28 -17.83
N THR B 211 6.50 -21.14 -16.90
CA THR B 211 7.48 -20.05 -17.03
C THR B 211 8.35 -20.24 -18.26
N ARG B 212 8.82 -21.46 -18.51
CA ARG B 212 9.67 -21.72 -19.67
C ARG B 212 8.89 -21.50 -20.97
N LYS B 213 7.68 -22.03 -21.05
CA LYS B 213 6.91 -21.94 -22.29
C LYS B 213 6.51 -20.52 -22.65
N ALA B 214 6.50 -19.61 -21.68
CA ALA B 214 6.09 -18.23 -21.97
C ALA B 214 7.03 -17.62 -23.00
N GLN B 215 6.45 -16.96 -24.01
CA GLN B 215 7.24 -16.35 -25.07
C GLN B 215 8.03 -15.17 -24.53
N GLY B 216 9.33 -15.13 -24.84
CA GLY B 216 10.17 -14.02 -24.45
C GLY B 216 11.59 -14.43 -24.14
N ASP B 217 12.55 -13.60 -24.55
CA ASP B 217 13.96 -13.87 -24.28
C ASP B 217 14.43 -13.24 -22.98
N ILE B 218 13.55 -12.55 -22.25
CA ILE B 218 13.86 -11.95 -20.96
C ILE B 218 12.91 -12.55 -19.93
N LYS B 219 13.47 -13.22 -18.92
CA LYS B 219 12.68 -13.83 -17.85
C LYS B 219 13.39 -13.57 -16.53
N PHE B 220 12.66 -13.80 -15.44
CA PHE B 220 13.19 -13.58 -14.10
C PHE B 220 12.81 -14.75 -13.22
N VAL B 221 13.63 -14.97 -12.19
CA VAL B 221 13.38 -15.96 -11.16
C VAL B 221 13.37 -15.24 -9.83
N VAL B 222 12.26 -15.32 -9.10
CA VAL B 222 12.08 -14.60 -7.84
C VAL B 222 11.92 -15.61 -6.72
N CYS B 223 12.67 -15.41 -5.65
CA CYS B 223 12.55 -16.23 -4.45
C CYS B 223 11.83 -15.42 -3.37
N ASN B 224 10.83 -16.02 -2.76
CA ASN B 224 10.03 -15.38 -1.72
C ASN B 224 10.50 -15.87 -0.36
N GLY B 225 11.20 -15.01 0.37
CA GLY B 225 11.70 -15.36 1.68
C GLY B 225 10.70 -15.23 2.81
N ASP B 226 9.53 -14.68 2.54
CA ASP B 226 8.55 -14.44 3.60
C ASP B 226 8.03 -15.76 4.16
N GLU B 227 7.66 -15.72 5.43
CA GLU B 227 7.17 -16.90 6.13
C GLU B 227 5.69 -17.16 5.91
N GLY B 228 4.94 -16.20 5.36
CA GLY B 228 3.51 -16.37 5.23
C GLY B 228 2.81 -16.54 6.56
N ASP B 229 3.44 -16.09 7.65
CA ASP B 229 2.91 -16.27 8.99
C ASP B 229 3.68 -15.37 9.95
N PRO B 230 3.01 -14.59 10.80
CA PRO B 230 3.72 -13.79 11.80
C PRO B 230 4.20 -14.58 13.01
N GLY B 231 4.20 -15.90 12.94
CA GLY B 231 4.65 -16.73 14.05
C GLY B 231 5.60 -17.83 13.60
N ALA B 232 5.96 -17.85 12.32
CA ALA B 232 6.83 -18.86 11.76
C ALA B 232 8.20 -18.27 11.44
N PHE B 233 9.24 -19.09 11.59
CA PHE B 233 10.60 -18.65 11.27
C PHE B 233 11.42 -19.75 10.60
N MET B 234 10.80 -20.77 10.02
CA MET B 234 11.56 -21.86 9.43
C MET B 234 12.24 -21.46 8.12
N ASN B 235 11.59 -20.64 7.29
CA ASN B 235 12.25 -20.17 6.07
C ASN B 235 13.43 -19.29 6.40
N ARG B 236 13.30 -18.44 7.42
CA ARG B 236 14.42 -17.63 7.86
CA ARG B 236 14.42 -17.63 7.85
C ARG B 236 15.57 -18.49 8.35
N THR B 237 15.25 -19.56 9.09
CA THR B 237 16.29 -20.47 9.57
C THR B 237 16.98 -21.17 8.41
N LEU B 238 16.21 -21.62 7.42
CA LEU B 238 16.82 -22.27 6.27
C LEU B 238 17.69 -21.31 5.48
N LEU B 239 17.28 -20.05 5.38
CA LEU B 239 18.13 -19.06 4.73
C LEU B 239 19.42 -18.82 5.52
N GLU B 240 19.31 -18.78 6.84
CA GLU B 240 20.46 -18.44 7.67
C GLU B 240 21.45 -19.58 7.82
N ARG B 241 21.00 -20.83 7.77
CA ARG B 241 21.89 -21.96 8.03
C ARG B 241 22.54 -22.50 6.76
N ASP B 242 21.95 -22.28 5.59
CA ASP B 242 22.51 -22.80 4.34
C ASP B 242 21.97 -21.97 3.18
N PRO B 243 22.39 -20.71 3.08
CA PRO B 243 21.93 -19.88 1.95
C PRO B 243 22.39 -20.41 0.60
N HIS B 244 23.47 -21.18 0.56
CA HIS B 244 24.01 -21.66 -0.71
C HIS B 244 23.12 -22.72 -1.33
N LEU B 245 22.42 -23.53 -0.52
CA LEU B 245 21.47 -24.48 -1.08
C LEU B 245 20.34 -23.74 -1.80
N VAL B 246 19.81 -22.68 -1.18
CA VAL B 246 18.77 -21.88 -1.82
C VAL B 246 19.30 -21.24 -3.08
N LEU B 247 20.52 -20.70 -3.03
CA LEU B 247 21.12 -20.06 -4.19
C LEU B 247 21.31 -21.05 -5.33
N GLU B 248 21.73 -22.28 -5.00
CA GLU B 248 21.90 -23.31 -6.02
C GLU B 248 20.57 -23.66 -6.67
N GLY B 249 19.53 -23.84 -5.85
CA GLY B 249 18.21 -24.08 -6.42
C GLY B 249 17.77 -22.95 -7.32
N MET B 250 18.05 -21.71 -6.92
CA MET B 250 17.67 -20.56 -7.73
C MET B 250 18.39 -20.55 -9.07
N ILE B 251 19.70 -20.85 -9.07
CA ILE B 251 20.45 -20.89 -10.32
C ILE B 251 19.95 -22.02 -11.22
N ILE B 252 19.68 -23.18 -10.63
CA ILE B 252 19.20 -24.31 -11.42
C ILE B 252 17.87 -23.95 -12.07
N ALA B 253 16.97 -23.33 -11.31
CA ALA B 253 15.68 -22.90 -11.88
C ALA B 253 15.90 -21.85 -12.97
N GLY B 254 16.83 -20.93 -12.76
CA GLY B 254 17.10 -19.92 -13.76
C GLY B 254 17.53 -20.53 -15.08
N TYR B 255 18.41 -21.54 -15.02
CA TYR B 255 18.78 -22.23 -16.24
C TYR B 255 17.60 -23.01 -16.82
N ALA B 256 16.79 -23.63 -15.96
CA ALA B 256 15.70 -24.46 -16.44
C ALA B 256 14.68 -23.65 -17.22
N VAL B 257 14.26 -22.49 -16.68
CA VAL B 257 13.23 -21.69 -17.33
C VAL B 257 13.80 -20.64 -18.28
N GLY B 258 15.11 -20.62 -18.48
CA GLY B 258 15.71 -19.62 -19.35
C GLY B 258 15.66 -18.22 -18.80
N ALA B 259 15.89 -18.05 -17.50
CA ALA B 259 15.92 -16.74 -16.87
C ALA B 259 17.36 -16.25 -16.75
N GLN B 260 17.51 -14.93 -16.83
CA GLN B 260 18.84 -14.31 -16.79
C GLN B 260 19.13 -13.56 -15.51
N LYS B 261 18.11 -13.20 -14.72
CA LYS B 261 18.30 -12.44 -13.49
C LYS B 261 17.45 -13.07 -12.39
N GLY B 262 17.93 -12.97 -11.17
CA GLY B 262 17.26 -13.54 -10.03
C GLY B 262 17.12 -12.55 -8.90
N TYR B 263 16.04 -12.69 -8.13
CA TYR B 263 15.73 -11.79 -7.02
C TYR B 263 15.35 -12.61 -5.80
N ALA B 264 16.12 -12.45 -4.73
CA ALA B 264 15.80 -13.03 -3.44
C ALA B 264 15.13 -11.95 -2.60
N TYR B 265 13.92 -12.21 -2.14
CA TYR B 265 13.13 -11.23 -1.39
C TYR B 265 13.17 -11.62 0.09
N ILE B 266 14.07 -11.00 0.84
CA ILE B 266 14.21 -11.25 2.27
C ILE B 266 13.85 -9.97 3.01
N ARG B 267 13.09 -10.13 4.10
CA ARG B 267 12.65 -8.98 4.87
C ARG B 267 13.85 -8.22 5.43
N ALA B 268 13.75 -6.89 5.40
CA ALA B 268 14.83 -6.06 5.93
C ALA B 268 14.99 -6.21 7.44
N GLU B 269 14.00 -6.77 8.12
CA GLU B 269 14.07 -7.00 9.56
C GLU B 269 14.67 -8.36 9.90
N TYR B 270 15.30 -9.03 8.93
CA TYR B 270 16.05 -10.25 9.18
C TYR B 270 17.51 -9.98 8.86
N PRO B 271 18.21 -9.20 9.70
CA PRO B 271 19.57 -8.79 9.31
C PRO B 271 20.50 -9.96 9.04
N PHE B 272 20.43 -11.02 9.83
CA PHE B 272 21.35 -12.13 9.64
C PHE B 272 21.07 -12.87 8.34
N ALA B 273 19.79 -13.14 8.03
CA ALA B 273 19.47 -13.82 6.79
C ALA B 273 19.91 -13.00 5.58
N VAL B 274 19.65 -11.69 5.63
CA VAL B 274 20.02 -10.82 4.52
C VAL B 274 21.53 -10.78 4.35
N LYS B 275 22.26 -10.62 5.45
CA LYS B 275 23.72 -10.55 5.35
C LYS B 275 24.30 -11.87 4.86
N MET B 276 23.77 -12.99 5.34
CA MET B 276 24.26 -14.29 4.91
C MET B 276 23.99 -14.52 3.43
N PHE B 277 22.79 -14.15 2.96
CA PHE B 277 22.49 -14.34 1.55
C PHE B 277 23.32 -13.42 0.68
N LYS B 278 23.53 -12.18 1.11
CA LYS B 278 24.39 -11.28 0.36
C LYS B 278 25.81 -11.83 0.27
N LYS B 279 26.32 -12.35 1.39
CA LYS B 279 27.65 -12.95 1.38
C LYS B 279 27.72 -14.16 0.47
N ALA B 280 26.68 -15.00 0.48
CA ALA B 280 26.66 -16.17 -0.38
C ALA B 280 26.67 -15.76 -1.85
N ILE B 281 25.87 -14.75 -2.21
CA ILE B 281 25.86 -14.26 -3.57
C ILE B 281 27.23 -13.74 -3.96
N GLU B 282 27.86 -12.95 -3.09
CA GLU B 282 29.17 -12.39 -3.39
C GLU B 282 30.20 -13.50 -3.59
N ASP B 283 30.20 -14.51 -2.70
CA ASP B 283 31.12 -15.62 -2.84
C ASP B 283 30.90 -16.33 -4.17
N ALA B 284 29.65 -16.72 -4.45
CA ALA B 284 29.36 -17.40 -5.71
C ALA B 284 29.83 -16.59 -6.91
N ARG B 285 29.75 -15.26 -6.81
CA ARG B 285 30.25 -14.41 -7.90
C ARG B 285 31.77 -14.43 -7.95
N LYS B 286 32.45 -14.59 -6.80
CA LYS B 286 33.90 -14.64 -6.80
C LYS B 286 34.41 -15.97 -7.37
N LEU B 287 33.63 -17.04 -7.26
CA LEU B 287 34.03 -18.35 -7.72
C LEU B 287 33.51 -18.69 -9.11
N GLY B 288 32.87 -17.74 -9.79
CA GLY B 288 32.42 -17.95 -11.14
C GLY B 288 31.08 -18.66 -11.28
N LEU B 289 30.46 -19.06 -10.17
CA LEU B 289 29.14 -19.67 -10.26
C LEU B 289 28.04 -18.67 -10.60
N LEU B 290 28.35 -17.37 -10.55
CA LEU B 290 27.43 -16.32 -10.96
C LEU B 290 28.21 -15.30 -11.77
N GLY B 291 27.63 -14.87 -12.88
CA GLY B 291 28.30 -13.90 -13.74
C GLY B 291 27.76 -13.98 -15.15
N GLU B 292 28.57 -13.48 -16.08
CA GLU B 292 28.20 -13.47 -17.49
C GLU B 292 28.45 -14.80 -18.18
N ASN B 293 28.98 -15.79 -17.46
CA ASN B 293 29.21 -17.12 -18.00
C ASN B 293 29.59 -18.05 -16.86
N ILE B 294 29.08 -19.27 -16.90
CA ILE B 294 29.31 -20.25 -15.84
C ILE B 294 29.67 -21.58 -16.48
N LEU B 295 30.82 -22.12 -16.11
CA LEU B 295 31.34 -23.36 -16.66
C LEU B 295 31.51 -23.27 -18.18
N GLY B 296 31.52 -22.07 -18.74
CA GLY B 296 31.61 -21.90 -20.17
C GLY B 296 30.39 -22.37 -20.92
N THR B 297 29.30 -22.68 -20.22
CA THR B 297 28.07 -23.15 -20.84
C THR B 297 27.36 -22.06 -21.61
N GLY B 298 27.73 -20.79 -21.42
CA GLY B 298 27.06 -19.69 -22.07
C GLY B 298 25.84 -19.17 -21.33
N PHE B 299 25.52 -19.73 -20.16
CA PHE B 299 24.37 -19.31 -19.40
C PHE B 299 24.77 -18.18 -18.45
N SER B 300 24.12 -17.03 -18.62
CA SER B 300 24.36 -15.86 -17.78
C SER B 300 23.29 -15.77 -16.70
N PHE B 301 23.69 -15.38 -15.50
CA PHE B 301 22.75 -15.28 -14.40
C PHE B 301 23.39 -14.48 -13.27
N ASP B 302 22.61 -13.56 -12.70
CA ASP B 302 23.04 -12.78 -11.55
C ASP B 302 21.89 -12.76 -10.54
N LEU B 303 22.26 -12.53 -9.28
CA LEU B 303 21.30 -12.52 -8.18
C LEU B 303 21.38 -11.19 -7.44
N GLU B 304 20.22 -10.71 -7.00
CA GLU B 304 20.11 -9.49 -6.23
C GLU B 304 19.26 -9.76 -5.00
N VAL B 305 19.69 -9.23 -3.85
CA VAL B 305 18.92 -9.36 -2.62
C VAL B 305 18.03 -8.12 -2.51
N LYS B 306 16.75 -8.30 -2.79
CA LYS B 306 15.77 -7.23 -2.66
C LYS B 306 15.23 -7.26 -1.24
N GLU B 307 15.51 -6.21 -0.48
CA GLU B 307 15.11 -6.16 0.92
C GLU B 307 13.66 -5.69 1.03
N GLY B 308 12.83 -6.50 1.69
CA GLY B 308 11.43 -6.18 1.86
C GLY B 308 11.23 -5.21 3.01
N ALA B 309 10.53 -4.12 2.73
CA ALA B 309 10.27 -3.09 3.73
C ALA B 309 9.24 -3.53 4.76
N GLY B 310 8.63 -4.71 4.60
CA GLY B 310 7.78 -5.28 5.62
C GLY B 310 6.29 -5.13 5.35
N ALA B 311 5.68 -6.19 4.83
CA ALA B 311 4.23 -6.21 4.60
C ALA B 311 3.80 -7.65 4.41
N PHE B 312 2.90 -8.11 5.27
CA PHE B 312 2.41 -9.48 5.15
C PHE B 312 1.78 -9.73 3.79
N VAL B 313 1.14 -8.72 3.20
CA VAL B 313 0.52 -8.89 1.89
C VAL B 313 1.55 -9.13 0.80
N CYS B 314 2.78 -8.63 0.97
CA CYS B 314 3.81 -8.83 -0.04
C CYS B 314 4.17 -10.30 -0.22
N GLY B 315 3.61 -11.20 0.58
CA GLY B 315 3.74 -12.62 0.31
C GLY B 315 2.86 -13.10 -0.82
N GLU B 316 1.97 -12.25 -1.32
CA GLU B 316 1.19 -12.54 -2.50
C GLU B 316 2.02 -12.29 -3.75
N GLU B 317 1.80 -13.11 -4.78
CA GLU B 317 2.68 -13.07 -5.95
C GLU B 317 2.66 -11.70 -6.63
N THR B 318 1.47 -11.20 -6.96
CA THR B 318 1.40 -9.91 -7.63
C THR B 318 1.87 -8.78 -6.72
N ALA B 319 1.49 -8.83 -5.44
CA ALA B 319 1.97 -7.82 -4.49
C ALA B 319 3.48 -7.93 -4.31
N LEU B 320 4.02 -9.14 -4.28
CA LEU B 320 5.46 -9.32 -4.19
C LEU B 320 6.16 -8.66 -5.38
N LEU B 321 5.64 -8.89 -6.58
CA LEU B 321 6.23 -8.26 -7.76
C LEU B 321 6.14 -6.75 -7.68
N ALA B 322 5.01 -6.23 -7.23
CA ALA B 322 4.87 -4.78 -7.10
C ALA B 322 5.89 -4.21 -6.13
N SER B 323 6.12 -4.90 -5.01
CA SER B 323 7.11 -4.43 -4.05
C SER B 323 8.53 -4.52 -4.59
N ILE B 324 8.81 -5.52 -5.43
CA ILE B 324 10.14 -5.63 -6.03
C ILE B 324 10.44 -4.41 -6.91
N GLU B 325 9.40 -3.82 -7.50
CA GLU B 325 9.57 -2.70 -8.41
C GLU B 325 9.59 -1.35 -7.70
N GLY B 326 9.51 -1.31 -6.38
CA GLY B 326 9.52 -0.06 -5.65
C GLY B 326 8.17 0.59 -5.47
N LYS B 327 7.09 -0.16 -5.60
CA LYS B 327 5.73 0.36 -5.48
C LYS B 327 5.06 -0.25 -4.25
N ARG B 328 3.84 0.19 -3.97
CA ARG B 328 3.07 -0.40 -2.89
C ARG B 328 2.75 -1.86 -3.21
N GLY B 329 2.89 -2.72 -2.20
CA GLY B 329 2.63 -4.13 -2.40
C GLY B 329 1.15 -4.40 -2.55
N MET B 330 0.58 -3.94 -3.67
CA MET B 330 -0.84 -4.08 -3.93
C MET B 330 -1.06 -5.22 -4.91
N PRO B 331 -1.81 -6.26 -4.56
CA PRO B 331 -2.11 -7.30 -5.53
C PRO B 331 -3.09 -6.79 -6.58
N ARG B 332 -3.28 -7.61 -7.61
CA ARG B 332 -4.17 -7.29 -8.72
C ARG B 332 -4.88 -8.55 -9.15
N PRO B 333 -6.00 -8.43 -9.87
CA PRO B 333 -6.68 -9.62 -10.38
C PRO B 333 -5.71 -10.48 -11.17
N LYS B 334 -5.76 -11.79 -10.93
CA LYS B 334 -4.67 -12.66 -11.35
C LYS B 334 -4.40 -12.62 -12.84
N PRO B 335 -5.37 -12.83 -13.73
CA PRO B 335 -5.07 -12.80 -15.16
C PRO B 335 -4.50 -11.45 -15.57
N PRO B 336 -3.28 -11.42 -16.14
CA PRO B 336 -2.37 -12.51 -16.48
C PRO B 336 -1.55 -13.02 -15.29
N PHE B 337 -1.37 -14.33 -15.21
CA PHE B 337 -0.59 -14.91 -14.13
C PHE B 337 0.86 -14.44 -14.23
N PRO B 338 1.59 -14.38 -13.10
CA PRO B 338 2.98 -13.93 -13.16
C PRO B 338 3.88 -14.81 -14.01
N ALA B 339 3.52 -16.07 -14.22
CA ALA B 339 4.36 -16.94 -15.04
C ALA B 339 4.49 -16.44 -16.47
N GLN B 340 3.53 -15.64 -16.94
CA GLN B 340 3.59 -15.07 -18.28
C GLN B 340 3.95 -13.60 -18.29
N SER B 341 3.52 -12.84 -17.27
CA SER B 341 3.85 -11.41 -17.20
C SER B 341 3.97 -11.04 -15.72
N GLY B 342 5.22 -10.95 -15.25
CA GLY B 342 5.48 -10.59 -13.87
C GLY B 342 6.27 -9.31 -13.75
N LEU B 343 7.54 -9.42 -13.37
CA LEU B 343 8.38 -8.24 -13.19
C LEU B 343 8.49 -7.47 -14.49
N TRP B 344 7.96 -6.24 -14.49
CA TRP B 344 7.96 -5.38 -15.67
C TRP B 344 7.31 -6.08 -16.85
N GLY B 345 6.24 -6.82 -16.59
CA GLY B 345 5.51 -7.49 -17.65
C GLY B 345 6.24 -8.65 -18.29
N LYS B 346 7.26 -9.20 -17.64
CA LYS B 346 8.03 -10.30 -18.21
C LYS B 346 7.71 -11.60 -17.49
N PRO B 347 7.82 -12.75 -18.17
CA PRO B 347 7.59 -14.03 -17.49
C PRO B 347 8.47 -14.17 -16.26
N THR B 348 7.86 -14.40 -15.11
CA THR B 348 8.58 -14.50 -13.85
C THR B 348 8.22 -15.80 -13.16
N LEU B 349 9.22 -16.44 -12.56
CA LEU B 349 9.02 -17.63 -11.74
C LEU B 349 9.15 -17.24 -10.28
N ILE B 350 8.16 -17.61 -9.48
CA ILE B 350 8.10 -17.28 -8.07
C ILE B 350 7.89 -18.56 -7.28
N ASN B 351 8.83 -18.88 -6.39
CA ASN B 351 8.74 -20.06 -5.54
C ASN B 351 9.24 -19.70 -4.15
N ASN B 352 8.93 -20.57 -3.20
CA ASN B 352 9.35 -20.39 -1.81
C ASN B 352 10.79 -20.86 -1.62
N VAL B 353 11.38 -20.44 -0.50
CA VAL B 353 12.76 -20.80 -0.20
C VAL B 353 12.90 -22.33 -0.08
N GLU B 354 11.96 -22.96 0.62
CA GLU B 354 12.01 -24.40 0.77
C GLU B 354 11.90 -25.10 -0.59
N THR B 355 11.05 -24.57 -1.47
CA THR B 355 10.89 -25.16 -2.79
C THR B 355 12.22 -25.15 -3.55
N TYR B 356 12.95 -24.03 -3.51
CA TYR B 356 14.25 -23.97 -4.15
C TYR B 356 15.25 -24.90 -3.48
N ALA B 357 15.23 -24.95 -2.16
CA ALA B 357 16.14 -25.84 -1.44
C ALA B 357 15.94 -27.28 -1.85
N ASN B 358 14.70 -27.68 -2.14
CA ASN B 358 14.43 -29.05 -2.54
C ASN B 358 14.93 -29.37 -3.96
N ILE B 359 15.36 -28.38 -4.73
CA ILE B 359 15.75 -28.61 -6.12
C ILE B 359 17.11 -29.32 -6.18
N PRO B 360 18.18 -28.76 -5.62
CA PRO B 360 19.48 -29.45 -5.71
C PRO B 360 19.44 -30.85 -5.12
N ARG B 361 18.64 -31.07 -4.07
CA ARG B 361 18.50 -32.42 -3.53
C ARG B 361 17.85 -33.34 -4.56
N ILE B 362 16.81 -32.86 -5.25
CA ILE B 362 16.16 -33.68 -6.27
C ILE B 362 17.13 -34.00 -7.39
N LEU B 363 17.93 -33.03 -7.82
CA LEU B 363 18.91 -33.28 -8.87
C LEU B 363 19.94 -34.30 -8.42
N ARG B 364 20.45 -34.16 -7.20
CA ARG B 364 21.48 -35.09 -6.71
C ARG B 364 20.95 -36.52 -6.70
N ASP B 365 19.80 -36.74 -6.08
CA ASP B 365 19.14 -38.04 -6.11
C ASP B 365 18.32 -38.13 -7.38
N GLY B 366 17.57 -39.23 -7.53
CA GLY B 366 16.67 -39.41 -8.65
C GLY B 366 15.24 -39.09 -8.27
N VAL B 367 14.36 -39.30 -9.25
CA VAL B 367 12.93 -39.16 -8.99
C VAL B 367 12.48 -40.19 -7.96
N GLU B 368 12.84 -41.46 -8.17
CA GLU B 368 12.39 -42.53 -7.29
C GLU B 368 12.91 -42.35 -5.88
N ASN B 369 14.21 -42.03 -5.74
CA ASN B 369 14.77 -41.85 -4.41
C ASN B 369 14.04 -40.75 -3.65
N TYR B 370 13.78 -39.62 -4.31
CA TYR B 370 13.00 -38.56 -3.68
C TYR B 370 11.60 -39.05 -3.31
N ARG B 371 10.95 -39.78 -4.21
CA ARG B 371 9.61 -40.27 -3.95
C ARG B 371 9.57 -41.27 -2.80
N LYS B 372 10.72 -41.82 -2.40
CA LYS B 372 10.72 -42.77 -1.30
C LYS B 372 10.25 -42.11 0.00
N ARG B 373 10.68 -40.88 0.26
CA ARG B 373 10.19 -40.13 1.41
C ARG B 373 8.83 -39.52 1.11
N GLY B 374 8.03 -39.35 2.16
CA GLY B 374 6.72 -38.75 2.02
C GLY B 374 5.70 -39.74 1.52
N THR B 375 4.53 -39.21 1.15
CA THR B 375 3.43 -40.01 0.65
C THR B 375 3.47 -40.06 -0.88
N GLU B 376 2.49 -40.77 -1.45
CA GLU B 376 2.42 -40.91 -2.90
C GLU B 376 2.23 -39.56 -3.58
N ASN B 377 1.34 -38.73 -3.05
CA ASN B 377 1.01 -37.44 -3.64
C ASN B 377 1.69 -36.27 -2.93
N SER B 378 2.67 -36.54 -2.06
CA SER B 378 3.41 -35.49 -1.37
C SER B 378 4.77 -36.03 -0.97
N PRO B 379 5.63 -36.30 -1.95
CA PRO B 379 6.97 -36.81 -1.63
C PRO B 379 7.83 -35.77 -0.95
N GLY B 380 8.80 -36.26 -0.19
CA GLY B 380 9.76 -35.42 0.47
C GLY B 380 9.36 -35.04 1.88
N THR B 381 10.27 -34.35 2.56
CA THR B 381 10.08 -33.89 3.93
C THR B 381 9.59 -32.45 3.95
N LYS B 382 9.24 -31.99 5.15
CA LYS B 382 8.76 -30.64 5.36
C LYS B 382 9.34 -30.08 6.64
N MET B 383 9.78 -28.82 6.59
CA MET B 383 10.32 -28.14 7.75
C MET B 383 9.19 -27.46 8.52
N PHE B 384 9.26 -27.54 9.85
CA PHE B 384 8.23 -26.98 10.70
C PHE B 384 8.85 -26.25 11.89
N SER B 385 8.29 -25.11 12.24
CA SER B 385 8.63 -24.39 13.46
C SER B 385 7.50 -24.60 14.45
N VAL B 386 7.81 -25.16 15.61
CA VAL B 386 6.82 -25.49 16.63
C VAL B 386 7.03 -24.54 17.80
N ALA B 387 5.95 -23.92 18.26
CA ALA B 387 6.02 -22.98 19.39
C ALA B 387 4.98 -23.32 20.44
N GLY B 388 4.82 -22.45 21.44
CA GLY B 388 3.90 -22.68 22.52
C GLY B 388 4.59 -23.29 23.72
N PRO B 389 3.90 -23.41 24.85
CA PRO B 389 4.53 -23.99 26.03
C PRO B 389 4.72 -25.48 25.84
N LEU B 390 5.97 -25.87 25.61
CA LEU B 390 6.24 -27.22 25.11
C LEU B 390 7.68 -27.57 25.48
N LYS B 391 7.91 -28.85 25.75
CA LYS B 391 9.23 -29.27 26.22
C LYS B 391 10.33 -28.89 25.23
N ALA B 392 10.18 -29.28 23.97
CA ALA B 392 11.17 -29.01 22.94
C ALA B 392 10.51 -28.26 21.80
N THR B 393 11.02 -27.07 21.48
CA THR B 393 10.52 -26.25 20.39
C THR B 393 11.68 -25.88 19.48
N GLY B 394 11.33 -25.38 18.30
CA GLY B 394 12.33 -25.01 17.32
C GLY B 394 12.00 -25.55 15.94
N ILE B 395 13.01 -25.66 15.08
CA ILE B 395 12.82 -26.10 13.70
C ILE B 395 12.98 -27.61 13.64
N ILE B 396 12.03 -28.27 12.96
CA ILE B 396 12.05 -29.71 12.80
C ILE B 396 11.74 -30.04 11.34
N GLU B 397 12.17 -31.22 10.91
CA GLU B 397 11.94 -31.69 9.55
C GLU B 397 11.39 -33.11 9.61
N VAL B 398 10.24 -33.34 8.96
CA VAL B 398 9.59 -34.64 8.96
C VAL B 398 8.94 -34.90 7.61
N GLU B 399 8.69 -36.18 7.34
CA GLU B 399 8.06 -36.59 6.09
C GLU B 399 6.60 -36.14 6.06
N PHE B 400 5.99 -36.21 4.88
CA PHE B 400 4.59 -35.85 4.73
C PHE B 400 3.69 -37.03 5.06
N GLY B 401 3.92 -37.66 6.21
CA GLY B 401 3.04 -38.70 6.69
C GLY B 401 2.99 -38.75 8.20
N THR B 402 3.63 -37.77 8.84
CA THR B 402 3.73 -37.73 10.29
C THR B 402 2.53 -36.97 10.84
N THR B 403 1.91 -37.53 11.88
CA THR B 403 0.75 -36.91 12.49
C THR B 403 1.17 -35.76 13.41
N LEU B 404 0.20 -34.90 13.75
CA LEU B 404 0.49 -33.81 14.67
C LEU B 404 0.80 -34.33 16.07
N ARG B 405 0.14 -35.41 16.50
CA ARG B 405 0.45 -36.00 17.79
C ARG B 405 1.90 -36.45 17.83
N ASP B 406 2.37 -37.08 16.75
CA ASP B 406 3.76 -37.51 16.66
C ASP B 406 4.70 -36.33 16.84
N ILE B 407 4.44 -35.22 16.16
CA ILE B 407 5.28 -34.04 16.28
C ILE B 407 5.22 -33.49 17.70
N ILE B 408 4.02 -33.39 18.26
CA ILE B 408 3.83 -32.70 19.52
C ILE B 408 4.49 -33.46 20.66
N TYR B 409 4.46 -34.79 20.61
CA TYR B 409 4.95 -35.60 21.73
C TYR B 409 6.28 -36.28 21.45
N ASN B 410 6.40 -37.00 20.33
CA ASN B 410 7.61 -37.76 20.06
C ASN B 410 8.78 -36.87 19.63
N ILE B 411 8.51 -35.73 19.01
CA ILE B 411 9.55 -34.88 18.46
C ILE B 411 9.75 -33.63 19.32
N CYS B 412 8.69 -33.10 19.92
CA CYS B 412 8.79 -31.90 20.74
C CYS B 412 8.73 -32.20 22.23
N GLY B 413 8.66 -33.48 22.62
CA GLY B 413 8.74 -33.85 24.01
C GLY B 413 7.47 -33.69 24.82
N GLY B 414 6.38 -33.26 24.20
CA GLY B 414 5.14 -33.05 24.93
C GLY B 414 5.14 -31.73 25.68
N PHE B 415 4.06 -31.50 26.40
CA PHE B 415 3.85 -30.24 27.08
C PHE B 415 4.69 -30.14 28.35
N VAL B 416 4.86 -28.90 28.82
CA VAL B 416 5.64 -28.66 30.03
C VAL B 416 4.73 -28.80 31.25
N GLU B 417 5.36 -29.02 32.40
CA GLU B 417 4.62 -29.23 33.64
C GLU B 417 3.63 -28.09 33.87
N GLY B 418 2.33 -28.42 33.87
CA GLY B 418 1.29 -27.43 34.07
C GLY B 418 0.48 -27.07 32.85
N GLU B 419 0.56 -27.84 31.77
CA GLU B 419 -0.17 -27.55 30.55
C GLU B 419 -0.63 -28.85 29.90
N GLU B 420 -1.63 -28.73 29.03
CA GLU B 420 -2.09 -29.88 28.24
C GLU B 420 -2.81 -29.38 26.99
N PHE B 421 -2.92 -30.28 26.01
CA PHE B 421 -3.35 -29.91 24.66
C PHE B 421 -4.82 -29.51 24.62
N LYS B 422 -5.10 -28.39 23.95
CA LYS B 422 -6.46 -27.99 23.62
C LYS B 422 -6.67 -27.85 22.12
N ALA B 423 -5.77 -27.16 21.42
CA ALA B 423 -5.88 -26.95 19.99
C ALA B 423 -4.48 -26.70 19.43
N VAL B 424 -4.41 -26.50 18.12
CA VAL B 424 -3.14 -26.23 17.45
C VAL B 424 -3.42 -25.47 16.16
N GLN B 425 -2.59 -24.47 15.86
CA GLN B 425 -2.66 -23.68 14.64
C GLN B 425 -1.52 -24.12 13.74
N ILE B 426 -1.84 -24.46 12.49
CA ILE B 426 -0.86 -25.07 11.59
C ILE B 426 -0.45 -24.18 10.43
N GLY B 427 -1.09 -23.03 10.24
CA GLY B 427 -0.70 -22.17 9.14
C GLY B 427 -0.74 -20.69 9.48
N GLY B 428 -0.94 -20.38 10.75
CA GLY B 428 -1.04 -19.01 11.18
C GLY B 428 -2.41 -18.43 10.86
N PRO B 429 -2.47 -17.13 10.54
CA PRO B 429 -3.79 -16.52 10.28
C PRO B 429 -4.51 -17.15 9.11
N SER B 430 -3.80 -17.65 8.11
CA SER B 430 -4.41 -18.30 6.96
C SER B 430 -4.48 -19.82 7.10
N GLY B 431 -4.12 -20.36 8.26
CA GLY B 431 -4.12 -21.79 8.45
C GLY B 431 -5.45 -22.34 8.93
N ALA B 432 -5.42 -23.07 10.04
CA ALA B 432 -6.64 -23.64 10.60
C ALA B 432 -6.38 -24.00 12.05
N CYS B 433 -7.47 -24.17 12.80
CA CYS B 433 -7.42 -24.58 14.19
C CYS B 433 -7.83 -26.04 14.27
N LEU B 434 -6.96 -26.87 14.83
CA LEU B 434 -7.18 -28.32 14.90
C LEU B 434 -7.42 -28.70 16.35
N SER B 435 -8.57 -29.32 16.61
CA SER B 435 -8.90 -29.80 17.94
C SER B 435 -8.20 -31.14 18.18
N GLU B 436 -8.56 -31.83 19.26
CA GLU B 436 -7.96 -33.11 19.58
C GLU B 436 -8.31 -34.20 18.58
N ASP B 437 -9.29 -33.96 17.69
CA ASP B 437 -9.68 -34.96 16.70
C ASP B 437 -8.66 -35.10 15.59
N PHE B 438 -8.13 -33.99 15.09
CA PHE B 438 -7.37 -33.97 13.86
C PHE B 438 -5.89 -34.25 14.04
N ILE B 439 -5.42 -34.48 15.27
CA ILE B 439 -3.99 -34.72 15.46
C ILE B 439 -3.59 -36.17 15.19
N ASP B 440 -4.55 -37.07 15.02
CA ASP B 440 -4.27 -38.42 14.56
C ASP B 440 -4.49 -38.52 13.05
N MET B 441 -3.81 -37.67 12.28
CA MET B 441 -3.98 -37.62 10.85
C MET B 441 -2.63 -37.29 10.22
N PRO B 442 -2.17 -38.06 9.23
CA PRO B 442 -0.92 -37.69 8.55
C PRO B 442 -1.04 -36.33 7.89
N LEU B 443 0.02 -35.54 8.00
CA LEU B 443 0.06 -34.22 7.39
C LEU B 443 0.34 -34.38 5.91
N ASP B 444 -0.71 -34.30 5.09
CA ASP B 444 -0.62 -34.44 3.66
C ASP B 444 -1.41 -33.31 3.02
N TYR B 445 -0.96 -32.86 1.86
CA TYR B 445 -1.66 -31.77 1.16
C TYR B 445 -3.08 -32.19 0.82
N ASP B 446 -3.26 -33.42 0.34
CA ASP B 446 -4.59 -33.88 -0.07
C ASP B 446 -5.49 -34.10 1.14
N THR B 447 -4.99 -34.77 2.17
CA THR B 447 -5.83 -35.16 3.30
C THR B 447 -6.40 -33.96 4.03
N LEU B 448 -5.59 -32.93 4.25
CA LEU B 448 -6.06 -31.76 4.99
C LEU B 448 -7.05 -30.93 4.20
N LYS B 449 -7.01 -30.98 2.87
CA LYS B 449 -7.88 -30.12 2.07
C LYS B 449 -9.35 -30.47 2.29
N LYS B 450 -9.68 -31.76 2.36
CA LYS B 450 -11.05 -32.18 2.60
C LYS B 450 -11.35 -32.34 4.09
N ALA B 451 -10.39 -32.07 4.97
CA ALA B 451 -10.64 -31.99 6.40
C ALA B 451 -10.79 -30.55 6.86
N ASP B 452 -10.88 -29.60 5.93
CA ASP B 452 -10.98 -28.18 6.24
C ASP B 452 -9.75 -27.70 7.00
N ALA B 453 -8.60 -27.83 6.34
CA ALA B 453 -7.32 -27.41 6.91
C ALA B 453 -6.31 -27.35 5.77
N MET B 454 -5.05 -27.17 6.12
CA MET B 454 -3.98 -27.13 5.13
C MET B 454 -2.65 -27.32 5.85
N VAL B 455 -1.64 -27.70 5.08
CA VAL B 455 -0.30 -27.85 5.65
C VAL B 455 0.21 -26.50 6.13
N GLY B 456 -0.01 -25.45 5.34
CA GLY B 456 0.45 -24.12 5.69
C GLY B 456 1.89 -23.90 5.27
N SER B 457 2.38 -22.70 5.58
CA SER B 457 3.75 -22.33 5.26
C SER B 457 4.76 -23.10 6.10
N GLY B 458 4.33 -23.81 7.14
CA GLY B 458 5.23 -24.61 7.94
C GLY B 458 5.15 -24.31 9.42
N GLY B 459 4.33 -23.34 9.81
CA GLY B 459 4.24 -22.97 11.20
C GLY B 459 3.30 -23.87 11.99
N ILE B 460 3.67 -24.14 13.24
CA ILE B 460 2.85 -24.90 14.16
C ILE B 460 2.93 -24.23 15.52
N VAL B 461 1.78 -24.10 16.19
CA VAL B 461 1.73 -23.50 17.52
C VAL B 461 0.64 -24.20 18.31
N VAL B 462 1.02 -24.85 19.41
CA VAL B 462 0.07 -25.58 20.24
C VAL B 462 -0.70 -24.60 21.12
N ILE B 463 -1.93 -24.97 21.45
CA ILE B 463 -2.80 -24.16 22.29
C ILE B 463 -3.18 -24.98 23.52
N THR B 464 -2.91 -24.43 24.70
CA THR B 464 -3.20 -25.10 25.95
C THR B 464 -4.55 -24.66 26.51
N LYS B 465 -4.98 -25.33 27.57
CA LYS B 465 -6.28 -25.05 28.16
C LYS B 465 -6.37 -23.63 28.70
N LYS B 466 -5.26 -23.02 29.09
CA LYS B 466 -5.29 -21.65 29.60
C LYS B 466 -5.49 -20.62 28.49
N THR B 467 -5.77 -21.06 27.28
CA THR B 467 -6.00 -20.19 26.13
C THR B 467 -7.49 -20.12 25.80
N CYS B 468 -7.92 -18.95 25.35
CA CYS B 468 -9.30 -18.74 24.91
C CYS B 468 -9.34 -18.68 23.39
N MET B 469 -10.18 -19.53 22.79
CA MET B 469 -10.27 -19.58 21.33
C MET B 469 -10.81 -18.29 20.76
N VAL B 470 -11.74 -17.64 21.46
CA VAL B 470 -12.23 -16.35 21.01
C VAL B 470 -11.09 -15.36 20.93
N GLU B 471 -10.18 -15.37 21.91
CA GLU B 471 -9.05 -14.46 21.86
C GLU B 471 -8.09 -14.84 20.73
N VAL B 472 -7.95 -16.13 20.43
CA VAL B 472 -7.10 -16.52 19.31
C VAL B 472 -7.64 -15.94 18.01
N ALA B 473 -8.96 -16.08 17.80
CA ALA B 473 -9.59 -15.51 16.62
C ALA B 473 -9.43 -14.00 16.60
N ARG B 474 -9.63 -13.34 17.74
CA ARG B 474 -9.47 -11.90 17.81
C ARG B 474 -8.06 -11.48 17.45
N PHE B 475 -7.07 -12.23 17.94
CA PHE B 475 -5.67 -11.91 17.64
C PHE B 475 -5.39 -12.03 16.15
N PHE B 476 -5.85 -13.14 15.54
CA PHE B 476 -5.59 -13.33 14.12
C PHE B 476 -6.31 -12.28 13.28
N LEU B 477 -7.55 -11.91 13.65
CA LEU B 477 -8.25 -10.88 12.90
C LEU B 477 -7.64 -9.50 13.11
N ASP B 478 -7.10 -9.24 14.31
CA ASP B 478 -6.35 -8.01 14.53
C ASP B 478 -5.18 -7.92 13.57
N PHE B 479 -4.41 -8.99 13.48
CA PHE B 479 -3.29 -9.02 12.55
C PHE B 479 -3.76 -8.83 11.12
N THR B 480 -4.83 -9.52 10.73
CA THR B 480 -5.28 -9.47 9.35
C THR B 480 -5.77 -8.07 8.98
N LYS B 481 -6.51 -7.41 9.86
CA LYS B 481 -7.00 -6.08 9.54
C LYS B 481 -5.90 -5.05 9.60
N ARG B 482 -4.81 -5.32 10.33
CA ARG B 482 -3.64 -4.44 10.25
C ARG B 482 -2.86 -4.66 8.97
N GLU B 483 -2.88 -5.89 8.42
CA GLU B 483 -2.08 -6.24 7.25
C GLU B 483 -2.81 -6.05 5.92
N SER B 484 -4.11 -5.82 5.93
CA SER B 484 -4.85 -5.63 4.68
C SER B 484 -4.26 -4.47 3.89
N CYS B 485 -4.14 -4.64 2.57
CA CYS B 485 -3.60 -3.58 1.73
C CYS B 485 -4.61 -2.46 1.48
N GLY B 486 -5.90 -2.72 1.68
CA GLY B 486 -6.92 -1.71 1.53
C GLY B 486 -7.51 -1.57 0.15
N LYS B 487 -7.07 -2.37 -0.82
CA LYS B 487 -7.53 -2.20 -2.20
C LYS B 487 -9.02 -2.51 -2.34
N CYS B 488 -9.47 -3.65 -1.84
CA CYS B 488 -10.82 -4.14 -2.12
C CYS B 488 -11.71 -4.01 -0.88
N VAL B 489 -13.00 -3.77 -1.14
CA VAL B 489 -13.94 -3.49 -0.05
C VAL B 489 -14.08 -4.68 0.90
N PRO B 490 -14.34 -5.91 0.43
CA PRO B 490 -14.55 -7.01 1.39
C PRO B 490 -13.47 -7.11 2.43
N CYS B 491 -12.20 -7.26 2.04
CA CYS B 491 -11.15 -7.36 3.03
C CYS B 491 -11.06 -6.09 3.88
N ARG B 492 -10.89 -4.94 3.22
CA ARG B 492 -10.58 -3.71 3.93
C ARG B 492 -11.61 -3.38 5.02
N GLU B 493 -12.90 -3.48 4.72
CA GLU B 493 -13.90 -3.16 5.74
C GLU B 493 -14.41 -4.37 6.50
N GLY B 494 -14.58 -5.52 5.85
CA GLY B 494 -15.07 -6.68 6.56
C GLY B 494 -14.13 -7.15 7.65
N THR B 495 -12.81 -7.11 7.42
CA THR B 495 -11.89 -7.54 8.47
C THR B 495 -11.99 -6.61 9.67
N MET B 496 -12.10 -5.31 9.42
CA MET B 496 -12.26 -4.35 10.52
C MET B 496 -13.55 -4.62 11.30
N GLN B 497 -14.66 -4.85 10.58
CA GLN B 497 -15.93 -5.10 11.25
C GLN B 497 -15.89 -6.41 12.04
N ALA B 498 -15.28 -7.45 11.47
CA ALA B 498 -15.17 -8.73 12.17
C ALA B 498 -14.29 -8.59 13.40
N TYR B 499 -13.21 -7.83 13.29
CA TYR B 499 -12.36 -7.57 14.45
C TYR B 499 -13.14 -6.84 15.54
N ASN B 500 -13.96 -5.86 15.15
CA ASN B 500 -14.76 -5.13 16.12
C ASN B 500 -15.74 -6.07 16.82
N ILE B 501 -16.38 -6.95 16.06
CA ILE B 501 -17.32 -7.90 16.67
C ILE B 501 -16.59 -8.83 17.63
N LEU B 502 -15.40 -9.31 17.24
CA LEU B 502 -14.63 -10.18 18.12
C LEU B 502 -14.20 -9.45 19.38
N GLU B 503 -13.84 -8.17 19.25
CA GLU B 503 -13.52 -7.37 20.43
C GLU B 503 -14.72 -7.28 21.36
N LYS B 504 -15.92 -7.07 20.80
CA LYS B 504 -17.13 -7.09 21.62
C LYS B 504 -17.30 -8.43 22.31
N PHE B 505 -17.02 -9.53 21.60
CA PHE B 505 -17.12 -10.85 22.21
C PHE B 505 -16.20 -10.97 23.42
N THR B 506 -14.95 -10.54 23.28
CA THR B 506 -14.01 -10.67 24.39
C THR B 506 -14.33 -9.75 25.55
N HIS B 507 -15.26 -8.81 25.39
CA HIS B 507 -15.63 -7.88 26.45
C HIS B 507 -17.02 -8.15 27.01
N GLY B 508 -17.63 -9.27 26.66
CA GLY B 508 -18.94 -9.59 27.20
C GLY B 508 -20.06 -8.70 26.73
N LYS B 509 -19.90 -8.03 25.59
CA LYS B 509 -20.95 -7.21 25.01
C LYS B 509 -21.58 -7.84 23.78
N ALA B 510 -21.27 -9.10 23.50
CA ALA B 510 -21.75 -9.76 22.30
C ALA B 510 -23.05 -10.51 22.56
N THR B 511 -23.92 -10.49 21.57
CA THR B 511 -25.19 -11.19 21.59
C THR B 511 -25.22 -12.18 20.41
N TYR B 512 -26.34 -12.89 20.29
CA TYR B 512 -26.47 -13.86 19.21
C TYR B 512 -26.57 -13.17 17.85
N GLU B 513 -27.14 -11.97 17.81
CA GLU B 513 -27.14 -11.22 16.56
C GLU B 513 -25.72 -11.00 16.06
N ASP B 514 -24.79 -10.75 16.99
CA ASP B 514 -23.39 -10.62 16.61
C ASP B 514 -22.85 -11.93 16.07
N LEU B 515 -23.25 -13.06 16.65
CA LEU B 515 -22.80 -14.35 16.14
C LEU B 515 -23.24 -14.56 14.70
N LYS B 516 -24.52 -14.29 14.41
CA LYS B 516 -25.01 -14.44 13.04
C LYS B 516 -24.32 -13.49 12.09
N THR B 517 -24.15 -12.23 12.51
CA THR B 517 -23.47 -11.25 11.68
C THR B 517 -22.04 -11.68 11.38
N LEU B 518 -21.34 -12.19 12.38
CA LEU B 518 -19.98 -12.66 12.17
C LEU B 518 -19.95 -13.80 11.17
N GLU B 519 -20.87 -14.76 11.29
CA GLU B 519 -20.88 -15.89 10.37
C GLU B 519 -21.08 -15.43 8.92
N HIS B 520 -22.07 -14.55 8.71
CA HIS B 520 -22.37 -14.15 7.34
C HIS B 520 -21.29 -13.22 6.78
N LEU B 521 -20.74 -12.33 7.61
CA LEU B 521 -19.64 -11.49 7.17
C LEU B 521 -18.42 -12.34 6.83
N SER B 522 -18.19 -13.41 7.60
CA SER B 522 -17.07 -14.29 7.30
C SER B 522 -17.24 -14.95 5.94
N LYS B 523 -18.46 -15.42 5.64
CA LYS B 523 -18.68 -16.00 4.31
C LYS B 523 -18.45 -14.98 3.21
N THR B 524 -18.95 -13.75 3.42
CA THR B 524 -18.76 -12.71 2.39
C THR B 524 -17.29 -12.39 2.18
N ILE B 525 -16.53 -12.24 3.27
CA ILE B 525 -15.10 -11.95 3.13
C ILE B 525 -14.40 -13.11 2.45
N LYS B 526 -14.75 -14.34 2.81
CA LYS B 526 -14.11 -15.51 2.21
C LYS B 526 -14.32 -15.54 0.71
N THR B 527 -15.55 -15.29 0.26
CA THR B 527 -15.86 -15.47 -1.16
C THR B 527 -15.56 -14.24 -2.02
N ALA B 528 -15.66 -13.02 -1.48
CA ALA B 528 -15.56 -11.82 -2.29
C ALA B 528 -14.19 -11.17 -2.28
N SER B 529 -13.32 -11.52 -1.33
CA SER B 529 -12.02 -10.86 -1.23
C SER B 529 -11.21 -11.09 -2.50
N LEU B 530 -10.46 -10.06 -2.90
CA LEU B 530 -9.74 -10.13 -4.18
C LEU B 530 -8.64 -11.18 -4.17
N CYS B 531 -7.78 -11.14 -3.16
CA CYS B 531 -6.59 -11.99 -3.12
C CYS B 531 -6.65 -12.94 -1.93
N GLY B 532 -5.57 -13.71 -1.77
CA GLY B 532 -5.53 -14.75 -0.75
C GLY B 532 -5.60 -14.23 0.67
N LEU B 533 -5.04 -13.06 0.92
CA LEU B 533 -5.06 -12.50 2.28
C LEU B 533 -6.49 -12.39 2.80
N GLY B 534 -7.37 -11.75 2.03
CA GLY B 534 -8.75 -11.63 2.45
C GLY B 534 -9.54 -12.90 2.34
N LYS B 535 -9.22 -13.76 1.37
CA LYS B 535 -9.95 -15.02 1.23
C LYS B 535 -9.73 -15.90 2.45
N THR B 536 -8.51 -15.88 3.01
CA THR B 536 -8.20 -16.67 4.19
C THR B 536 -8.32 -15.87 5.48
N ALA B 537 -8.72 -14.61 5.40
CA ALA B 537 -8.86 -13.80 6.62
C ALA B 537 -9.84 -14.42 7.61
N PRO B 538 -11.02 -14.88 7.20
CA PRO B 538 -11.97 -15.46 8.17
C PRO B 538 -11.67 -16.90 8.54
N ASN B 539 -10.57 -17.48 8.10
CA ASN B 539 -10.27 -18.87 8.43
C ASN B 539 -10.25 -19.11 9.93
N PRO B 540 -9.56 -18.31 10.75
CA PRO B 540 -9.63 -18.54 12.20
C PRO B 540 -11.04 -18.49 12.74
N ILE B 541 -11.85 -17.51 12.32
CA ILE B 541 -13.22 -17.41 12.81
C ILE B 541 -14.00 -18.67 12.44
N LEU B 542 -13.91 -19.07 11.18
CA LEU B 542 -14.69 -20.21 10.72
C LEU B 542 -14.27 -21.50 11.42
N SER B 543 -12.96 -21.72 11.55
CA SER B 543 -12.49 -22.94 12.21
C SER B 543 -12.86 -22.95 13.69
N THR B 544 -12.65 -21.82 14.37
CA THR B 544 -12.99 -21.77 15.80
C THR B 544 -14.49 -21.97 16.01
N LEU B 545 -15.32 -21.38 15.15
CA LEU B 545 -16.76 -21.59 15.26
C LEU B 545 -17.11 -23.05 15.01
N LYS B 546 -16.48 -23.67 14.02
CA LYS B 546 -16.78 -25.06 13.71
C LYS B 546 -16.42 -25.98 14.87
N LEU B 547 -15.28 -25.74 15.51
CA LEU B 547 -14.76 -26.65 16.52
C LEU B 547 -14.86 -26.13 17.95
N PHE B 548 -15.15 -24.85 18.15
CA PHE B 548 -15.21 -24.28 19.50
C PHE B 548 -16.38 -23.32 19.63
N ARG B 549 -17.55 -23.71 19.11
CA ARG B 549 -18.73 -22.85 19.20
C ARG B 549 -19.15 -22.65 20.64
N GLU B 550 -19.08 -23.70 21.47
CA GLU B 550 -19.51 -23.59 22.86
C GLU B 550 -18.80 -22.46 23.58
N GLU B 551 -17.54 -22.20 23.24
CA GLU B 551 -16.83 -21.07 23.84
C GLU B 551 -17.50 -19.75 23.48
N TYR B 552 -17.88 -19.57 22.21
CA TYR B 552 -18.56 -18.34 21.81
C TYR B 552 -19.90 -18.21 22.53
N ILE B 553 -20.65 -19.30 22.62
CA ILE B 553 -21.93 -19.27 23.29
C ILE B 553 -21.74 -18.88 24.76
N ALA B 554 -20.71 -19.44 25.39
CA ALA B 554 -20.43 -19.10 26.79
C ALA B 554 -20.07 -17.62 26.94
N HIS B 555 -19.28 -17.08 26.00
CA HIS B 555 -18.94 -15.67 26.06
C HIS B 555 -20.18 -14.80 25.93
N ILE B 556 -21.11 -15.21 25.08
CA ILE B 556 -22.39 -14.50 25.00
C ILE B 556 -23.13 -14.60 26.32
N GLU B 557 -23.08 -15.77 26.96
CA GLU B 557 -23.76 -15.95 28.24
C GLU B 557 -23.19 -15.04 29.31
N GLY B 558 -21.88 -14.77 29.26
CA GLY B 558 -21.25 -13.90 30.23
C GLY B 558 -20.19 -14.57 31.07
N GLU B 559 -19.47 -15.54 30.51
CA GLU B 559 -18.41 -16.22 31.23
C GLU B 559 -17.46 -16.88 30.24
N CYS B 560 -16.15 -16.77 30.52
CA CYS B 560 -15.09 -17.33 29.68
C CYS B 560 -14.69 -18.70 30.20
N PRO B 561 -14.76 -19.77 29.39
CA PRO B 561 -14.33 -21.09 29.88
C PRO B 561 -12.92 -21.09 30.41
N SER B 562 -12.01 -20.35 29.79
CA SER B 562 -10.69 -20.11 30.33
C SER B 562 -10.74 -18.83 31.15
N GLY B 563 -9.59 -18.40 31.68
CA GLY B 563 -9.57 -17.20 32.51
C GLY B 563 -8.77 -16.06 31.92
N MET B 564 -8.49 -16.11 30.62
CA MET B 564 -7.61 -15.10 30.03
C MET B 564 -8.35 -13.85 29.59
N CYS B 565 -9.64 -13.93 29.27
CA CYS B 565 -10.39 -12.73 28.93
C CYS B 565 -10.45 -11.82 30.15
N THR B 566 -9.73 -10.71 30.08
CA THR B 566 -9.61 -9.77 31.19
C THR B 566 -10.90 -9.02 31.47
N ALA B 567 -11.91 -9.15 30.61
CA ALA B 567 -13.13 -8.38 30.78
C ALA B 567 -13.83 -8.68 32.10
N PHE B 568 -13.91 -9.97 32.47
CA PHE B 568 -14.69 -10.32 33.66
C PHE B 568 -13.84 -10.29 34.94
N LYS B 569 -12.94 -11.27 35.09
CA LYS B 569 -11.95 -11.29 36.18
C LYS B 569 -12.43 -10.57 37.43
N LYS B 570 -13.54 -11.00 38.00
CA LYS B 570 -14.11 -10.32 39.16
C LYS B 570 -13.03 -9.98 40.18
N TYR B 571 -13.18 -8.82 40.83
CA TYR B 571 -12.26 -8.37 41.87
C TYR B 571 -12.89 -8.67 43.23
N VAL B 572 -12.20 -9.47 44.03
CA VAL B 572 -12.70 -9.91 45.33
C VAL B 572 -11.66 -9.58 46.39
N ILE B 573 -12.12 -9.01 47.50
CA ILE B 573 -11.26 -8.72 48.64
C ILE B 573 -11.24 -9.94 49.55
N ASN B 574 -10.05 -10.46 49.82
CA ASN B 574 -9.93 -11.67 50.63
C ASN B 574 -10.17 -11.35 52.09
N PRO B 575 -11.17 -11.95 52.74
CA PRO B 575 -11.39 -11.68 54.18
C PRO B 575 -10.23 -12.10 55.04
N ASP B 576 -9.54 -13.20 54.71
CA ASP B 576 -8.37 -13.60 55.46
C ASP B 576 -7.15 -12.72 55.15
N ILE B 577 -7.21 -11.95 54.07
CA ILE B 577 -6.13 -11.04 53.70
C ILE B 577 -6.49 -9.59 53.93
N CYS B 578 -7.67 -9.29 54.48
CA CYS B 578 -8.10 -7.92 54.69
C CYS B 578 -7.78 -7.47 56.10
N LYS B 579 -7.05 -6.36 56.21
CA LYS B 579 -6.73 -5.80 57.52
C LYS B 579 -7.96 -5.25 58.23
N GLY B 580 -9.06 -5.00 57.51
CA GLY B 580 -10.24 -4.42 58.11
C GLY B 580 -10.04 -2.99 58.57
N CYS B 581 -9.40 -2.16 57.74
CA CYS B 581 -9.22 -0.76 58.10
C CYS B 581 -10.52 0.02 57.96
N GLY B 582 -11.45 -0.46 57.14
CA GLY B 582 -12.73 0.22 56.96
C GLY B 582 -12.63 1.55 56.24
N LEU B 583 -11.80 1.61 55.19
CA LEU B 583 -11.70 2.81 54.37
C LEU B 583 -12.43 2.68 53.04
N CYS B 584 -12.96 1.50 52.72
CA CYS B 584 -13.62 1.26 51.45
C CYS B 584 -15.07 1.71 51.43
N ALA B 585 -15.62 2.20 52.55
CA ALA B 585 -16.98 2.72 52.56
C ALA B 585 -16.97 4.16 52.06
N ARG B 586 -17.74 4.42 51.01
CA ARG B 586 -17.82 5.70 50.31
C ARG B 586 -16.61 5.93 49.40
N SER B 587 -15.65 5.00 49.36
CA SER B 587 -14.47 5.11 48.52
C SER B 587 -14.70 4.59 47.11
N CYS B 588 -15.91 4.13 46.80
CA CYS B 588 -16.21 3.53 45.52
C CYS B 588 -17.37 4.24 44.83
N PRO B 589 -17.34 4.36 43.50
CA PRO B 589 -18.50 4.94 42.82
C PRO B 589 -19.78 4.15 43.07
N GLN B 590 -19.68 2.84 43.26
CA GLN B 590 -20.84 2.01 43.55
C GLN B 590 -21.17 1.92 45.03
N ASN B 591 -20.24 2.32 45.90
CA ASN B 591 -20.45 2.31 47.35
C ASN B 591 -20.84 0.91 47.85
N ALA B 592 -20.52 -0.12 47.07
CA ALA B 592 -20.84 -1.49 47.45
C ALA B 592 -19.73 -2.04 48.35
N ILE B 593 -19.49 -1.31 49.44
CA ILE B 593 -18.43 -1.69 50.39
C ILE B 593 -18.95 -2.82 51.26
N THR B 594 -20.00 -2.55 52.04
CA THR B 594 -20.62 -3.57 52.89
C THR B 594 -19.57 -4.33 53.70
N GLY B 595 -18.64 -3.58 54.29
CA GLY B 595 -17.52 -4.16 55.02
C GLY B 595 -17.67 -3.94 56.51
N GLU B 596 -17.57 -5.04 57.26
CA GLU B 596 -17.65 -4.96 58.71
C GLU B 596 -16.52 -4.10 59.25
N ARG B 597 -16.87 -3.21 60.17
CA ARG B 597 -15.88 -2.31 60.78
C ARG B 597 -15.24 -2.99 61.99
N GLY B 598 -13.93 -2.81 62.13
CA GLY B 598 -13.19 -3.42 63.22
C GLY B 598 -12.78 -4.86 62.96
N LYS B 599 -13.13 -5.41 61.80
CA LYS B 599 -12.80 -6.79 61.46
C LYS B 599 -12.71 -6.91 59.94
N PRO B 600 -12.38 -8.09 59.41
CA PRO B 600 -12.32 -8.23 57.95
C PRO B 600 -13.65 -7.90 57.30
N TYR B 601 -13.57 -7.33 56.11
CA TYR B 601 -14.74 -6.90 55.37
C TYR B 601 -14.91 -7.74 54.10
N THR B 602 -16.12 -7.70 53.55
CA THR B 602 -16.45 -8.40 52.32
C THR B 602 -17.05 -7.42 51.33
N ILE B 603 -16.65 -7.55 50.07
CA ILE B 603 -17.09 -6.67 49.00
C ILE B 603 -18.09 -7.41 48.12
N ASP B 604 -19.16 -6.73 47.75
CA ASP B 604 -20.20 -7.28 46.89
C ASP B 604 -20.12 -6.62 45.52
N GLN B 605 -20.17 -7.45 44.47
CA GLN B 605 -20.08 -6.97 43.09
C GLN B 605 -21.44 -6.89 42.42
N GLU B 606 -22.53 -6.79 43.21
CA GLU B 606 -23.86 -6.70 42.63
C GLU B 606 -24.10 -5.41 41.88
N LYS B 607 -23.55 -4.29 42.36
CA LYS B 607 -23.66 -3.01 41.67
C LYS B 607 -22.37 -2.59 40.99
N CYS B 608 -21.25 -3.23 41.32
CA CYS B 608 -19.97 -2.86 40.72
C CYS B 608 -20.02 -2.99 39.19
N VAL B 609 -19.40 -2.02 38.52
CA VAL B 609 -19.32 -2.02 37.06
C VAL B 609 -17.98 -2.59 36.57
N LYS B 610 -17.14 -3.10 37.48
CA LYS B 610 -15.83 -3.63 37.15
C LYS B 610 -14.97 -2.56 36.47
N CYS B 611 -14.68 -1.52 37.25
CA CYS B 611 -13.90 -0.39 36.75
C CYS B 611 -12.40 -0.56 36.97
N GLY B 612 -12.01 -1.15 38.09
CA GLY B 612 -10.59 -1.34 38.39
C GLY B 612 -10.08 -0.33 39.41
N LEU B 613 -10.92 -0.01 40.40
CA LEU B 613 -10.57 0.93 41.45
C LEU B 613 -10.65 0.29 42.83
N CYS B 614 -10.20 -0.96 42.94
CA CYS B 614 -10.18 -1.66 44.22
C CYS B 614 -8.79 -1.74 44.83
N ALA B 615 -7.74 -1.62 44.02
CA ALA B 615 -6.37 -1.69 44.48
C ALA B 615 -5.80 -0.33 44.86
N SER B 616 -6.66 0.65 45.14
CA SER B 616 -6.19 1.99 45.48
C SER B 616 -5.61 2.05 46.88
N LYS B 617 -6.46 1.80 47.89
CA LYS B 617 -6.06 1.87 49.30
C LYS B 617 -6.40 0.54 49.95
N CYS B 618 -5.48 -0.42 49.82
CA CYS B 618 -5.60 -1.74 50.43
C CYS B 618 -4.22 -2.34 50.56
N PRO B 619 -4.02 -3.28 51.49
CA PRO B 619 -2.74 -4.00 51.56
C PRO B 619 -2.68 -5.16 50.58
N PHE B 620 -2.78 -4.85 49.29
CA PHE B 620 -2.80 -5.85 48.23
C PHE B 620 -3.91 -6.87 48.46
N LYS B 621 -5.04 -6.43 48.99
CA LYS B 621 -6.16 -7.31 49.27
C LYS B 621 -7.09 -7.49 48.07
N ALA B 622 -6.91 -6.71 47.02
CA ALA B 622 -7.74 -6.79 45.82
C ALA B 622 -6.95 -7.44 44.70
N ILE B 623 -7.55 -8.43 44.05
CA ILE B 623 -6.92 -9.15 42.94
C ILE B 623 -7.66 -8.81 41.67
N GLU B 624 -6.93 -8.33 40.66
CA GLU B 624 -7.53 -7.94 39.40
C GLU B 624 -7.73 -9.14 38.48
N HIS C 32 23.00 20.56 1.21
CA HIS C 32 22.67 20.35 2.62
C HIS C 32 22.59 18.86 2.93
N PHE C 33 22.02 18.08 2.01
CA PHE C 33 21.88 16.64 2.18
C PHE C 33 22.94 15.94 1.34
N GLU C 34 24.16 15.85 1.90
CA GLU C 34 25.26 15.20 1.20
C GLU C 34 25.12 13.67 1.25
N LYS C 35 24.71 13.12 2.39
CA LYS C 35 24.63 11.67 2.52
C LYS C 35 23.47 11.10 1.73
N VAL C 36 22.36 11.86 1.61
CA VAL C 36 21.26 11.41 0.78
C VAL C 36 21.69 11.35 -0.68
N GLU C 37 22.46 12.34 -1.14
CA GLU C 37 23.03 12.25 -2.48
C GLU C 37 23.97 11.07 -2.60
N GLU C 38 24.78 10.81 -1.59
CA GLU C 38 25.66 9.65 -1.65
C GLU C 38 24.84 8.38 -1.87
N ILE C 39 23.77 8.22 -1.09
CA ILE C 39 22.92 7.04 -1.20
C ILE C 39 22.28 6.96 -2.58
N LEU C 40 21.70 8.06 -3.05
CA LEU C 40 20.99 8.05 -4.32
C LEU C 40 21.93 7.76 -5.49
N LYS C 41 23.10 8.38 -5.48
CA LYS C 41 24.06 8.15 -6.57
C LYS C 41 24.62 6.74 -6.50
N LYS C 42 24.73 6.17 -5.29
CA LYS C 42 25.09 4.77 -5.19
C LYS C 42 24.02 3.89 -5.81
N TYR C 43 22.75 4.25 -5.64
CA TYR C 43 21.64 3.55 -6.27
C TYR C 43 21.19 4.22 -7.56
N GLY C 44 21.81 5.33 -7.95
CA GLY C 44 21.60 5.93 -9.26
C GLY C 44 20.20 6.45 -9.54
N TYR C 45 19.54 7.00 -8.54
CA TYR C 45 18.21 7.61 -8.69
C TYR C 45 17.20 6.66 -9.32
N LYS C 46 17.49 5.37 -9.37
CA LYS C 46 16.61 4.43 -10.04
C LYS C 46 15.31 4.31 -9.25
N ARG C 47 14.18 4.44 -9.94
CA ARG C 47 12.90 4.42 -9.25
C ARG C 47 12.67 3.08 -8.57
N GLU C 48 13.03 1.98 -9.24
CA GLU C 48 12.87 0.64 -8.70
C GLU C 48 13.85 0.32 -7.58
N ASN C 49 14.64 1.30 -7.11
CA ASN C 49 15.46 1.16 -5.92
C ASN C 49 14.96 2.02 -4.78
N LEU C 50 13.71 2.50 -4.88
CA LEU C 50 13.18 3.45 -3.91
C LEU C 50 13.12 2.84 -2.51
N ILE C 51 12.73 1.57 -2.41
CA ILE C 51 12.60 0.95 -1.10
C ILE C 51 13.95 0.91 -0.39
N LYS C 52 14.99 0.47 -1.10
CA LYS C 52 16.32 0.42 -0.49
C LYS C 52 16.84 1.81 -0.17
N ILE C 53 16.58 2.77 -1.05
CA ILE C 53 17.00 4.15 -0.79
C ILE C 53 16.36 4.64 0.50
N LEU C 54 15.05 4.40 0.66
CA LEU C 54 14.36 4.85 1.86
C LEU C 54 14.88 4.13 3.10
N LEU C 55 15.13 2.83 3.01
CA LEU C 55 15.64 2.11 4.17
C LEU C 55 16.99 2.65 4.61
N GLU C 56 17.90 2.89 3.67
CA GLU C 56 19.22 3.37 4.05
C GLU C 56 19.13 4.80 4.59
N ILE C 57 18.33 5.66 3.94
CA ILE C 57 18.13 7.01 4.45
C ILE C 57 17.58 6.96 5.87
N GLN C 58 16.65 6.04 6.13
CA GLN C 58 16.08 5.94 7.47
C GLN C 58 17.12 5.53 8.49
N GLU C 59 17.88 4.48 8.20
CA GLU C 59 18.91 4.06 9.15
C GLU C 59 19.90 5.18 9.40
N ILE C 60 20.11 6.07 8.44
CA ILE C 60 20.92 7.25 8.69
C ILE C 60 20.21 8.20 9.65
N TYR C 61 18.95 8.51 9.36
CA TYR C 61 18.21 9.52 10.10
C TYR C 61 17.37 8.97 11.25
N ARG C 62 17.30 7.66 11.46
CA ARG C 62 16.39 7.02 12.43
C ARG C 62 14.89 7.08 12.02
N TYR C 63 14.56 7.82 10.95
CA TYR C 63 13.17 7.96 10.51
C TYR C 63 13.22 8.66 9.15
N LEU C 64 12.06 9.06 8.63
CA LEU C 64 11.98 9.72 7.32
C LEU C 64 11.48 11.15 7.47
N PRO C 65 12.36 12.13 7.56
CA PRO C 65 11.90 13.52 7.71
C PRO C 65 11.25 14.04 6.42
N GLU C 66 10.31 14.97 6.60
CA GLU C 66 9.62 15.54 5.45
C GLU C 66 10.59 16.23 4.49
N ASP C 67 11.56 16.97 5.04
CA ASP C 67 12.53 17.66 4.19
C ASP C 67 13.34 16.67 3.36
N VAL C 68 13.75 15.56 3.97
CA VAL C 68 14.51 14.54 3.25
C VAL C 68 13.65 13.96 2.13
N ILE C 69 12.37 13.71 2.41
CA ILE C 69 11.49 13.14 1.38
C ILE C 69 11.31 14.13 0.25
N ASN C 70 11.13 15.42 0.55
CA ASN C 70 10.99 16.42 -0.51
C ASN C 70 12.25 16.47 -1.37
N TYR C 71 13.41 16.46 -0.74
CA TYR C 71 14.66 16.51 -1.50
C TYR C 71 14.83 15.26 -2.36
N VAL C 72 14.52 14.08 -1.81
CA VAL C 72 14.58 12.86 -2.60
C VAL C 72 13.61 12.93 -3.76
N SER C 73 12.44 13.53 -3.54
CA SER C 73 11.46 13.69 -4.59
C SER C 73 12.02 14.52 -5.74
N THR C 74 12.55 15.71 -5.41
CA THR C 74 13.08 16.57 -6.47
C THR C 74 14.27 15.91 -7.17
N ALA C 75 15.09 15.15 -6.45
CA ALA C 75 16.27 14.55 -7.06
C ALA C 75 15.92 13.36 -7.94
N MET C 76 14.99 12.52 -7.51
CA MET C 76 14.66 11.29 -8.25
C MET C 76 13.55 11.47 -9.27
N GLY C 77 12.94 12.65 -9.34
CA GLY C 77 11.85 12.87 -10.26
C GLY C 77 10.57 12.11 -9.93
N ILE C 78 10.20 12.06 -8.66
CA ILE C 78 8.94 11.46 -8.24
C ILE C 78 8.20 12.46 -7.35
N PRO C 79 6.89 12.65 -7.54
CA PRO C 79 6.16 13.56 -6.66
C PRO C 79 6.22 13.06 -5.22
N PRO C 80 6.21 13.98 -4.25
CA PRO C 80 6.29 13.54 -2.85
C PRO C 80 5.16 12.62 -2.44
N ALA C 81 3.99 12.73 -3.08
CA ALA C 81 2.85 11.90 -2.70
C ALA C 81 3.14 10.42 -2.92
N LYS C 82 3.80 10.09 -4.03
CA LYS C 82 4.10 8.70 -4.34
C LYS C 82 5.06 8.10 -3.30
N ILE C 83 6.13 8.84 -2.98
CA ILE C 83 7.07 8.38 -1.97
C ILE C 83 6.39 8.27 -0.63
N TYR C 84 5.52 9.23 -0.29
CA TYR C 84 4.82 9.20 0.97
C TYR C 84 3.92 7.97 1.07
N GLY C 85 3.22 7.65 -0.02
CA GLY C 85 2.39 6.45 -0.02
C GLY C 85 3.21 5.19 0.18
N VAL C 86 4.33 5.08 -0.53
CA VAL C 86 5.19 3.91 -0.36
C VAL C 86 5.68 3.83 1.09
N ALA C 87 6.12 4.97 1.63
CA ALA C 87 6.70 4.99 2.97
C ALA C 87 5.67 4.64 4.04
N THR C 88 4.43 5.10 3.87
CA THR C 88 3.39 4.78 4.84
C THR C 88 2.79 3.40 4.64
N PHE C 89 3.07 2.74 3.51
CA PHE C 89 2.57 1.39 3.30
C PHE C 89 3.34 0.34 4.09
N TYR C 90 4.64 0.51 4.27
CA TYR C 90 5.49 -0.52 4.85
C TYR C 90 5.76 -0.24 6.32
N ALA C 91 5.84 -1.32 7.11
CA ALA C 91 5.93 -1.18 8.57
C ALA C 91 7.30 -0.69 9.03
N GLN C 92 8.36 -1.05 8.31
CA GLN C 92 9.71 -0.65 8.73
C GLN C 92 9.86 0.86 8.76
N PHE C 93 9.23 1.57 7.83
CA PHE C 93 9.38 3.01 7.79
C PHE C 93 8.58 3.67 8.91
N SER C 94 9.03 4.84 9.32
CA SER C 94 8.39 5.60 10.38
C SER C 94 8.52 7.08 10.08
N LEU C 95 7.44 7.83 10.31
CA LEU C 95 7.42 9.26 10.08
C LEU C 95 7.75 10.05 11.34
N LYS C 96 7.94 9.39 12.47
CA LYS C 96 8.30 10.01 13.74
C LYS C 96 9.67 9.51 14.19
N PRO C 97 10.40 10.30 14.96
CA PRO C 97 11.73 9.85 15.40
C PRO C 97 11.65 8.72 16.41
N LYS C 98 12.59 7.79 16.30
CA LYS C 98 12.72 6.72 17.28
C LYS C 98 13.46 7.24 18.51
N GLY C 99 12.99 6.83 19.68
CA GLY C 99 13.60 7.30 20.91
C GLY C 99 15.00 6.77 21.11
N LYS C 100 15.67 7.33 22.12
CA LYS C 100 17.02 6.88 22.44
C LYS C 100 17.05 5.39 22.74
N TYR C 101 15.95 4.85 23.27
CA TYR C 101 15.82 3.42 23.54
C TYR C 101 14.54 2.93 22.85
N THR C 102 14.70 2.04 21.87
CA THR C 102 13.58 1.52 21.11
C THR C 102 13.14 0.19 21.72
N ILE C 103 11.83 0.05 21.95
CA ILE C 103 11.25 -1.14 22.56
C ILE C 103 10.43 -1.86 21.50
N MET C 104 10.84 -3.07 21.16
CA MET C 104 10.13 -3.92 20.20
C MET C 104 9.55 -5.11 20.96
N VAL C 105 8.22 -5.19 21.00
CA VAL C 105 7.51 -6.28 21.66
C VAL C 105 6.97 -7.21 20.59
N CYS C 106 7.28 -8.50 20.71
CA CYS C 106 6.83 -9.47 19.72
C CYS C 106 5.35 -9.79 19.95
N ASP C 107 4.54 -9.62 18.92
CA ASP C 107 3.13 -9.97 18.96
C ASP C 107 2.84 -11.20 18.10
N GLY C 108 3.79 -12.12 18.02
CA GLY C 108 3.57 -13.36 17.31
C GLY C 108 2.59 -14.25 18.05
N THR C 109 2.21 -15.34 17.40
CA THR C 109 1.24 -16.24 18.01
C THR C 109 1.71 -16.75 19.36
N ALA C 110 2.92 -17.30 19.41
CA ALA C 110 3.43 -17.84 20.66
C ALA C 110 3.61 -16.76 21.71
N CYS C 111 4.20 -15.63 21.34
CA CYS C 111 4.39 -14.55 22.31
C CYS C 111 3.06 -13.95 22.74
N HIS C 112 2.08 -13.91 21.85
CA HIS C 112 0.77 -13.39 22.24
C HIS C 112 0.10 -14.32 23.25
N MET C 113 0.11 -15.63 22.97
CA MET C 113 -0.46 -16.57 23.91
C MET C 113 0.36 -16.66 25.20
N ALA C 114 1.61 -16.20 25.17
CA ALA C 114 2.45 -16.23 26.37
C ALA C 114 2.16 -15.07 27.32
N GLY C 115 1.57 -13.99 26.82
CA GLY C 115 1.28 -12.85 27.66
C GLY C 115 1.83 -11.54 27.13
N SER C 116 2.06 -11.46 25.82
CA SER C 116 2.49 -10.20 25.22
C SER C 116 1.56 -9.05 25.55
N PRO C 117 0.22 -9.21 25.55
CA PRO C 117 -0.64 -8.08 25.94
C PRO C 117 -0.36 -7.59 27.35
N GLU C 118 0.02 -8.49 28.28
CA GLU C 118 0.40 -8.04 29.60
C GLU C 118 1.66 -7.16 29.55
N VAL C 119 2.63 -7.55 28.71
CA VAL C 119 3.83 -6.73 28.53
C VAL C 119 3.45 -5.37 27.97
N LEU C 120 2.56 -5.35 26.99
CA LEU C 120 2.13 -4.09 26.40
C LEU C 120 1.43 -3.20 27.42
N LYS C 121 0.56 -3.80 28.23
CA LYS C 121 -0.13 -3.03 29.26
C LYS C 121 0.86 -2.48 30.28
N ALA C 122 1.85 -3.28 30.68
CA ALA C 122 2.85 -2.81 31.62
C ALA C 122 3.64 -1.63 31.05
N ILE C 123 4.06 -1.75 29.77
CA ILE C 123 4.80 -0.66 29.16
C ILE C 123 3.93 0.59 29.07
N GLU C 124 2.64 0.41 28.76
CA GLU C 124 1.73 1.55 28.72
C GLU C 124 1.63 2.22 30.09
N GLU C 125 1.49 1.43 31.15
CA GLU C 125 1.30 2.00 32.47
C GLU C 125 2.59 2.63 33.00
N GLU C 126 3.75 2.17 32.54
CA GLU C 126 5.01 2.72 33.02
C GLU C 126 5.43 3.94 32.21
N THR C 127 5.55 3.79 30.89
CA THR C 127 5.98 4.87 30.02
C THR C 127 4.83 5.72 29.49
N GLY C 128 3.59 5.23 29.56
CA GLY C 128 2.45 5.99 29.09
C GLY C 128 2.43 6.19 27.59
N LEU C 129 2.82 5.17 26.83
CA LEU C 129 2.81 5.28 25.38
C LEU C 129 2.28 3.98 24.77
N THR C 130 1.50 4.14 23.71
CA THR C 130 0.87 3.08 22.92
C THR C 130 1.81 2.67 21.79
N PRO C 131 1.76 1.42 21.31
CA PRO C 131 2.70 1.01 20.27
C PRO C 131 2.63 1.94 19.06
N GLY C 132 3.80 2.20 18.48
CA GLY C 132 3.89 3.11 17.35
C GLY C 132 3.95 4.57 17.73
N ASN C 133 4.22 4.88 19.01
CA ASN C 133 4.28 6.25 19.49
C ASN C 133 5.59 6.47 20.23
N VAL C 134 5.89 7.75 20.46
CA VAL C 134 7.10 8.16 21.14
C VAL C 134 6.75 9.27 22.12
N THR C 135 7.54 9.35 23.20
CA THR C 135 7.32 10.38 24.20
C THR C 135 7.66 11.76 23.62
N GLU C 136 7.14 12.80 24.29
CA GLU C 136 7.49 14.15 23.90
C GLU C 136 8.99 14.39 24.05
N ASP C 137 9.62 13.74 25.03
CA ASP C 137 11.05 13.87 25.26
C ASP C 137 11.88 12.94 24.36
N LEU C 138 11.25 12.04 23.61
CA LEU C 138 11.96 11.12 22.72
C LEU C 138 12.85 10.16 23.50
N MET C 139 12.48 9.85 24.75
CA MET C 139 13.29 8.94 25.55
C MET C 139 13.00 7.49 25.23
N PHE C 140 11.73 7.16 24.99
CA PHE C 140 11.30 5.80 24.69
C PHE C 140 10.38 5.79 23.48
N SER C 141 10.34 4.64 22.81
CA SER C 141 9.46 4.44 21.66
C SER C 141 9.13 2.96 21.56
N LEU C 142 7.85 2.64 21.39
CA LEU C 142 7.39 1.26 21.33
C LEU C 142 6.96 0.88 19.93
N ASP C 143 7.10 -0.42 19.63
CA ASP C 143 6.69 -0.97 18.35
C ASP C 143 6.33 -2.44 18.56
N GLN C 144 5.23 -2.87 17.96
CA GLN C 144 4.90 -4.28 17.89
C GLN C 144 5.54 -4.88 16.65
N VAL C 145 6.12 -6.06 16.80
CA VAL C 145 6.78 -6.75 15.69
C VAL C 145 6.30 -8.20 15.68
N GLY C 146 6.53 -8.85 14.55
CA GLY C 146 6.18 -10.25 14.40
C GLY C 146 7.16 -11.13 15.13
N CYS C 147 7.09 -12.43 14.85
CA CYS C 147 7.97 -13.38 15.51
C CYS C 147 9.43 -12.99 15.29
N LEU C 148 10.22 -13.09 16.35
CA LEU C 148 11.64 -12.79 16.31
C LEU C 148 12.49 -14.04 16.19
N GLY C 149 11.88 -15.20 15.93
CA GLY C 149 12.62 -16.43 15.86
C GLY C 149 13.10 -16.94 17.20
N ALA C 150 12.61 -16.37 18.29
CA ALA C 150 13.05 -16.73 19.63
C ALA C 150 11.85 -17.13 20.48
N CYS C 151 10.99 -17.99 19.94
CA CYS C 151 9.75 -18.36 20.61
C CYS C 151 9.96 -19.11 21.91
N ALA C 152 11.18 -19.60 22.17
CA ALA C 152 11.45 -20.27 23.43
C ALA C 152 11.44 -19.32 24.62
N LEU C 153 11.51 -18.01 24.35
CA LEU C 153 11.53 -16.99 25.39
C LEU C 153 10.22 -16.22 25.47
N ALA C 154 9.14 -16.79 24.97
CA ALA C 154 7.88 -16.08 24.93
C ALA C 154 7.37 -15.80 26.34
N PRO C 155 6.86 -14.58 26.62
CA PRO C 155 6.80 -13.42 25.73
C PRO C 155 8.14 -12.71 25.65
N VAL C 156 8.47 -12.15 24.49
CA VAL C 156 9.78 -11.58 24.23
C VAL C 156 9.67 -10.07 24.05
N MET C 157 10.78 -9.38 24.30
CA MET C 157 10.90 -7.96 24.06
C MET C 157 12.36 -7.64 23.79
N VAL C 158 12.61 -6.75 22.83
CA VAL C 158 13.95 -6.33 22.46
C VAL C 158 14.05 -4.83 22.69
N ILE C 159 15.08 -4.42 23.43
CA ILE C 159 15.33 -3.01 23.73
C ILE C 159 16.71 -2.68 23.17
N ASN C 160 16.75 -2.00 22.04
CA ASN C 160 18.00 -1.59 21.40
C ASN C 160 18.94 -2.78 21.19
N GLY C 161 18.37 -3.89 20.75
CA GLY C 161 19.14 -5.06 20.39
C GLY C 161 19.28 -6.10 21.49
N GLU C 162 18.97 -5.75 22.74
CA GLU C 162 19.05 -6.70 23.84
C GLU C 162 17.71 -7.40 24.01
N VAL C 163 17.69 -8.72 23.82
CA VAL C 163 16.48 -9.51 23.94
C VAL C 163 16.17 -9.74 25.41
N TYR C 164 14.98 -9.36 25.83
CA TYR C 164 14.46 -9.68 27.17
C TYR C 164 13.33 -10.69 27.00
N GLY C 165 13.53 -11.90 27.52
CA GLY C 165 12.59 -12.97 27.35
C GLY C 165 11.94 -13.37 28.66
N ASN C 166 10.91 -14.21 28.55
CA ASN C 166 10.16 -14.69 29.71
C ASN C 166 9.73 -13.51 30.59
N LEU C 167 8.87 -12.67 30.02
CA LEU C 167 8.53 -11.39 30.60
C LEU C 167 7.11 -11.39 31.17
N THR C 168 6.97 -10.82 32.36
CA THR C 168 5.69 -10.54 32.98
C THR C 168 5.60 -9.05 33.25
N ALA C 169 4.47 -8.61 33.80
CA ALA C 169 4.29 -7.18 34.05
C ALA C 169 5.34 -6.66 35.03
N ASP C 170 5.58 -7.41 36.11
CA ASP C 170 6.57 -6.98 37.10
C ASP C 170 7.96 -6.85 36.47
N LYS C 171 8.37 -7.85 35.68
CA LYS C 171 9.71 -7.83 35.12
C LYS C 171 9.90 -6.67 34.16
N VAL C 172 8.92 -6.41 33.31
CA VAL C 172 9.05 -5.32 32.33
C VAL C 172 9.00 -3.97 33.04
N LYS C 173 8.14 -3.83 34.05
CA LYS C 173 8.16 -2.61 34.84
C LYS C 173 9.53 -2.41 35.48
N GLU C 174 10.12 -3.50 35.98
CA GLU C 174 11.43 -3.44 36.59
C GLU C 174 12.49 -2.97 35.60
N ILE C 175 12.50 -3.55 34.40
CA ILE C 175 13.48 -3.17 33.38
C ILE C 175 13.30 -1.71 32.98
N LEU C 176 12.05 -1.30 32.73
CA LEU C 176 11.81 0.08 32.30
C LEU C 176 12.22 1.06 33.38
N ARG C 177 11.84 0.74 34.61
CA ARG C 177 12.21 1.59 35.72
C ARG C 177 13.70 1.69 35.71
N LYS C 178 14.45 0.60 35.83
CA LYS C 178 15.90 0.64 35.98
C LYS C 178 16.55 1.45 34.86
N ILE C 179 16.03 1.33 33.64
CA ILE C 179 16.52 2.19 32.58
C ILE C 179 16.29 3.65 32.94
N LYS C 180 15.13 3.95 33.52
CA LYS C 180 14.84 5.34 33.89
C LYS C 180 15.80 5.87 34.94
N GLU C 181 16.12 5.02 35.93
CA GLU C 181 17.08 5.42 36.94
C GLU C 181 18.45 5.62 36.32
N LYS C 182 18.88 4.69 35.47
CA LYS C 182 20.19 4.81 34.83
C LYS C 182 20.29 6.09 34.03
N GLU C 183 19.19 6.51 33.41
CA GLU C 183 19.19 7.76 32.68
C GLU C 183 19.14 8.97 33.63
N ARG C 184 18.52 8.81 34.79
CA ARG C 184 18.49 9.87 35.79
C ARG C 184 19.85 10.10 36.43
N GLU C 185 20.73 9.10 36.42
CA GLU C 185 22.02 9.21 37.10
C GLU C 185 23.11 9.81 36.23
N SER C 186 22.87 9.96 34.94
CA SER C 186 23.87 10.46 33.99
C SER C 186 23.30 11.64 33.21
N ALA C 187 22.63 12.54 33.94
CA ALA C 187 22.05 13.74 33.34
C ALA C 187 22.52 14.99 34.08
FE1 SF4 D . -9.43 26.47 -16.32
FE2 SF4 D . -7.25 26.02 -17.91
FE3 SF4 D . -9.74 26.32 -19.04
FE4 SF4 D . -9.15 24.07 -17.60
S1 SF4 D . -8.18 24.74 -19.56
S2 SF4 D . -11.05 25.32 -17.46
S3 SF4 D . -7.79 24.93 -15.99
S4 SF4 D . -8.57 27.89 -17.87
FE1 SF4 E . -4.38 17.06 -9.41
FE2 SF4 E . -6.96 17.62 -8.69
FE3 SF4 E . -5.76 19.05 -10.69
FE4 SF4 E . -4.96 19.39 -8.09
S1 SF4 E . -7.00 19.88 -8.97
S2 SF4 E . -3.62 19.14 -9.92
S3 SF4 E . -5.19 17.27 -7.29
S4 SF4 E . -6.24 16.82 -10.70
FE1 SF4 F . -13.23 10.56 -5.06
FE2 SF4 F . -10.56 9.97 -5.30
FE3 SF4 F . -12.44 8.02 -5.72
FE4 SF4 F . -12.00 8.97 -3.19
S1 SF4 F . -10.52 7.83 -4.51
S2 SF4 F . -14.01 8.60 -4.18
S3 SF4 F . -11.55 11.16 -3.63
S4 SF4 F . -12.14 9.91 -6.95
FE1 SF4 G . -23.24 10.08 -2.16
FE2 SF4 G . -22.08 10.01 0.32
FE3 SF4 G . -24.68 10.82 0.05
FE4 SF4 G . -22.64 12.41 -0.86
S1 SF4 G . -23.06 11.82 1.31
S2 SF4 G . -24.58 11.92 -1.95
S3 SF4 G . -21.16 10.85 -1.60
S4 SF4 G . -23.84 8.75 -0.42
FE1 FES H . -15.96 -6.28 -10.53
FE2 FES H . -16.02 -3.99 -9.13
S1 FES H . -14.87 -5.81 -8.68
S2 FES H . -16.94 -4.39 -11.09
FE1 SF4 I . -16.07 0.00 42.96
FE2 SF4 I . -15.95 -2.21 41.35
FE3 SF4 I . -13.89 -1.65 43.05
FE4 SF4 I . -14.32 -0.08 40.85
S1 SF4 I . -13.73 -2.28 40.87
S2 SF4 I . -13.89 0.64 42.98
S3 SF4 I . -16.60 -0.12 40.74
S4 SF4 I . -16.02 -2.18 43.63
FE1 SF4 J . -9.45 -1.50 54.13
FE2 SF4 J . -11.79 -1.98 52.80
FE3 SF4 J . -10.27 -4.08 53.71
FE4 SF4 J . -9.40 -2.55 51.61
S1 SF4 J . -11.24 -3.88 51.65
S2 SF4 J . -8.17 -3.23 53.40
S3 SF4 J . -10.17 -0.49 52.22
S4 SF4 J . -11.32 -2.50 54.97
FE1 SF4 K . -5.84 -6.06 -0.49
FE2 SF4 K . -7.18 -7.57 1.37
FE3 SF4 K . -6.14 -8.75 -0.88
FE4 SF4 K . -8.31 -7.10 -1.07
S1 SF4 K . -8.21 -9.10 0.00
S2 SF4 K . -6.48 -7.11 -2.42
S3 SF4 K . -7.81 -5.55 0.52
S4 SF4 K . -4.98 -7.73 0.80
N1 FMN L . 4.34 -18.00 -0.29
C2 FMN L . 5.61 -18.21 0.20
O2 FMN L . 6.34 -19.03 -0.33
N3 FMN L . 6.06 -17.47 1.29
C4 FMN L . 5.22 -16.55 1.89
O4 FMN L . 5.60 -15.90 2.84
C4A FMN L . 3.94 -16.35 1.39
N5 FMN L . 3.12 -15.43 2.00
C5A FMN L . 1.85 -15.22 1.51
C6 FMN L . 1.04 -14.28 2.12
C7 FMN L . -0.26 -14.07 1.66
C7M FMN L . -1.11 -13.03 2.35
C8 FMN L . -0.72 -14.78 0.56
C8M FMN L . -2.10 -14.57 0.03
C9 FMN L . 0.10 -15.72 -0.06
C9A FMN L . 1.39 -15.95 0.41
N10 FMN L . 2.22 -16.89 -0.20
C10 FMN L . 3.50 -17.09 0.30
C1' FMN L . 1.80 -17.71 -1.38
C2' FMN L . 2.29 -17.05 -2.67
O2' FMN L . 1.24 -16.27 -3.21
C3' FMN L . 2.76 -18.07 -3.71
O3' FMN L . 1.77 -19.07 -3.85
C4' FMN L . 4.09 -18.72 -3.32
O4' FMN L . 5.08 -17.74 -3.11
C5' FMN L . 4.57 -19.69 -4.40
O5' FMN L . 5.57 -20.51 -3.86
P FMN L . 5.50 -22.11 -4.02
O1P FMN L . 5.26 -22.42 -5.48
O2P FMN L . 6.80 -22.73 -3.59
O3P FMN L . 4.36 -22.65 -3.19
FE1 FES M . 20.19 -22.63 17.74
FE2 FES M . 18.03 -23.43 16.33
S1 FES M . 19.06 -21.49 16.23
S2 FES M . 19.16 -24.58 17.83
ZN ZN N . -12.58 -15.90 26.60
FE1 FES O . 8.45 -16.12 17.97
FE2 FES O . 7.60 -14.15 19.62
S1 FES O . 9.68 -14.77 19.19
S2 FES O . 6.37 -15.57 18.46
#